data_6ZVG
#
_entry.id   6ZVG
#
_cell.length_a   177.267
_cell.length_b   82.286
_cell.length_c   98.208
_cell.angle_alpha   90.000
_cell.angle_beta   106.420
_cell.angle_gamma   90.000
#
_symmetry.space_group_name_H-M   'C 1 2 1'
#
loop_
_entity.id
_entity.type
_entity.pdbx_description
1 polymer Aminotransferase
2 non-polymer 'MAGNESIUM ION'
3 non-polymer 'NITRATE ION'
4 non-polymer "PYRIDOXAL-5'-PHOSPHATE"
5 non-polymer '3-(INDOL-3-YL) LACTATE'
6 water water
#
_entity_poly.entity_id   1
_entity_poly.type   'polypeptide(L)'
_entity_poly.pdbx_seq_one_letter_code
;MFERIDYYAGDPILGLVEKFAADNNPDKVNLGIGIYYDESGVMPVLDCVKIAEQRIADPISPRPYLPMAGLPGHRKGCQE
LLFGKDAPVLKDGLVATIATIGGSGALKVGAEFIHEWFPQSKCYVSDPTWGNHIAIFEGCDIEVGKYPYYDTATGGIKFD
EMIAFFETLNKDDVLLLHPCCHNPTGVDLTREQWDTVLNVIQERELIPFMDIAYQGFGEDMDSDAYAIRKAVDMGLPLFV
SNSFSKNLSLYGERVGGLSVVCPTVDETERVFGQLNSTVRRIYSSPPSHGGRVVDIVMNDAALHEQWVGEVYAMRDRIKS
MRTKLKSVLEAKISGRNFDYLTAQNGMFSFTGLTPEQVERLQSEFGIYMISNSRMCVAGLNSSNIDYVANAMVDVLKD
;
_entity_poly.pdbx_strand_id   A,B,C,D
#
loop_
_chem_comp.id
_chem_comp.type
_chem_comp.name
_chem_comp.formula
3IL non-polymer '3-(INDOL-3-YL) LACTATE' 'C11 H11 N O3'
MG non-polymer 'MAGNESIUM ION' 'Mg 2'
NO3 non-polymer 'NITRATE ION' 'N O3 -1'
PLP non-polymer PYRIDOXAL-5'-PHOSPHATE 'C8 H10 N O6 P'
#
# COMPACT_ATOMS: atom_id res chain seq x y z
N MET A 1 45.73 -13.54 21.97
CA MET A 1 44.64 -13.77 20.99
C MET A 1 43.82 -12.49 20.78
N PHE A 2 43.23 -11.99 21.87
CA PHE A 2 42.47 -10.73 21.83
C PHE A 2 43.15 -9.56 22.55
N GLU A 3 44.35 -9.77 23.10
CA GLU A 3 45.10 -8.71 23.80
C GLU A 3 45.41 -7.54 22.86
N ARG A 4 45.57 -7.88 21.56
CA ARG A 4 45.88 -6.90 20.52
C ARG A 4 44.72 -5.95 20.16
N ILE A 5 43.48 -6.38 20.42
CA ILE A 5 42.28 -5.56 20.19
C ILE A 5 42.32 -4.33 21.11
N ASP A 6 42.05 -3.14 20.58
CA ASP A 6 42.05 -1.90 21.39
C ASP A 6 40.74 -1.63 22.10
N TYR A 7 40.80 -0.99 23.27
CA TYR A 7 39.61 -0.56 24.01
C TYR A 7 38.85 0.46 23.17
N TYR A 8 37.54 0.27 23.04
CA TYR A 8 36.72 1.27 22.36
C TYR A 8 36.34 2.37 23.35
N ALA A 9 36.78 3.60 23.03
CA ALA A 9 36.59 4.79 23.87
C ALA A 9 35.13 5.10 24.27
N GLY A 10 34.17 4.59 23.49
CA GLY A 10 32.73 4.79 23.74
C GLY A 10 32.19 5.87 22.82
N ASP A 11 30.91 5.73 22.43
CA ASP A 11 30.21 6.76 21.64
C ASP A 11 30.00 8.01 22.51
N PRO A 12 30.44 9.21 22.02
CA PRO A 12 30.26 10.45 22.79
C PRO A 12 28.79 10.78 23.12
N ILE A 13 27.90 10.65 22.12
CA ILE A 13 26.46 10.96 22.27
C ILE A 13 25.71 9.90 23.10
N LEU A 14 25.82 8.63 22.71
CA LEU A 14 25.09 7.53 23.37
C LEU A 14 25.59 7.17 24.78
N GLY A 15 26.89 7.37 25.03
CA GLY A 15 27.47 7.21 26.37
C GLY A 15 26.95 8.24 27.35
N LEU A 16 26.65 9.43 26.82
CA LEU A 16 26.13 10.56 27.57
C LEU A 16 24.72 10.31 28.14
N VAL A 17 23.88 9.57 27.39
CA VAL A 17 22.49 9.19 27.80
C VAL A 17 22.50 8.34 29.08
N GLU A 18 23.49 7.46 29.17
CA GLU A 18 23.68 6.57 30.31
C GLU A 18 24.20 7.33 31.53
N LYS A 19 25.01 8.37 31.29
CA LYS A 19 25.47 9.29 32.34
C LYS A 19 24.31 10.10 32.91
N PHE A 20 23.35 10.43 32.04
CA PHE A 20 22.11 11.12 32.42
C PHE A 20 21.18 10.22 33.26
N ALA A 21 20.90 9.01 32.76
CA ALA A 21 20.11 8.00 33.48
C ALA A 21 20.79 7.56 34.79
N ALA A 22 22.12 7.39 34.74
CA ALA A 22 22.92 7.04 35.93
C ALA A 22 23.03 8.17 36.95
N ASP A 23 22.94 9.42 36.49
CA ASP A 23 22.84 10.59 37.36
C ASP A 23 21.49 10.60 38.07
N ASN A 24 21.54 10.86 39.38
CA ASN A 24 20.37 10.93 40.23
C ASN A 24 20.21 12.32 40.85
N ASN A 25 19.96 13.28 39.97
CA ASN A 25 19.66 14.67 40.32
C ASN A 25 18.14 14.91 40.15
N PRO A 26 17.52 15.68 41.08
CA PRO A 26 16.09 16.01 40.93
C PRO A 26 15.78 16.82 39.65
N ASP A 27 16.64 17.79 39.35
CA ASP A 27 16.45 18.74 38.24
C ASP A 27 17.33 18.43 37.02
N LYS A 28 17.70 17.16 36.84
CA LYS A 28 18.56 16.72 35.74
C LYS A 28 17.89 17.01 34.39
N VAL A 29 18.68 17.51 33.44
CA VAL A 29 18.18 17.95 32.13
C VAL A 29 19.07 17.42 31.00
N ASN A 30 18.46 16.71 30.07
CA ASN A 30 19.20 16.15 28.93
C ASN A 30 19.04 16.94 27.64
N LEU A 31 20.06 17.72 27.33
CA LEU A 31 20.17 18.45 26.06
C LEU A 31 21.30 17.85 25.21
N GLY A 32 21.53 16.55 25.43
CA GLY A 32 22.63 15.83 24.81
C GLY A 32 22.26 15.14 23.51
N ILE A 33 21.25 14.29 23.56
CA ILE A 33 20.88 13.50 22.39
C ILE A 33 19.75 14.18 21.62
N GLY A 34 19.77 14.01 20.29
CA GLY A 34 18.77 14.59 19.38
C GLY A 34 17.40 13.92 19.40
N ILE A 35 16.82 13.85 20.60
CA ILE A 35 15.49 13.36 20.84
C ILE A 35 14.58 14.53 21.21
N TYR A 36 13.33 14.48 20.74
CA TYR A 36 12.28 15.41 21.13
C TYR A 36 11.53 14.95 22.40
N TYR A 37 11.40 15.87 23.36
CA TYR A 37 10.67 15.63 24.61
C TYR A 37 9.53 16.60 24.65
N ASP A 38 8.36 16.13 25.10
CA ASP A 38 7.17 16.98 25.19
C ASP A 38 7.28 17.98 26.36
N GLU A 39 6.28 18.86 26.50
CA GLU A 39 6.21 19.85 27.60
C GLU A 39 6.36 19.24 29.00
N SER A 40 5.92 18.00 29.15
CA SER A 40 6.06 17.21 30.38
C SER A 40 7.51 16.74 30.59
N GLY A 41 8.32 16.79 29.54
CA GLY A 41 9.71 16.33 29.59
C GLY A 41 9.94 14.90 29.16
N VAL A 42 8.90 14.24 28.66
CA VAL A 42 9.02 12.81 28.31
C VAL A 42 9.00 12.62 26.80
N MET A 43 9.60 11.52 26.34
CA MET A 43 9.55 11.18 24.92
C MET A 43 8.14 10.73 24.49
N PRO A 44 7.48 11.52 23.61
CA PRO A 44 6.11 11.18 23.22
C PRO A 44 5.97 9.96 22.29
N VAL A 45 4.82 9.30 22.36
CA VAL A 45 4.37 8.41 21.31
C VAL A 45 3.34 9.19 20.49
N LEU A 46 3.66 9.52 19.25
CA LEU A 46 2.73 10.26 18.40
C LEU A 46 1.39 9.52 18.34
N ASP A 47 0.28 10.25 18.24
CA ASP A 47 -1.05 9.60 18.19
C ASP A 47 -1.22 8.73 16.93
N CYS A 48 -0.63 9.21 15.84
CA CYS A 48 -0.74 8.53 14.56
C CYS A 48 0.02 7.23 14.58
N VAL A 49 1.14 7.22 15.28
CA VAL A 49 1.94 6.02 15.46
C VAL A 49 1.16 5.03 16.32
N LYS A 50 0.50 5.54 17.35
CA LYS A 50 -0.31 4.74 18.27
C LYS A 50 -1.45 4.03 17.53
N ILE A 51 -2.18 4.76 16.68
CA ILE A 51 -3.21 4.13 15.84
C ILE A 51 -2.55 3.05 14.97
N ALA A 52 -1.49 3.41 14.26
CA ALA A 52 -0.81 2.48 13.37
C ALA A 52 -0.45 1.19 14.13
N GLU A 53 0.09 1.35 15.33
CA GLU A 53 0.61 0.21 16.09
C GLU A 53 -0.51 -0.67 16.61
N GLN A 54 -1.65 -0.05 16.88
CA GLN A 54 -2.86 -0.79 17.22
C GLN A 54 -3.39 -1.59 16.04
N ARG A 55 -3.16 -1.11 14.83
CA ARG A 55 -3.53 -1.84 13.64
C ARG A 55 -2.67 -3.08 13.45
N ILE A 56 -1.35 -2.91 13.59
CA ILE A 56 -0.38 -4.00 13.43
C ILE A 56 -0.67 -5.11 14.43
N ALA A 57 -1.09 -4.71 15.62
CA ALA A 57 -1.39 -5.62 16.73
C ALA A 57 -2.77 -6.25 16.64
N ASP A 58 -3.55 -5.87 15.63
CA ASP A 58 -4.92 -6.35 15.51
C ASP A 58 -5.33 -6.67 14.06
N PRO A 59 -5.10 -7.89 13.59
CA PRO A 59 -4.52 -8.99 14.39
C PRO A 59 -3.02 -9.13 14.20
N ILE A 60 -2.41 -9.98 15.04
CA ILE A 60 -1.00 -10.24 14.88
C ILE A 60 -0.74 -11.09 13.65
N SER A 61 0.05 -10.54 12.73
CA SER A 61 0.35 -11.15 11.43
C SER A 61 1.50 -12.13 11.51
N PRO A 62 1.55 -13.14 10.60
CA PRO A 62 2.80 -13.89 10.44
C PRO A 62 3.93 -12.94 10.03
N ARG A 63 5.18 -13.33 10.24
CA ARG A 63 6.26 -12.39 10.01
C ARG A 63 7.27 -12.80 8.97
N PRO A 64 6.85 -12.89 7.71
CA PRO A 64 7.88 -13.24 6.70
C PRO A 64 8.94 -12.16 6.53
N TYR A 65 10.05 -12.52 5.88
CA TYR A 65 11.00 -11.52 5.42
C TYR A 65 10.29 -10.45 4.58
N LEU A 66 10.59 -9.18 4.87
CA LEU A 66 10.26 -8.10 3.95
C LEU A 66 11.09 -8.26 2.70
N PRO A 67 10.68 -7.65 1.57
CA PRO A 67 11.64 -7.51 0.49
C PRO A 67 12.92 -6.82 1.01
N MET A 68 14.05 -7.06 0.36
CA MET A 68 15.31 -6.41 0.76
C MET A 68 15.19 -4.89 0.76
N ALA A 69 14.43 -4.36 -0.20
CA ALA A 69 14.13 -2.94 -0.29
C ALA A 69 13.06 -2.46 0.69
N GLY A 70 12.56 -3.34 1.57
CA GLY A 70 11.48 -3.04 2.48
C GLY A 70 10.12 -2.99 1.80
N LEU A 71 9.15 -2.40 2.48
CA LEU A 71 7.77 -2.37 2.05
C LEU A 71 7.51 -1.35 0.93
N PRO A 72 6.71 -1.72 -0.09
CA PRO A 72 6.34 -0.77 -1.12
C PRO A 72 5.85 0.56 -0.56
N GLY A 73 4.95 0.51 0.42
CA GLY A 73 4.40 1.73 1.00
C GLY A 73 5.39 2.53 1.82
N HIS A 74 6.39 1.86 2.36
CA HIS A 74 7.42 2.51 3.16
C HIS A 74 8.27 3.29 2.16
N ARG A 75 8.66 2.62 1.06
CA ARG A 75 9.42 3.23 -0.03
C ARG A 75 8.69 4.41 -0.68
N LYS A 76 7.45 4.20 -1.09
CA LYS A 76 6.57 5.26 -1.60
C LYS A 76 6.52 6.46 -0.64
N GLY A 77 6.37 6.19 0.66
CA GLY A 77 6.27 7.21 1.69
C GLY A 77 7.52 8.07 1.85
N CYS A 78 8.68 7.43 1.91
CA CYS A 78 9.96 8.14 1.76
C CYS A 78 10.00 9.04 0.53
N GLN A 79 9.65 8.49 -0.64
CA GLN A 79 9.74 9.18 -1.90
C GLN A 79 8.87 10.40 -1.96
N GLU A 80 7.64 10.25 -1.50
CA GLU A 80 6.65 11.34 -1.61
C GLU A 80 6.99 12.48 -0.65
N LEU A 81 7.53 12.12 0.51
CA LEU A 81 7.94 13.10 1.49
C LEU A 81 9.11 13.93 0.98
N LEU A 82 10.12 13.26 0.40
CA LEU A 82 11.36 13.90 -0.05
C LEU A 82 11.22 14.72 -1.32
N PHE A 83 10.49 14.16 -2.29
CA PHE A 83 10.43 14.74 -3.64
C PHE A 83 9.13 15.44 -3.97
N GLY A 84 8.08 15.14 -3.19
CA GLY A 84 6.73 15.67 -3.39
C GLY A 84 5.80 14.63 -3.99
N LYS A 85 4.56 14.59 -3.48
CA LYS A 85 3.50 13.77 -4.07
C LYS A 85 3.35 14.21 -5.52
N ASP A 86 3.24 13.22 -6.41
CA ASP A 86 3.07 13.42 -7.87
C ASP A 86 4.26 14.10 -8.55
N ALA A 87 5.44 14.02 -7.91
CA ALA A 87 6.66 14.60 -8.46
C ALA A 87 7.01 13.91 -9.79
N PRO A 88 7.49 14.67 -10.79
CA PRO A 88 7.66 14.08 -12.11
C PRO A 88 8.74 13.04 -12.11
N VAL A 89 9.74 13.24 -11.25
CA VAL A 89 10.84 12.32 -11.09
C VAL A 89 10.36 10.94 -10.61
N LEU A 90 9.32 10.96 -9.78
CA LEU A 90 8.66 9.77 -9.25
C LEU A 90 7.81 9.14 -10.34
N LYS A 91 7.08 9.99 -11.06
CA LYS A 91 6.23 9.57 -12.16
C LYS A 91 7.03 9.06 -13.34
N ASP A 92 8.24 9.57 -13.51
CA ASP A 92 9.14 9.08 -14.54
C ASP A 92 9.91 7.82 -14.14
N GLY A 93 9.75 7.41 -12.89
CA GLY A 93 10.37 6.21 -12.38
C GLY A 93 11.87 6.33 -12.22
N LEU A 94 12.34 7.52 -11.83
CA LEU A 94 13.77 7.86 -11.84
C LEU A 94 14.50 7.80 -10.49
N VAL A 95 13.78 7.46 -9.44
CA VAL A 95 14.38 7.37 -8.12
C VAL A 95 14.34 5.92 -7.65
N ALA A 96 15.49 5.39 -7.25
CA ALA A 96 15.61 4.06 -6.64
C ALA A 96 15.63 4.26 -5.13
N THR A 97 14.70 3.61 -4.43
CA THR A 97 14.52 3.77 -2.99
C THR A 97 14.41 2.44 -2.24
N ILE A 98 15.17 2.34 -1.15
CA ILE A 98 15.07 1.20 -0.24
C ILE A 98 14.74 1.65 1.18
N ALA A 99 13.97 0.84 1.90
CA ALA A 99 13.86 0.99 3.35
C ALA A 99 15.21 0.65 3.98
N THR A 100 15.58 1.39 5.01
CA THR A 100 16.86 1.17 5.67
C THR A 100 16.71 1.18 7.18
N ILE A 101 17.76 0.73 7.84
CA ILE A 101 17.81 0.68 9.30
C ILE A 101 18.19 2.09 9.77
N GLY A 102 17.17 2.93 9.87
CA GLY A 102 17.32 4.34 10.13
C GLY A 102 18.08 5.08 9.04
N GLY A 103 18.32 6.36 9.28
CA GLY A 103 19.20 7.16 8.44
C GLY A 103 20.63 6.62 8.39
N SER A 104 21.07 6.02 9.51
CA SER A 104 22.36 5.34 9.63
C SER A 104 22.54 4.21 8.59
N GLY A 105 21.53 3.35 8.47
CA GLY A 105 21.56 2.24 7.53
C GLY A 105 21.55 2.73 6.09
N ALA A 106 20.83 3.82 5.86
CA ALA A 106 20.83 4.47 4.55
C ALA A 106 22.21 5.03 4.18
N LEU A 107 22.87 5.68 5.15
CA LEU A 107 24.23 6.18 4.97
C LEU A 107 25.20 5.03 4.68
N LYS A 108 25.07 3.93 5.43
CA LYS A 108 25.93 2.75 5.21
C LYS A 108 25.81 2.20 3.79
N VAL A 109 24.59 1.78 3.44
CA VAL A 109 24.30 1.19 2.14
C VAL A 109 24.77 2.13 1.02
N GLY A 110 24.46 3.41 1.15
CA GLY A 110 24.85 4.43 0.17
C GLY A 110 26.35 4.52 0.00
N ALA A 111 27.07 4.66 1.10
CA ALA A 111 28.53 4.76 1.09
C ALA A 111 29.16 3.48 0.53
N GLU A 112 28.54 2.34 0.83
CA GLU A 112 29.06 1.06 0.35
C GLU A 112 28.91 0.98 -1.15
N PHE A 113 27.76 1.43 -1.65
CA PHE A 113 27.51 1.53 -3.07
C PHE A 113 28.57 2.43 -3.71
N ILE A 114 28.76 3.62 -3.13
CA ILE A 114 29.72 4.60 -3.64
C ILE A 114 31.12 3.99 -3.66
N HIS A 115 31.55 3.43 -2.54
CA HIS A 115 32.84 2.72 -2.46
C HIS A 115 33.01 1.73 -3.60
N GLU A 116 31.99 0.92 -3.84
CA GLU A 116 32.07 -0.19 -4.80
C GLU A 116 32.15 0.32 -6.24
N TRP A 117 31.28 1.27 -6.58
CA TRP A 117 31.18 1.72 -7.97
C TRP A 117 32.03 2.94 -8.32
N PHE A 118 32.41 3.72 -7.31
CA PHE A 118 33.28 4.87 -7.49
C PHE A 118 34.43 4.80 -6.47
N PRO A 119 35.38 3.88 -6.68
CA PRO A 119 36.38 3.59 -5.64
C PRO A 119 37.37 4.73 -5.40
N GLN A 120 37.46 5.63 -6.38
CA GLN A 120 38.38 6.77 -6.31
C GLN A 120 37.73 7.97 -5.65
N SER A 121 36.40 7.93 -5.52
CA SER A 121 35.67 8.99 -4.86
C SER A 121 36.12 9.21 -3.41
N LYS A 122 36.29 10.47 -3.05
CA LYS A 122 36.50 10.87 -1.67
C LYS A 122 35.28 11.62 -1.22
N CYS A 123 34.88 11.36 0.03
CA CYS A 123 33.77 12.05 0.67
C CYS A 123 34.24 13.23 1.53
N TYR A 124 33.40 14.25 1.62
CA TYR A 124 33.68 15.43 2.40
C TYR A 124 32.44 15.81 3.17
N VAL A 125 32.65 16.01 4.45
CA VAL A 125 31.57 16.29 5.39
C VAL A 125 31.74 17.71 5.92
N SER A 126 30.69 18.29 6.48
CA SER A 126 30.76 19.64 7.00
C SER A 126 31.68 19.74 8.21
N ASP A 127 32.35 20.88 8.36
CA ASP A 127 33.13 21.21 9.56
C ASP A 127 32.30 22.18 10.42
N PRO A 128 31.69 21.69 11.53
CA PRO A 128 31.71 20.28 11.93
C PRO A 128 30.52 19.54 11.35
N THR A 129 30.46 18.23 11.59
CA THR A 129 29.28 17.44 11.24
C THR A 129 28.86 16.55 12.41
N TRP A 130 27.73 15.88 12.24
CA TRP A 130 27.33 14.82 13.14
C TRP A 130 28.39 13.76 13.10
N GLY A 131 28.99 13.50 14.27
CA GLY A 131 30.16 12.60 14.39
C GLY A 131 30.13 11.32 13.55
N ASN A 132 29.02 10.60 13.67
CA ASN A 132 28.85 9.31 13.03
C ASN A 132 28.94 9.31 11.49
N HIS A 133 28.72 10.47 10.87
CA HIS A 133 28.99 10.67 9.45
C HIS A 133 30.38 10.18 9.03
N ILE A 134 31.39 10.58 9.82
CA ILE A 134 32.78 10.24 9.50
C ILE A 134 32.98 8.72 9.68
N ALA A 135 32.48 8.19 10.80
CA ALA A 135 32.64 6.78 11.16
C ALA A 135 32.03 5.84 10.13
N ILE A 136 30.82 6.16 9.67
CA ILE A 136 30.13 5.33 8.68
C ILE A 136 30.92 5.28 7.36
N PHE A 137 31.33 6.43 6.85
CA PHE A 137 32.06 6.50 5.56
C PHE A 137 33.44 5.88 5.57
N GLU A 138 34.21 6.13 6.63
CA GLU A 138 35.54 5.51 6.78
C GLU A 138 35.41 4.00 6.91
N GLY A 139 34.28 3.57 7.49
CA GLY A 139 33.93 2.15 7.67
C GLY A 139 33.83 1.42 6.34
N CYS A 140 33.43 2.14 5.30
CA CYS A 140 33.41 1.58 3.94
C CYS A 140 34.76 1.62 3.19
N ASP A 141 35.84 2.07 3.85
CA ASP A 141 37.15 2.35 3.24
C ASP A 141 37.13 3.51 2.23
N ILE A 142 36.40 4.56 2.55
CA ILE A 142 36.42 5.79 1.76
C ILE A 142 37.21 6.85 2.55
N GLU A 143 38.12 7.56 1.86
CA GLU A 143 38.84 8.65 2.50
C GLU A 143 37.86 9.81 2.73
N VAL A 144 37.88 10.32 3.97
CA VAL A 144 36.94 11.34 4.42
C VAL A 144 37.70 12.63 4.67
N GLY A 145 37.13 13.74 4.18
CA GLY A 145 37.66 15.06 4.44
C GLY A 145 36.58 16.00 4.95
N LYS A 146 37.01 17.17 5.41
CA LYS A 146 36.11 18.25 5.80
C LYS A 146 36.02 19.30 4.71
N TYR A 147 34.87 19.96 4.62
CA TYR A 147 34.80 21.22 3.89
C TYR A 147 34.48 22.34 4.87
N PRO A 148 35.10 23.54 4.69
CA PRO A 148 34.74 24.64 5.58
C PRO A 148 33.25 24.83 5.51
N TYR A 149 32.60 24.85 6.68
CA TYR A 149 31.19 25.11 6.73
C TYR A 149 30.96 26.20 7.75
N TYR A 150 31.00 25.81 9.02
CA TYR A 150 30.68 26.69 10.11
C TYR A 150 31.81 27.67 10.36
N ASP A 151 31.45 28.96 10.37
CA ASP A 151 32.35 30.03 10.78
C ASP A 151 32.35 30.07 12.30
N THR A 152 33.27 29.32 12.90
CA THR A 152 33.41 29.19 14.36
C THR A 152 33.64 30.55 15.05
N ALA A 153 34.16 31.52 14.31
CA ALA A 153 34.34 32.86 14.80
C ALA A 153 33.01 33.66 14.84
N THR A 154 32.15 33.47 13.83
CA THR A 154 30.96 34.34 13.67
C THR A 154 29.59 33.67 13.89
N GLY A 155 29.58 32.34 13.96
CA GLY A 155 28.32 31.59 14.08
C GLY A 155 27.50 31.50 12.80
N GLY A 156 28.10 31.93 11.68
CA GLY A 156 27.51 31.81 10.34
C GLY A 156 28.29 30.82 9.48
N ILE A 157 28.05 30.85 8.17
CA ILE A 157 28.69 29.92 7.23
C ILE A 157 29.87 30.59 6.52
N LYS A 158 31.02 29.90 6.48
CA LYS A 158 32.17 30.33 5.65
C LYS A 158 31.84 30.04 4.19
N PHE A 159 30.91 30.80 3.63
CA PHE A 159 30.32 30.45 2.31
C PHE A 159 31.33 30.49 1.16
N ASP A 160 32.06 31.59 1.06
CA ASP A 160 33.06 31.78 0.00
C ASP A 160 34.16 30.72 0.04
N GLU A 161 34.62 30.41 1.25
CA GLU A 161 35.72 29.48 1.53
C GLU A 161 35.30 28.05 1.19
N MET A 162 34.03 27.75 1.50
CA MET A 162 33.35 26.51 1.16
C MET A 162 33.21 26.32 -0.34
N ILE A 163 32.75 27.38 -1.02
CA ILE A 163 32.55 27.35 -2.48
C ILE A 163 33.89 27.16 -3.19
N ALA A 164 34.90 27.94 -2.77
CA ALA A 164 36.27 27.82 -3.28
C ALA A 164 36.81 26.41 -3.04
N PHE A 165 36.42 25.81 -1.92
CA PHE A 165 36.80 24.44 -1.61
C PHE A 165 36.23 23.46 -2.64
N PHE A 166 34.92 23.55 -2.89
CA PHE A 166 34.25 22.68 -3.87
C PHE A 166 34.76 22.82 -5.31
N GLU A 167 35.40 23.95 -5.63
CA GLU A 167 36.00 24.13 -6.96
C GLU A 167 37.29 23.31 -7.14
N THR A 168 37.96 23.01 -6.03
CA THR A 168 39.25 22.30 -6.05
C THR A 168 39.12 20.77 -6.21
N LEU A 169 37.92 20.24 -5.98
CA LEU A 169 37.72 18.80 -5.88
C LEU A 169 37.60 18.09 -7.23
N ASN A 170 37.69 16.76 -7.19
CA ASN A 170 37.64 15.89 -8.38
C ASN A 170 36.23 15.45 -8.77
N LYS A 171 36.05 15.07 -10.04
CA LYS A 171 34.77 14.56 -10.52
C LYS A 171 34.34 13.35 -9.72
N ASP A 172 33.07 13.36 -9.32
CA ASP A 172 32.43 12.32 -8.52
C ASP A 172 32.92 12.21 -7.07
N ASP A 173 33.59 13.24 -6.58
CA ASP A 173 33.86 13.36 -5.14
C ASP A 173 32.53 13.64 -4.46
N VAL A 174 32.35 13.08 -3.27
CA VAL A 174 31.06 13.07 -2.60
C VAL A 174 30.98 14.14 -1.51
N LEU A 175 30.02 15.03 -1.64
CA LEU A 175 29.74 15.99 -0.58
C LEU A 175 28.58 15.43 0.24
N LEU A 176 28.78 15.44 1.56
CA LEU A 176 27.74 14.98 2.46
C LEU A 176 27.07 16.16 3.11
N LEU A 177 25.90 16.50 2.55
CA LEU A 177 25.17 17.73 2.87
C LEU A 177 23.98 17.55 3.80
N HIS A 178 23.71 18.59 4.59
CA HIS A 178 22.52 18.66 5.46
C HIS A 178 21.51 19.60 4.79
N PRO A 179 20.40 19.05 4.24
CA PRO A 179 19.47 19.89 3.51
C PRO A 179 18.88 21.00 4.37
N CYS A 180 18.63 20.68 5.64
CA CYS A 180 18.14 21.60 6.65
C CYS A 180 18.58 21.09 8.02
N CYS A 181 18.27 21.86 9.06
CA CYS A 181 18.53 21.52 10.46
C CYS A 181 19.90 20.88 10.64
N HIS A 182 20.94 21.70 10.48
CA HIS A 182 22.31 21.24 10.59
C HIS A 182 22.60 20.58 11.93
N ASN A 183 23.35 19.49 11.87
CA ASN A 183 23.85 18.81 13.06
C ASN A 183 25.38 18.94 13.06
N PRO A 184 25.95 19.67 14.02
CA PRO A 184 25.33 20.05 15.26
C PRO A 184 25.07 21.55 15.46
N THR A 185 25.45 22.35 14.48
CA THR A 185 25.44 23.81 14.64
C THR A 185 24.03 24.40 14.60
N GLY A 186 23.13 23.80 13.83
CA GLY A 186 21.79 24.34 13.66
C GLY A 186 21.76 25.45 12.64
N VAL A 187 22.93 25.75 12.06
CA VAL A 187 23.07 26.85 11.14
C VAL A 187 22.91 26.29 9.74
N ASP A 188 21.84 26.72 9.07
CA ASP A 188 21.47 26.22 7.75
C ASP A 188 21.86 27.21 6.65
N LEU A 189 21.85 26.76 5.41
CA LEU A 189 22.04 27.63 4.24
C LEU A 189 20.71 28.28 3.82
N THR A 190 20.78 29.45 3.18
CA THR A 190 19.58 30.06 2.58
C THR A 190 19.33 29.44 1.20
N ARG A 191 18.12 29.61 0.66
CA ARG A 191 17.79 29.07 -0.66
C ARG A 191 18.82 29.47 -1.70
N GLU A 192 19.12 30.76 -1.71
CA GLU A 192 20.04 31.41 -2.63
C GLU A 192 21.42 30.77 -2.51
N GLN A 193 21.84 30.51 -1.27
CA GLN A 193 23.08 29.84 -0.99
C GLN A 193 23.10 28.41 -1.54
N TRP A 194 21.99 27.67 -1.35
CA TRP A 194 21.84 26.34 -1.94
C TRP A 194 21.99 26.38 -3.45
N ASP A 195 21.34 27.35 -4.10
CA ASP A 195 21.43 27.50 -5.56
C ASP A 195 22.87 27.60 -6.05
N THR A 196 23.68 28.41 -5.36
CA THR A 196 25.08 28.59 -5.70
C THR A 196 25.87 27.30 -5.45
N VAL A 197 25.61 26.68 -4.29
CA VAL A 197 26.23 25.40 -3.94
C VAL A 197 25.95 24.35 -5.02
N LEU A 198 24.68 24.20 -5.38
CA LEU A 198 24.24 23.16 -6.31
C LEU A 198 24.67 23.42 -7.75
N ASN A 199 24.84 24.71 -8.08
CA ASN A 199 25.46 25.10 -9.34
C ASN A 199 26.90 24.66 -9.46
N VAL A 200 27.64 24.72 -8.35
CA VAL A 200 29.04 24.28 -8.31
C VAL A 200 29.15 22.74 -8.41
N ILE A 201 28.29 22.03 -7.65
CA ILE A 201 28.15 20.57 -7.73
C ILE A 201 27.94 20.09 -9.17
N GLN A 202 27.15 20.83 -9.95
CA GLN A 202 26.94 20.50 -11.36
C GLN A 202 28.18 20.73 -12.23
N GLU A 203 28.68 21.97 -12.21
CA GLU A 203 29.87 22.37 -12.97
C GLU A 203 31.05 21.42 -12.70
N ARG A 204 31.28 21.11 -11.43
CA ARG A 204 32.38 20.25 -11.00
C ARG A 204 32.06 18.76 -11.08
N GLU A 205 30.80 18.41 -11.39
CA GLU A 205 30.29 17.03 -11.42
C GLU A 205 30.64 16.19 -10.17
N LEU A 206 30.34 16.76 -9.01
CA LEU A 206 30.47 16.09 -7.73
C LEU A 206 29.16 15.38 -7.46
N ILE A 207 29.20 14.39 -6.56
CA ILE A 207 28.02 13.62 -6.17
C ILE A 207 27.44 14.17 -4.86
N PRO A 208 26.22 14.73 -4.90
CA PRO A 208 25.56 15.14 -3.66
C PRO A 208 24.93 13.97 -2.92
N PHE A 209 25.37 13.76 -1.67
CA PHE A 209 24.70 12.86 -0.73
C PHE A 209 24.03 13.68 0.38
N MET A 210 22.72 13.86 0.26
CA MET A 210 21.99 14.66 1.26
C MET A 210 21.43 13.79 2.36
N ASP A 211 21.81 14.12 3.58
CA ASP A 211 21.40 13.39 4.78
C ASP A 211 20.40 14.23 5.54
N ILE A 212 19.15 13.80 5.54
CA ILE A 212 18.04 14.55 6.14
C ILE A 212 17.36 13.74 7.25
N ALA A 213 17.39 14.28 8.47
CA ALA A 213 16.87 13.57 9.65
C ALA A 213 15.85 14.37 10.47
N TYR A 214 15.54 15.59 10.02
CA TYR A 214 14.66 16.50 10.77
C TYR A 214 13.74 17.30 9.86
N GLN A 215 13.34 16.67 8.76
CA GLN A 215 12.35 17.24 7.85
C GLN A 215 11.07 17.52 8.60
N GLY A 216 10.66 18.77 8.57
CA GLY A 216 9.52 19.25 9.33
C GLY A 216 9.87 19.99 10.62
N PHE A 217 11.14 19.90 11.03
CA PHE A 217 11.61 20.62 12.23
C PHE A 217 12.19 22.00 11.92
N GLY A 218 12.53 22.22 10.65
CA GLY A 218 13.09 23.48 10.18
C GLY A 218 12.01 24.50 9.93
N GLU A 219 11.40 24.41 8.76
CA GLU A 219 10.32 25.32 8.37
C GLU A 219 8.99 24.56 8.17
N ASP A 220 8.95 23.69 7.16
CA ASP A 220 7.85 22.74 6.93
C ASP A 220 8.39 21.63 6.05
N MET A 221 7.60 20.60 5.73
CA MET A 221 8.11 19.45 4.97
C MET A 221 8.74 19.84 3.63
N ASP A 222 7.96 20.52 2.79
CA ASP A 222 8.36 20.91 1.44
C ASP A 222 9.52 21.90 1.44
N SER A 223 9.45 22.89 2.32
CA SER A 223 10.51 23.88 2.43
C SER A 223 11.82 23.28 2.92
N ASP A 224 11.75 22.38 3.89
CA ASP A 224 12.93 21.69 4.41
C ASP A 224 13.60 20.83 3.36
N ALA A 225 12.80 20.33 2.40
CA ALA A 225 13.28 19.45 1.32
C ALA A 225 13.81 20.24 0.10
N TYR A 226 13.89 21.57 0.22
CA TYR A 226 14.25 22.44 -0.90
C TYR A 226 15.51 21.97 -1.59
N ALA A 227 16.58 21.81 -0.81
CA ALA A 227 17.89 21.43 -1.35
C ALA A 227 17.85 20.13 -2.17
N ILE A 228 17.09 19.14 -1.65
CA ILE A 228 16.78 17.88 -2.35
C ILE A 228 16.09 18.12 -3.70
N ARG A 229 14.95 18.80 -3.65
CA ARG A 229 14.09 19.00 -4.81
C ARG A 229 14.69 19.87 -5.87
N LYS A 230 15.52 20.84 -5.45
CA LYS A 230 16.26 21.67 -6.40
C LYS A 230 17.26 20.82 -7.16
N ALA A 231 17.98 19.96 -6.43
CA ALA A 231 19.04 19.12 -6.99
C ALA A 231 18.47 18.21 -8.07
N VAL A 232 17.28 17.66 -7.80
CA VAL A 232 16.50 16.89 -8.75
C VAL A 232 16.20 17.71 -9.99
N ASP A 233 15.60 18.89 -9.79
CA ASP A 233 15.21 19.79 -10.88
C ASP A 233 16.42 20.18 -11.77
N MET A 234 17.59 20.31 -11.16
CA MET A 234 18.85 20.53 -11.88
C MET A 234 19.41 19.30 -12.59
N GLY A 235 18.86 18.12 -12.28
CA GLY A 235 19.29 16.85 -12.89
C GLY A 235 20.60 16.28 -12.37
N LEU A 236 20.85 16.41 -11.07
CA LEU A 236 22.11 15.94 -10.45
C LEU A 236 22.01 14.49 -9.95
N PRO A 237 23.14 13.73 -9.94
CA PRO A 237 23.13 12.36 -9.44
C PRO A 237 22.97 12.32 -7.91
N LEU A 238 21.73 12.24 -7.46
CA LEU A 238 21.43 12.48 -6.05
C LEU A 238 21.31 11.22 -5.20
N PHE A 239 22.00 11.27 -4.06
CA PHE A 239 21.81 10.32 -2.96
C PHE A 239 21.10 11.03 -1.82
N VAL A 240 19.99 10.46 -1.36
CA VAL A 240 19.31 10.95 -0.15
C VAL A 240 19.15 9.81 0.87
N SER A 241 19.63 10.06 2.08
CA SER A 241 19.31 9.24 3.23
C SER A 241 18.32 10.03 4.07
N ASN A 242 17.22 9.40 4.42
CA ASN A 242 16.26 10.04 5.29
C ASN A 242 16.00 9.21 6.53
N SER A 243 15.60 9.88 7.60
CA SER A 243 15.34 9.22 8.87
C SER A 243 13.96 9.57 9.38
N PHE A 244 13.27 8.56 9.90
CA PHE A 244 11.98 8.77 10.58
C PHE A 244 12.18 8.67 12.08
N SER A 245 13.42 8.47 12.51
CA SER A 245 13.72 8.38 13.94
C SER A 245 13.07 9.52 14.71
N LYS A 246 13.26 10.73 14.18
CA LYS A 246 12.94 11.97 14.90
C LYS A 246 11.52 12.47 14.67
N ASN A 247 11.08 12.55 13.41
CA ASN A 247 9.75 13.07 13.10
C ASN A 247 8.64 12.03 13.17
N LEU A 248 8.99 10.76 13.31
CA LEU A 248 8.00 9.74 13.64
C LEU A 248 8.10 9.37 15.12
N SER A 249 9.04 10.03 15.81
CA SER A 249 9.43 9.76 17.21
C SER A 249 9.57 8.26 17.46
N LEU A 250 10.37 7.60 16.60
CA LEU A 250 10.43 6.14 16.50
C LEU A 250 11.85 5.63 16.41
N TYR A 251 12.73 6.32 17.15
CA TYR A 251 14.20 6.16 17.15
C TYR A 251 14.59 4.69 17.23
N GLY A 252 13.94 3.96 18.15
CA GLY A 252 14.22 2.57 18.41
C GLY A 252 13.87 1.60 17.31
N GLU A 253 12.93 1.93 16.44
CA GLU A 253 12.47 0.94 15.44
C GLU A 253 13.31 0.89 14.16
N ARG A 254 14.19 1.88 14.01
CA ARG A 254 15.23 1.96 12.96
C ARG A 254 14.63 2.16 11.56
N VAL A 255 13.90 3.26 11.43
CA VAL A 255 13.19 3.55 10.18
C VAL A 255 13.83 4.73 9.45
N GLY A 256 14.09 4.49 8.17
CA GLY A 256 14.75 5.41 7.31
C GLY A 256 14.65 4.92 5.87
N GLY A 257 15.21 5.71 4.97
CA GLY A 257 15.26 5.30 3.58
C GLY A 257 16.48 5.82 2.88
N LEU A 258 16.82 5.19 1.77
CA LEU A 258 17.86 5.66 0.87
C LEU A 258 17.28 5.75 -0.53
N SER A 259 17.40 6.94 -1.12
CA SER A 259 16.95 7.20 -2.48
C SER A 259 18.12 7.60 -3.38
N VAL A 260 18.17 7.01 -4.57
CA VAL A 260 19.20 7.37 -5.55
C VAL A 260 18.49 7.85 -6.81
N VAL A 261 18.66 9.12 -7.11
CA VAL A 261 18.05 9.74 -8.30
C VAL A 261 18.94 9.49 -9.51
N CYS A 262 18.37 8.84 -10.52
CA CYS A 262 19.15 8.31 -11.64
C CYS A 262 18.79 8.96 -12.98
N PRO A 263 19.75 8.98 -13.94
CA PRO A 263 19.49 9.56 -15.28
C PRO A 263 18.40 8.85 -16.11
N THR A 264 18.15 7.57 -15.88
CA THR A 264 17.17 6.77 -16.68
C THR A 264 16.44 5.71 -15.85
N VAL A 265 15.28 5.26 -16.37
CA VAL A 265 14.50 4.12 -15.81
C VAL A 265 15.36 2.85 -15.70
N ASP A 266 16.09 2.53 -16.78
CA ASP A 266 16.96 1.36 -16.85
C ASP A 266 18.18 1.46 -15.93
N GLU A 267 18.70 2.66 -15.72
CA GLU A 267 19.75 2.87 -14.72
C GLU A 267 19.17 2.77 -13.29
N THR A 268 17.91 3.18 -13.13
CA THR A 268 17.21 3.06 -11.86
C THR A 268 17.11 1.58 -11.48
N GLU A 269 16.69 0.74 -12.42
CA GLU A 269 16.61 -0.71 -12.22
C GLU A 269 17.94 -1.30 -11.76
N ARG A 270 19.01 -0.94 -12.48
CA ARG A 270 20.39 -1.36 -12.20
C ARG A 270 20.87 -0.98 -10.80
N VAL A 271 20.67 0.29 -10.45
CA VAL A 271 21.09 0.82 -9.15
C VAL A 271 20.29 0.15 -8.06
N PHE A 272 18.98 0.05 -8.28
CA PHE A 272 18.05 -0.55 -7.33
C PHE A 272 18.46 -1.98 -7.02
N GLY A 273 18.83 -2.71 -8.09
CA GLY A 273 19.33 -4.07 -8.00
C GLY A 273 20.62 -4.11 -7.20
N GLN A 274 21.48 -3.14 -7.43
CA GLN A 274 22.71 -3.02 -6.69
C GLN A 274 22.49 -2.72 -5.21
N LEU A 275 21.52 -1.83 -4.94
CA LEU A 275 21.12 -1.48 -3.58
C LEU A 275 20.60 -2.67 -2.83
N ASN A 276 19.72 -3.43 -3.49
CA ASN A 276 19.19 -4.71 -2.97
C ASN A 276 20.31 -5.65 -2.62
N SER A 277 21.30 -5.73 -3.50
CA SER A 277 22.43 -6.60 -3.32
C SER A 277 23.36 -6.18 -2.16
N THR A 278 23.47 -4.88 -1.92
CA THR A 278 24.30 -4.37 -0.83
C THR A 278 23.66 -4.72 0.51
N VAL A 279 22.32 -4.66 0.53
CA VAL A 279 21.51 -4.98 1.69
C VAL A 279 21.65 -6.46 2.05
N ARG A 280 21.62 -7.30 1.01
CA ARG A 280 21.74 -8.74 1.14
C ARG A 280 23.02 -9.09 1.89
N ARG A 281 24.08 -8.34 1.58
CA ARG A 281 25.43 -8.52 2.14
C ARG A 281 25.57 -8.03 3.56
N ILE A 282 24.74 -7.07 3.97
CA ILE A 282 24.82 -6.51 5.31
C ILE A 282 23.82 -7.16 6.30
N TYR A 283 22.54 -7.20 5.96
CA TYR A 283 21.52 -7.62 6.93
C TYR A 283 20.30 -8.37 6.33
N SER A 284 20.38 -8.77 5.05
CA SER A 284 19.31 -9.48 4.27
C SER A 284 18.07 -8.65 3.92
N SER A 285 17.40 -8.10 4.94
CA SER A 285 16.16 -7.36 4.76
C SER A 285 15.87 -6.60 6.05
N PRO A 286 15.09 -5.48 5.97
CA PRO A 286 14.90 -4.57 7.09
C PRO A 286 13.74 -4.98 8.04
N PRO A 287 13.71 -4.43 9.28
CA PRO A 287 12.71 -4.88 10.26
C PRO A 287 11.28 -4.58 9.87
N SER A 288 10.39 -5.51 10.18
CA SER A 288 8.99 -5.47 9.76
C SER A 288 8.17 -4.43 10.47
N HIS A 289 8.29 -4.39 11.79
CA HIS A 289 7.46 -3.50 12.56
C HIS A 289 7.60 -2.03 12.16
N GLY A 290 8.82 -1.51 12.25
CA GLY A 290 9.06 -0.13 11.90
C GLY A 290 8.58 0.18 10.51
N GLY A 291 8.87 -0.76 9.59
CA GLY A 291 8.41 -0.70 8.20
C GLY A 291 6.90 -0.51 8.08
N ARG A 292 6.14 -1.29 8.86
CA ARG A 292 4.68 -1.19 8.80
C ARG A 292 4.17 0.12 9.34
N VAL A 293 4.77 0.58 10.44
CA VAL A 293 4.38 1.87 11.00
C VAL A 293 4.53 2.98 9.94
N VAL A 294 5.70 3.04 9.30
CA VAL A 294 5.95 4.02 8.22
C VAL A 294 4.93 3.86 7.09
N ASP A 295 4.76 2.64 6.60
CA ASP A 295 3.78 2.32 5.57
C ASP A 295 2.39 2.82 5.94
N ILE A 296 1.89 2.39 7.12
CA ILE A 296 0.53 2.73 7.57
C ILE A 296 0.33 4.22 7.77
N VAL A 297 1.28 4.90 8.41
CA VAL A 297 1.16 6.33 8.64
C VAL A 297 1.28 7.14 7.35
N MET A 298 2.27 6.83 6.51
CA MET A 298 2.49 7.59 5.28
C MET A 298 1.32 7.50 4.28
N ASN A 299 0.74 6.31 4.18
CA ASN A 299 -0.26 6.02 3.13
C ASN A 299 -1.72 5.99 3.57
N ASP A 300 -1.99 6.36 4.82
CA ASP A 300 -3.33 6.55 5.30
C ASP A 300 -3.51 8.04 5.35
N ALA A 301 -4.46 8.56 4.57
CA ALA A 301 -4.65 10.00 4.38
C ALA A 301 -4.84 10.74 5.70
N ALA A 302 -5.61 10.15 6.62
CA ALA A 302 -5.87 10.77 7.93
C ALA A 302 -4.66 10.71 8.84
N LEU A 303 -3.91 9.61 8.79
CA LEU A 303 -2.71 9.50 9.63
C LEU A 303 -1.59 10.41 9.16
N HIS A 304 -1.35 10.44 7.84
CA HIS A 304 -0.40 11.36 7.22
C HIS A 304 -0.66 12.80 7.65
N GLU A 305 -1.90 13.25 7.45
CA GLU A 305 -2.31 14.59 7.83
C GLU A 305 -2.12 14.86 9.34
N GLN A 306 -2.42 13.87 10.17
CA GLN A 306 -2.30 13.98 11.59
C GLN A 306 -0.84 14.09 11.96
N TRP A 307 -0.03 13.22 11.34
CA TRP A 307 1.42 13.20 11.53
C TRP A 307 2.08 14.56 11.18
N VAL A 308 1.73 15.11 10.02
CA VAL A 308 2.23 16.41 9.62
C VAL A 308 1.93 17.39 10.75
N GLY A 309 0.69 17.41 11.21
CA GLY A 309 0.26 18.21 12.36
C GLY A 309 1.09 18.00 13.62
N GLU A 310 1.43 16.76 13.90
CA GLU A 310 2.20 16.44 15.09
C GLU A 310 3.67 16.88 14.97
N VAL A 311 4.25 16.74 13.78
CA VAL A 311 5.63 17.17 13.53
C VAL A 311 5.74 18.68 13.72
N TYR A 312 4.77 19.43 13.19
CA TYR A 312 4.80 20.89 13.27
C TYR A 312 4.62 21.40 14.70
N ALA A 313 3.87 20.63 15.50
CA ALA A 313 3.64 20.96 16.89
C ALA A 313 4.94 20.81 17.66
N MET A 314 5.71 19.80 17.27
CA MET A 314 7.06 19.57 17.80
C MET A 314 7.96 20.73 17.43
N ARG A 315 7.97 21.05 16.12
CA ARG A 315 8.70 22.16 15.53
C ARG A 315 8.36 23.48 16.22
N ASP A 316 7.06 23.70 16.44
CA ASP A 316 6.59 24.86 17.15
C ASP A 316 7.02 24.88 18.61
N ARG A 317 6.97 23.73 19.28
CA ARG A 317 7.40 23.65 20.69
C ARG A 317 8.89 23.92 20.84
N ILE A 318 9.70 23.35 19.95
CA ILE A 318 11.13 23.66 19.89
C ILE A 318 11.37 25.17 19.66
N LYS A 319 10.67 25.76 18.68
CA LYS A 319 10.85 27.17 18.38
C LYS A 319 10.46 28.09 19.52
N SER A 320 9.42 27.71 20.28
CA SER A 320 8.98 28.54 21.40
C SER A 320 9.97 28.52 22.55
N MET A 321 10.62 27.38 22.75
CA MET A 321 11.67 27.26 23.76
C MET A 321 12.89 28.08 23.39
N ARG A 322 13.18 28.17 22.09
CA ARG A 322 14.28 28.99 21.57
C ARG A 322 14.10 30.43 22.01
N THR A 323 12.87 30.91 21.88
CA THR A 323 12.54 32.31 22.15
C THR A 323 12.34 32.54 23.65
N LYS A 324 11.82 31.53 24.34
CA LYS A 324 11.62 31.60 25.80
C LYS A 324 12.98 31.63 26.50
N LEU A 325 13.92 30.84 25.98
CA LEU A 325 15.27 30.81 26.50
C LEU A 325 16.00 32.11 26.22
N LYS A 326 15.91 32.57 24.97
CA LYS A 326 16.56 33.81 24.53
C LYS A 326 16.16 34.98 25.42
N SER A 327 14.85 35.12 25.65
CA SER A 327 14.28 36.21 26.41
C SER A 327 14.70 36.26 27.88
N VAL A 328 14.69 35.11 28.54
CA VAL A 328 15.14 35.02 29.94
C VAL A 328 16.69 35.08 30.04
N LEU A 329 17.39 34.60 29.01
CA LEU A 329 18.85 34.79 28.90
C LEU A 329 19.21 36.25 28.66
N GLU A 330 18.53 36.90 27.72
CA GLU A 330 18.70 38.33 27.41
C GLU A 330 18.77 39.20 28.66
N ALA A 331 17.74 39.08 29.51
CA ALA A 331 17.61 39.86 30.75
C ALA A 331 18.78 39.69 31.73
N LYS A 332 19.32 38.47 31.81
CA LYS A 332 20.34 38.12 32.78
C LYS A 332 21.77 38.50 32.40
N ILE A 333 22.08 38.45 31.10
CA ILE A 333 23.41 38.81 30.59
C ILE A 333 23.33 39.93 29.56
N SER A 334 23.98 41.05 29.89
CA SER A 334 24.03 42.22 29.03
C SER A 334 25.09 42.05 27.92
N GLY A 335 26.34 41.84 28.33
CA GLY A 335 27.50 41.84 27.43
C GLY A 335 27.62 40.80 26.34
N ARG A 336 26.56 40.03 26.09
CA ARG A 336 26.58 38.97 25.06
C ARG A 336 25.34 38.99 24.15
N ASN A 337 25.58 38.63 22.89
CA ASN A 337 24.55 38.37 21.90
C ASN A 337 23.95 36.94 22.01
N PHE A 338 22.63 36.85 21.87
CA PHE A 338 21.91 35.58 21.95
C PHE A 338 21.11 35.28 20.66
N ASP A 339 21.40 36.03 19.60
CA ASP A 339 20.66 35.93 18.32
C ASP A 339 20.66 34.52 17.72
N TYR A 340 21.77 33.82 17.90
CA TYR A 340 21.95 32.45 17.41
C TYR A 340 20.81 31.50 17.81
N LEU A 341 20.19 31.74 18.98
CA LEU A 341 19.12 30.87 19.51
C LEU A 341 17.89 30.82 18.60
N THR A 342 17.50 32.00 18.10
CA THR A 342 16.34 32.12 17.23
C THR A 342 16.71 32.16 15.75
N ALA A 343 18.00 32.20 15.44
CA ALA A 343 18.47 32.17 14.05
C ALA A 343 18.70 30.75 13.54
N GLN A 344 19.07 29.85 14.44
CA GLN A 344 19.33 28.45 14.12
C GLN A 344 18.05 27.63 14.01
N ASN A 345 18.10 26.54 13.23
CA ASN A 345 16.93 25.71 12.95
C ASN A 345 17.10 24.28 13.39
N GLY A 346 16.00 23.66 13.80
CA GLY A 346 15.98 22.24 14.14
C GLY A 346 16.05 21.99 15.61
N MET A 347 16.61 20.85 16.00
CA MET A 347 16.72 20.46 17.41
C MET A 347 17.94 21.03 18.12
N PHE A 348 18.95 21.42 17.33
CA PHE A 348 20.24 21.79 17.89
C PHE A 348 20.57 23.26 17.75
N SER A 349 21.41 23.70 18.67
CA SER A 349 22.05 25.00 18.59
C SER A 349 23.47 24.90 19.14
N PHE A 350 24.40 25.49 18.42
CA PHE A 350 25.72 25.76 18.97
C PHE A 350 25.65 26.94 19.93
N THR A 351 25.86 26.66 21.21
CA THR A 351 25.81 27.67 22.26
C THR A 351 27.10 28.49 22.31
N GLY A 352 28.17 27.99 21.72
CA GLY A 352 29.50 28.62 21.80
C GLY A 352 30.19 28.54 23.16
N LEU A 353 29.72 27.64 24.03
CA LEU A 353 30.35 27.39 25.33
C LEU A 353 31.58 26.51 25.19
N THR A 354 32.63 26.88 25.91
CA THR A 354 33.88 26.11 25.95
C THR A 354 33.65 24.74 26.58
N PRO A 355 34.46 23.71 26.21
CA PRO A 355 34.26 22.35 26.76
C PRO A 355 34.14 22.32 28.30
N GLU A 356 34.84 23.26 28.94
CA GLU A 356 34.85 23.46 30.39
C GLU A 356 33.50 23.91 30.90
N GLN A 357 32.97 24.96 30.27
CA GLN A 357 31.64 25.49 30.56
C GLN A 357 30.53 24.45 30.38
N VAL A 358 30.67 23.63 29.34
CA VAL A 358 29.78 22.48 29.06
C VAL A 358 29.83 21.49 30.24
N GLU A 359 31.04 21.18 30.70
CA GLU A 359 31.25 20.18 31.74
C GLU A 359 30.93 20.66 33.16
N ARG A 360 31.02 21.97 33.39
CA ARG A 360 30.58 22.58 34.65
C ARG A 360 29.04 22.51 34.79
N LEU A 361 28.33 22.68 33.68
CA LEU A 361 26.87 22.49 33.61
C LEU A 361 26.47 21.06 33.95
N GLN A 362 27.27 20.11 33.48
CA GLN A 362 27.05 18.70 33.72
C GLN A 362 27.25 18.37 35.20
N SER A 363 28.43 18.72 35.74
CA SER A 363 28.79 18.40 37.11
C SER A 363 27.89 19.08 38.14
N GLU A 364 27.76 20.40 38.06
CA GLU A 364 27.08 21.16 39.10
C GLU A 364 25.56 21.13 38.98
N PHE A 365 25.05 21.18 37.75
CA PHE A 365 23.61 21.40 37.54
C PHE A 365 22.84 20.19 36.98
N GLY A 366 23.56 19.22 36.43
CA GLY A 366 22.94 18.06 35.81
C GLY A 366 22.33 18.40 34.48
N ILE A 367 22.99 19.32 33.75
CA ILE A 367 22.60 19.69 32.39
C ILE A 367 23.61 19.10 31.41
N TYR A 368 23.10 18.25 30.52
CA TYR A 368 23.95 17.48 29.61
C TYR A 368 23.97 18.06 28.20
N MET A 369 25.16 18.28 27.66
CA MET A 369 25.39 18.75 26.29
C MET A 369 26.64 18.06 25.76
N ILE A 370 26.77 17.98 24.44
CA ILE A 370 28.03 17.56 23.80
C ILE A 370 29.12 18.62 24.06
N SER A 371 30.36 18.17 24.26
CA SER A 371 31.51 19.05 24.57
C SER A 371 31.75 20.21 23.57
N ASN A 372 31.31 20.02 22.33
CA ASN A 372 31.40 21.01 21.25
C ASN A 372 30.36 22.15 21.35
N SER A 373 29.64 22.18 22.48
CA SER A 373 28.63 23.18 22.83
C SER A 373 27.24 22.97 22.23
N ARG A 374 27.06 21.87 21.49
CA ARG A 374 25.75 21.53 20.93
C ARG A 374 24.72 21.30 22.03
N MET A 375 23.58 21.95 21.88
CA MET A 375 22.49 21.84 22.82
C MET A 375 21.23 21.37 22.09
N CYS A 376 20.65 20.26 22.52
CA CYS A 376 19.33 19.86 22.03
C CYS A 376 18.25 20.66 22.74
N VAL A 377 17.63 21.56 21.96
CA VAL A 377 16.65 22.52 22.46
C VAL A 377 15.39 21.80 22.94
N ALA A 378 15.08 20.69 22.25
CA ALA A 378 13.95 19.78 22.56
C ALA A 378 13.85 19.34 24.04
N GLY A 379 14.99 19.25 24.71
CA GLY A 379 15.02 18.93 26.12
C GLY A 379 14.52 20.04 27.04
N LEU A 380 14.31 21.23 26.50
CA LEU A 380 13.76 22.32 27.31
C LEU A 380 12.25 22.25 27.33
N ASN A 381 11.68 22.67 28.46
CA ASN A 381 10.23 22.83 28.62
C ASN A 381 9.99 23.86 29.71
N SER A 382 8.74 24.29 29.88
CA SER A 382 8.41 25.38 30.81
C SER A 382 8.82 25.12 32.27
N SER A 383 8.97 23.84 32.62
CA SER A 383 9.45 23.42 33.94
C SER A 383 10.92 23.75 34.17
N ASN A 384 11.78 23.32 33.23
CA ASN A 384 13.23 23.36 33.43
C ASN A 384 13.94 24.58 32.83
N ILE A 385 13.18 25.42 32.14
CA ILE A 385 13.76 26.52 31.37
C ILE A 385 14.38 27.65 32.21
N ASP A 386 13.74 28.03 33.31
CA ASP A 386 14.30 29.03 34.23
C ASP A 386 15.54 28.51 34.93
N TYR A 387 15.58 27.20 35.11
CA TYR A 387 16.69 26.49 35.75
C TYR A 387 17.92 26.42 34.85
N VAL A 388 17.70 26.19 33.55
CA VAL A 388 18.79 26.07 32.56
C VAL A 388 19.35 27.45 32.20
N ALA A 389 18.48 28.45 32.15
CA ALA A 389 18.89 29.84 31.97
C ALA A 389 19.81 30.23 33.13
N ASN A 390 19.27 30.17 34.35
CA ASN A 390 19.99 30.46 35.59
C ASN A 390 21.35 29.77 35.65
N ALA A 391 21.40 28.52 35.19
CA ALA A 391 22.63 27.74 35.16
C ALA A 391 23.60 28.24 34.09
N MET A 392 23.08 28.62 32.93
CA MET A 392 23.89 29.08 31.80
C MET A 392 24.59 30.40 32.10
N VAL A 393 23.87 31.32 32.72
CA VAL A 393 24.41 32.64 33.08
C VAL A 393 25.40 32.59 34.25
N ASP A 394 25.24 31.58 35.10
CA ASP A 394 26.14 31.31 36.21
C ASP A 394 27.47 30.71 35.73
N VAL A 395 27.44 30.00 34.60
CA VAL A 395 28.65 29.42 34.00
C VAL A 395 29.33 30.43 33.03
N LEU A 396 28.55 31.39 32.53
CA LEU A 396 29.06 32.44 31.63
C LEU A 396 29.74 33.61 32.34
N LYS A 397 29.29 33.95 33.55
CA LYS A 397 29.96 34.93 34.42
C LYS A 397 31.29 34.40 34.97
N ASP A 398 31.32 33.10 35.25
CA ASP A 398 32.53 32.41 35.71
C ASP A 398 33.50 32.15 34.56
N ASP B 11 18.18 -13.34 -4.97
CA ASP B 11 18.73 -14.69 -4.61
C ASP B 11 18.48 -15.71 -5.75
N PRO B 12 19.26 -16.83 -5.79
CA PRO B 12 18.96 -17.93 -6.74
C PRO B 12 17.60 -18.61 -6.46
N ILE B 13 17.21 -18.65 -5.18
CA ILE B 13 15.87 -19.03 -4.70
C ILE B 13 14.75 -18.19 -5.36
N LEU B 14 15.00 -16.91 -5.62
CA LEU B 14 14.00 -16.00 -6.19
C LEU B 14 13.67 -16.30 -7.67
N GLY B 15 14.61 -16.91 -8.40
CA GLY B 15 14.36 -17.41 -9.76
C GLY B 15 13.48 -18.66 -9.73
N LEU B 16 13.69 -19.48 -8.71
CA LEU B 16 12.88 -20.68 -8.43
C LEU B 16 11.46 -20.27 -7.99
N VAL B 17 11.37 -19.32 -7.05
CA VAL B 17 10.09 -18.72 -6.61
C VAL B 17 9.35 -18.10 -7.81
N GLU B 18 10.11 -17.59 -8.77
CA GLU B 18 9.57 -17.06 -10.02
C GLU B 18 9.08 -18.16 -10.96
N LYS B 19 9.86 -19.22 -11.11
CA LYS B 19 9.43 -20.40 -11.88
C LYS B 19 8.19 -21.05 -11.26
N PHE B 20 8.11 -21.02 -9.93
CA PHE B 20 7.00 -21.59 -9.17
C PHE B 20 5.68 -20.85 -9.39
N ALA B 21 5.72 -19.52 -9.26
CA ALA B 21 4.56 -18.65 -9.56
C ALA B 21 4.12 -18.78 -11.03
N ALA B 22 5.10 -18.98 -11.92
CA ALA B 22 4.86 -19.18 -13.36
C ALA B 22 4.17 -20.50 -13.65
N ASP B 23 4.23 -21.44 -12.70
CA ASP B 23 3.56 -22.72 -12.85
C ASP B 23 2.08 -22.62 -12.51
N ASN B 24 1.28 -23.00 -13.49
CA ASN B 24 -0.17 -22.92 -13.43
C ASN B 24 -0.80 -24.18 -12.83
N ASN B 25 0.03 -25.22 -12.63
CA ASN B 25 -0.44 -26.47 -12.01
C ASN B 25 -1.06 -26.15 -10.66
N PRO B 26 -2.38 -26.43 -10.50
CA PRO B 26 -3.10 -26.11 -9.26
C PRO B 26 -2.67 -26.97 -8.07
N ASP B 27 -2.05 -28.12 -8.37
CA ASP B 27 -1.53 -29.04 -7.35
C ASP B 27 -0.03 -28.84 -7.09
N LYS B 28 0.46 -27.64 -7.43
CA LYS B 28 1.86 -27.30 -7.28
C LYS B 28 2.23 -27.18 -5.81
N VAL B 29 3.44 -27.61 -5.51
CA VAL B 29 4.01 -27.51 -4.17
C VAL B 29 5.40 -26.88 -4.28
N ASN B 30 5.63 -25.89 -3.42
CA ASN B 30 6.92 -25.22 -3.33
C ASN B 30 7.76 -25.77 -2.18
N LEU B 31 8.80 -26.52 -2.52
CA LEU B 31 9.68 -27.10 -1.51
C LEU B 31 11.03 -26.40 -1.55
N GLY B 32 11.11 -25.39 -2.40
CA GLY B 32 12.30 -24.57 -2.58
C GLY B 32 12.30 -23.37 -1.65
N ILE B 33 11.19 -23.19 -0.93
CA ILE B 33 11.06 -22.18 0.14
C ILE B 33 12.12 -22.41 1.20
N GLY B 34 12.44 -21.38 1.97
CA GLY B 34 13.36 -21.53 3.11
C GLY B 34 12.68 -21.10 4.40
N ILE B 35 11.39 -21.39 4.52
CA ILE B 35 10.52 -20.94 5.61
C ILE B 35 9.79 -22.16 6.21
N TYR B 36 9.58 -22.12 7.53
CA TYR B 36 8.74 -23.12 8.17
C TYR B 36 7.27 -22.83 7.96
N TYR B 37 6.54 -23.81 7.45
CA TYR B 37 5.07 -23.81 7.42
C TYR B 37 4.51 -24.84 8.41
N ASP B 38 3.37 -24.53 9.01
CA ASP B 38 2.67 -25.51 9.86
C ASP B 38 1.80 -26.49 9.03
N GLU B 39 0.95 -27.24 9.74
CA GLU B 39 0.09 -28.29 9.16
C GLU B 39 -0.91 -27.78 8.15
N SER B 40 -1.33 -26.53 8.32
CA SER B 40 -2.22 -25.86 7.35
C SER B 40 -1.44 -25.15 6.22
N GLY B 41 -0.11 -25.33 6.17
CA GLY B 41 0.69 -24.85 5.07
C GLY B 41 0.87 -23.33 5.04
N VAL B 42 0.80 -22.72 6.21
CA VAL B 42 1.04 -21.29 6.37
C VAL B 42 2.15 -21.05 7.40
N MET B 43 2.79 -19.89 7.33
CA MET B 43 3.74 -19.48 8.37
C MET B 43 2.98 -19.27 9.68
N PRO B 44 3.37 -20.00 10.74
CA PRO B 44 2.66 -19.83 12.02
C PRO B 44 3.05 -18.56 12.75
N VAL B 45 2.09 -17.99 13.47
CA VAL B 45 2.39 -17.06 14.56
C VAL B 45 2.43 -17.92 15.84
N LEU B 46 3.57 -17.92 16.52
CA LEU B 46 3.72 -18.69 17.74
C LEU B 46 2.93 -18.01 18.85
N ASP B 47 2.30 -18.81 19.69
CA ASP B 47 1.52 -18.28 20.80
C ASP B 47 2.35 -17.44 21.76
N CYS B 48 3.59 -17.85 22.02
CA CYS B 48 4.49 -17.07 22.89
C CYS B 48 4.83 -15.70 22.30
N VAL B 49 4.97 -15.67 20.98
CA VAL B 49 5.19 -14.43 20.26
C VAL B 49 3.94 -13.57 20.33
N LYS B 50 2.79 -14.21 20.19
CA LYS B 50 1.53 -13.49 20.20
C LYS B 50 1.31 -12.83 21.57
N ILE B 51 1.54 -13.61 22.63
CA ILE B 51 1.50 -13.10 24.00
C ILE B 51 2.49 -11.94 24.19
N ALA B 52 3.74 -12.14 23.77
CA ALA B 52 4.79 -11.10 23.84
C ALA B 52 4.34 -9.78 23.21
N GLU B 53 3.86 -9.85 21.99
CA GLU B 53 3.48 -8.67 21.24
C GLU B 53 2.23 -8.01 21.80
N GLN B 54 1.36 -8.79 22.46
CA GLN B 54 0.22 -8.19 23.18
C GLN B 54 0.71 -7.38 24.37
N ARG B 55 1.74 -7.86 25.08
CA ARG B 55 2.38 -7.09 26.16
C ARG B 55 3.04 -5.79 25.68
N ILE B 56 3.69 -5.82 24.51
CA ILE B 56 4.35 -4.65 23.92
C ILE B 56 3.30 -3.64 23.47
N ALA B 57 2.13 -4.13 23.03
CA ALA B 57 1.05 -3.29 22.50
C ALA B 57 0.23 -2.58 23.56
N ASP B 58 0.37 -2.99 24.82
CA ASP B 58 -0.42 -2.39 25.89
C ASP B 58 0.37 -2.35 27.19
N PRO B 59 0.88 -1.18 27.61
CA PRO B 59 0.76 0.12 26.88
C PRO B 59 1.80 0.31 25.76
N ILE B 60 1.40 1.00 24.68
CA ILE B 60 2.36 1.45 23.68
C ILE B 60 3.34 2.39 24.42
N SER B 61 4.62 2.07 24.37
CA SER B 61 5.66 2.76 25.12
C SER B 61 6.55 3.63 24.22
N PRO B 62 7.14 4.72 24.77
CA PRO B 62 8.04 5.55 23.97
C PRO B 62 9.14 4.69 23.37
N ARG B 63 9.76 5.15 22.29
CA ARG B 63 10.69 4.30 21.57
C ARG B 63 12.14 4.81 21.51
N PRO B 64 12.80 4.94 22.69
CA PRO B 64 14.21 5.32 22.68
C PRO B 64 15.08 4.39 21.81
N TYR B 65 16.27 4.86 21.45
CA TYR B 65 17.31 3.96 20.98
C TYR B 65 17.61 2.87 21.98
N LEU B 66 17.87 1.69 21.46
CA LEU B 66 18.42 0.60 22.22
C LEU B 66 19.92 0.89 22.39
N PRO B 67 20.57 0.28 23.41
CA PRO B 67 22.02 0.36 23.40
C PRO B 67 22.51 -0.27 22.10
N MET B 68 23.65 0.19 21.56
CA MET B 68 24.20 -0.37 20.32
C MET B 68 24.28 -1.89 20.35
N ALA B 69 24.52 -2.44 21.56
CA ALA B 69 24.56 -3.89 21.81
C ALA B 69 23.17 -4.55 21.79
N GLY B 70 22.11 -3.77 21.76
CA GLY B 70 20.77 -4.27 21.98
C GLY B 70 20.38 -4.27 23.45
N LEU B 71 19.24 -4.91 23.74
CA LEU B 71 18.72 -5.01 25.09
C LEU B 71 19.56 -5.96 25.94
N PRO B 72 19.78 -5.60 27.22
CA PRO B 72 20.44 -6.54 28.13
C PRO B 72 19.77 -7.93 28.12
N GLY B 73 18.44 -7.95 28.10
CA GLY B 73 17.69 -9.18 28.15
C GLY B 73 17.83 -9.98 26.87
N HIS B 74 17.91 -9.29 25.74
CA HIS B 74 18.11 -9.92 24.43
C HIS B 74 19.45 -10.65 24.42
N ARG B 75 20.49 -9.97 24.91
CA ARG B 75 21.82 -10.53 24.99
C ARG B 75 21.86 -11.70 25.95
N LYS B 76 21.27 -11.53 27.15
CA LYS B 76 21.24 -12.58 28.16
C LYS B 76 20.49 -13.79 27.62
N GLY B 77 19.40 -13.52 26.91
CA GLY B 77 18.60 -14.55 26.27
C GLY B 77 19.45 -15.40 25.38
N CYS B 78 20.13 -14.76 24.42
CA CYS B 78 21.05 -15.45 23.52
C CYS B 78 22.11 -16.23 24.24
N GLN B 79 22.69 -15.62 25.28
CA GLN B 79 23.80 -16.23 26.00
C GLN B 79 23.37 -17.51 26.70
N GLU B 80 22.25 -17.48 27.41
CA GLU B 80 21.77 -18.65 28.13
C GLU B 80 21.31 -19.78 27.19
N LEU B 81 20.73 -19.40 26.06
CA LEU B 81 20.24 -20.35 25.08
C LEU B 81 21.40 -21.08 24.46
N LEU B 82 22.46 -20.33 24.14
CA LEU B 82 23.59 -20.89 23.42
C LEU B 82 24.50 -21.73 24.29
N PHE B 83 24.78 -21.23 25.49
CA PHE B 83 25.84 -21.76 26.31
C PHE B 83 25.33 -22.51 27.52
N GLY B 84 24.05 -22.35 27.82
CA GLY B 84 23.47 -23.00 28.98
C GLY B 84 23.19 -22.02 30.10
N LYS B 85 22.01 -22.16 30.72
CA LYS B 85 21.60 -21.32 31.83
C LYS B 85 22.67 -21.45 32.93
N ASP B 86 23.29 -20.33 33.31
CA ASP B 86 24.42 -20.33 34.27
C ASP B 86 25.58 -21.26 33.83
N ALA B 87 25.97 -21.14 32.57
CA ALA B 87 27.22 -21.74 32.10
C ALA B 87 28.38 -20.98 32.75
N PRO B 88 29.45 -21.70 33.17
CA PRO B 88 30.62 -21.07 33.80
C PRO B 88 31.16 -19.89 33.00
N VAL B 89 31.20 -20.02 31.67
CA VAL B 89 31.68 -18.98 30.77
C VAL B 89 30.89 -17.66 30.94
N LEU B 90 29.60 -17.77 31.26
CA LEU B 90 28.79 -16.59 31.59
C LEU B 90 29.09 -16.08 32.99
N LYS B 91 29.06 -16.98 33.98
CA LYS B 91 29.45 -16.66 35.36
C LYS B 91 30.82 -15.99 35.45
N ASP B 92 31.71 -16.35 34.52
CA ASP B 92 33.05 -15.76 34.43
C ASP B 92 33.13 -14.52 33.54
N GLY B 93 32.04 -14.19 32.87
CA GLY B 93 31.94 -13.03 31.99
C GLY B 93 32.89 -13.07 30.82
N LEU B 94 33.07 -14.24 30.23
CA LEU B 94 34.07 -14.42 29.17
C LEU B 94 33.49 -14.38 27.75
N VAL B 95 32.22 -13.95 27.63
CA VAL B 95 31.52 -13.88 26.33
C VAL B 95 30.98 -12.47 26.05
N ALA B 96 31.42 -11.89 24.94
CA ALA B 96 30.93 -10.61 24.45
C ALA B 96 29.75 -10.90 23.53
N THR B 97 28.57 -10.35 23.86
CA THR B 97 27.33 -10.58 23.10
C THR B 97 26.56 -9.32 22.74
N ILE B 98 26.25 -9.18 21.45
CA ILE B 98 25.39 -8.13 20.98
C ILE B 98 24.18 -8.73 20.27
N ALA B 99 23.03 -8.06 20.41
CA ALA B 99 21.86 -8.26 19.57
C ALA B 99 22.17 -7.77 18.18
N THR B 100 21.62 -8.45 17.17
CA THR B 100 21.92 -8.17 15.78
C THR B 100 20.67 -8.16 14.86
N ILE B 101 20.85 -7.70 13.62
CA ILE B 101 19.81 -7.72 12.58
C ILE B 101 19.76 -9.13 12.00
N GLY B 102 19.09 -10.02 12.76
CA GLY B 102 19.05 -11.45 12.46
C GLY B 102 20.42 -12.09 12.62
N GLY B 103 20.55 -13.32 12.14
CA GLY B 103 21.85 -13.98 12.07
C GLY B 103 22.70 -13.39 10.96
N SER B 104 22.05 -12.93 9.88
CA SER B 104 22.72 -12.18 8.80
C SER B 104 23.58 -11.04 9.33
N GLY B 105 22.98 -10.18 10.15
CA GLY B 105 23.69 -9.05 10.73
C GLY B 105 24.74 -9.49 11.74
N ALA B 106 24.54 -10.66 12.37
CA ALA B 106 25.50 -11.21 13.30
C ALA B 106 26.74 -11.65 12.56
N LEU B 107 26.55 -12.37 11.47
CA LEU B 107 27.61 -12.72 10.53
C LEU B 107 28.34 -11.47 10.01
N LYS B 108 27.58 -10.44 9.62
CA LYS B 108 28.20 -9.21 9.15
C LYS B 108 29.13 -8.58 10.18
N VAL B 109 28.63 -8.32 11.38
CA VAL B 109 29.47 -7.73 12.45
C VAL B 109 30.71 -8.61 12.70
N GLY B 110 30.49 -9.91 12.88
CA GLY B 110 31.57 -10.89 13.00
C GLY B 110 32.64 -10.82 11.92
N ALA B 111 32.22 -10.85 10.66
CA ALA B 111 33.16 -10.80 9.53
C ALA B 111 33.99 -9.50 9.52
N GLU B 112 33.31 -8.35 9.65
CA GLU B 112 33.96 -7.04 9.66
C GLU B 112 34.93 -6.93 10.81
N PHE B 113 34.56 -7.51 11.95
CA PHE B 113 35.43 -7.58 13.11
C PHE B 113 36.70 -8.34 12.72
N ILE B 114 36.50 -9.55 12.16
CA ILE B 114 37.60 -10.43 11.78
C ILE B 114 38.50 -9.73 10.79
N HIS B 115 37.89 -9.12 9.78
CA HIS B 115 38.62 -8.35 8.77
C HIS B 115 39.46 -7.19 9.35
N GLU B 116 38.89 -6.43 10.29
CA GLU B 116 39.61 -5.33 10.94
C GLU B 116 40.83 -5.81 11.74
N TRP B 117 40.69 -6.91 12.47
CA TRP B 117 41.71 -7.35 13.44
C TRP B 117 42.58 -8.55 13.01
N PHE B 118 42.01 -9.39 12.15
CA PHE B 118 42.72 -10.50 11.55
C PHE B 118 42.60 -10.32 10.04
N PRO B 119 43.28 -9.28 9.49
CA PRO B 119 43.16 -8.94 8.07
C PRO B 119 43.70 -10.00 7.14
N GLN B 120 44.62 -10.81 7.65
CA GLN B 120 45.24 -11.88 6.88
C GLN B 120 44.39 -13.14 6.80
N SER B 121 43.38 -13.27 7.67
CA SER B 121 42.47 -14.44 7.73
C SER B 121 41.62 -14.67 6.49
N LYS B 122 41.59 -15.93 6.05
CA LYS B 122 40.66 -16.39 5.02
C LYS B 122 39.51 -17.14 5.66
N CYS B 123 38.33 -17.05 5.07
CA CYS B 123 37.20 -17.79 5.57
C CYS B 123 36.83 -18.96 4.66
N TYR B 124 36.48 -20.07 5.29
CA TYR B 124 36.09 -21.29 4.60
C TYR B 124 34.70 -21.74 5.04
N VAL B 125 33.82 -21.90 4.07
CA VAL B 125 32.45 -22.30 4.28
C VAL B 125 32.25 -23.72 3.76
N SER B 126 31.22 -24.42 4.23
CA SER B 126 30.95 -25.81 3.80
C SER B 126 30.56 -25.94 2.31
N ASP B 127 30.86 -27.08 1.71
CA ASP B 127 30.40 -27.39 0.38
C ASP B 127 29.32 -28.46 0.51
N PRO B 128 28.05 -28.11 0.29
CA PRO B 128 27.60 -26.72 0.10
C PRO B 128 27.20 -26.02 1.41
N THR B 129 26.75 -24.77 1.28
CA THR B 129 26.33 -23.95 2.41
C THR B 129 25.13 -23.04 2.06
N TRP B 130 24.64 -22.34 3.08
CA TRP B 130 23.68 -21.23 2.92
C TRP B 130 24.30 -20.11 2.05
N GLY B 131 23.68 -19.85 0.90
CA GLY B 131 24.19 -18.91 -0.12
C GLY B 131 24.84 -17.62 0.36
N ASN B 132 24.18 -16.94 1.29
CA ASN B 132 24.68 -15.72 1.91
C ASN B 132 25.94 -15.83 2.74
N HIS B 133 26.31 -17.03 3.19
CA HIS B 133 27.56 -17.16 3.91
C HIS B 133 28.69 -16.51 3.12
N ILE B 134 28.82 -16.92 1.85
CA ILE B 134 29.85 -16.42 0.97
C ILE B 134 29.67 -14.92 0.76
N ALA B 135 28.46 -14.48 0.40
CA ALA B 135 28.25 -13.09 0.01
C ALA B 135 28.57 -12.11 1.14
N ILE B 136 28.23 -12.48 2.38
CA ILE B 136 28.40 -11.63 3.56
C ILE B 136 29.88 -11.37 3.82
N PHE B 137 30.65 -12.46 3.87
CA PHE B 137 32.09 -12.41 4.12
C PHE B 137 32.86 -11.80 2.95
N GLU B 138 32.43 -12.10 1.72
CA GLU B 138 33.02 -11.48 0.53
C GLU B 138 32.72 -9.99 0.47
N GLY B 139 31.60 -9.59 1.06
CA GLY B 139 31.21 -8.19 1.23
C GLY B 139 32.13 -7.39 2.15
N CYS B 140 32.99 -8.09 2.91
CA CYS B 140 33.91 -7.47 3.88
C CYS B 140 35.36 -7.45 3.42
N ASP B 141 35.59 -7.81 2.16
CA ASP B 141 36.94 -8.03 1.61
C ASP B 141 37.70 -9.15 2.35
N ILE B 142 37.00 -10.25 2.61
CA ILE B 142 37.61 -11.48 3.08
C ILE B 142 37.63 -12.44 1.89
N GLU B 143 38.82 -12.99 1.62
CA GLU B 143 38.94 -14.11 0.67
C GLU B 143 38.19 -15.32 1.23
N VAL B 144 37.17 -15.75 0.50
CA VAL B 144 36.36 -16.90 0.97
C VAL B 144 36.54 -18.13 0.07
N GLY B 145 36.88 -19.25 0.71
CA GLY B 145 36.92 -20.57 0.06
C GLY B 145 35.93 -21.56 0.64
N LYS B 146 35.93 -22.77 0.09
CA LYS B 146 35.05 -23.85 0.52
C LYS B 146 35.84 -25.04 1.07
N TYR B 147 35.42 -25.56 2.23
CA TYR B 147 35.92 -26.86 2.69
C TYR B 147 34.95 -27.99 2.25
N PRO B 148 35.48 -29.19 1.92
CA PRO B 148 34.56 -30.28 1.55
C PRO B 148 33.70 -30.68 2.74
N TYR B 149 32.44 -31.01 2.46
CA TYR B 149 31.50 -31.39 3.50
C TYR B 149 30.63 -32.50 2.95
N TYR B 150 29.73 -32.15 2.04
CA TYR B 150 28.77 -33.10 1.54
C TYR B 150 29.34 -33.94 0.41
N ASP B 151 29.09 -35.23 0.51
CA ASP B 151 29.51 -36.22 -0.46
C ASP B 151 28.26 -36.70 -1.17
N THR B 152 28.21 -36.44 -2.49
CA THR B 152 27.06 -36.82 -3.31
C THR B 152 26.97 -38.35 -3.43
N ALA B 153 28.13 -39.00 -3.46
CA ALA B 153 28.25 -40.45 -3.58
C ALA B 153 27.69 -41.25 -2.40
N THR B 154 27.94 -40.77 -1.18
CA THR B 154 27.42 -41.44 0.03
C THR B 154 26.11 -40.81 0.50
N GLY B 155 25.90 -39.55 0.17
CA GLY B 155 24.78 -38.80 0.71
C GLY B 155 25.11 -38.28 2.10
N GLY B 156 26.36 -38.47 2.51
CA GLY B 156 26.86 -37.99 3.81
C GLY B 156 28.08 -37.09 3.72
N ILE B 157 28.91 -37.12 4.76
CA ILE B 157 30.04 -36.21 4.90
C ILE B 157 31.37 -36.81 4.45
N LYS B 158 32.06 -36.08 3.58
CA LYS B 158 33.44 -36.38 3.17
C LYS B 158 34.38 -36.10 4.35
N PHE B 159 34.23 -36.86 5.44
CA PHE B 159 34.78 -36.47 6.73
C PHE B 159 36.30 -36.44 6.76
N ASP B 160 36.90 -37.53 6.31
CA ASP B 160 38.34 -37.67 6.23
C ASP B 160 38.95 -36.59 5.35
N GLU B 161 38.36 -36.36 4.18
CA GLU B 161 38.78 -35.29 3.26
C GLU B 161 38.61 -33.88 3.86
N MET B 162 37.56 -33.70 4.67
CA MET B 162 37.25 -32.43 5.33
C MET B 162 38.33 -32.06 6.34
N ILE B 163 38.63 -33.00 7.24
CA ILE B 163 39.73 -32.83 8.19
C ILE B 163 41.06 -32.58 7.46
N ALA B 164 41.37 -33.41 6.46
CA ALA B 164 42.52 -33.23 5.57
C ALA B 164 42.65 -31.79 5.06
N PHE B 165 41.53 -31.23 4.56
CA PHE B 165 41.48 -29.84 4.13
C PHE B 165 41.77 -28.89 5.29
N PHE B 166 41.22 -29.17 6.48
CA PHE B 166 41.40 -28.29 7.65
C PHE B 166 42.85 -28.14 8.10
N GLU B 167 43.64 -29.19 7.89
CA GLU B 167 45.05 -29.23 8.27
C GLU B 167 45.93 -28.29 7.46
N THR B 168 45.56 -28.08 6.20
CA THR B 168 46.33 -27.24 5.26
C THR B 168 46.16 -25.72 5.52
N LEU B 169 45.27 -25.36 6.45
CA LEU B 169 44.91 -23.96 6.71
C LEU B 169 45.80 -23.29 7.76
N ASN B 170 46.00 -21.98 7.59
CA ASN B 170 46.86 -21.18 8.44
C ASN B 170 46.20 -20.78 9.76
N LYS B 171 47.03 -20.42 10.74
CA LYS B 171 46.58 -19.87 12.01
C LYS B 171 45.69 -18.65 11.77
N ASP B 172 44.55 -18.64 12.46
CA ASP B 172 43.52 -17.59 12.44
C ASP B 172 42.53 -17.64 11.25
N ASP B 173 42.70 -18.60 10.35
CA ASP B 173 41.72 -18.81 9.26
C ASP B 173 40.37 -19.22 9.85
N VAL B 174 39.28 -18.83 9.18
CA VAL B 174 37.94 -18.91 9.75
C VAL B 174 37.12 -20.05 9.15
N LEU B 175 36.58 -20.90 10.01
CA LEU B 175 35.65 -21.92 9.53
C LEU B 175 34.24 -21.59 9.90
N LEU B 176 33.37 -21.61 8.88
CA LEU B 176 31.95 -21.40 9.08
C LEU B 176 31.23 -22.72 9.23
N LEU B 177 30.80 -22.98 10.46
CA LEU B 177 30.35 -24.29 10.85
C LEU B 177 28.90 -24.25 11.28
N HIS B 178 28.09 -25.16 10.74
CA HIS B 178 26.70 -25.30 11.16
C HIS B 178 26.70 -26.31 12.34
N PRO B 179 26.37 -25.85 13.58
CA PRO B 179 26.36 -26.73 14.76
C PRO B 179 25.39 -27.89 14.65
N CYS B 180 24.33 -27.73 13.87
CA CYS B 180 23.32 -28.77 13.58
C CYS B 180 22.38 -28.30 12.44
N CYS B 181 21.49 -29.17 12.00
CA CYS B 181 20.47 -28.81 10.99
C CYS B 181 21.09 -28.09 9.81
N HIS B 182 22.14 -28.69 9.24
CA HIS B 182 22.92 -28.14 8.14
C HIS B 182 22.02 -27.67 7.01
N ASN B 183 22.31 -26.45 6.55
CA ASN B 183 21.64 -25.80 5.41
C ASN B 183 22.67 -25.75 4.25
N PRO B 184 22.39 -26.41 3.13
CA PRO B 184 21.06 -26.89 2.80
C PRO B 184 20.83 -28.40 2.87
N THR B 185 21.76 -29.17 3.43
CA THR B 185 21.70 -30.65 3.28
C THR B 185 20.83 -31.41 4.29
N GLY B 186 20.83 -30.95 5.54
CA GLY B 186 20.19 -31.66 6.64
C GLY B 186 21.18 -32.62 7.27
N VAL B 187 22.30 -32.87 6.58
CA VAL B 187 23.33 -33.82 6.99
C VAL B 187 24.25 -33.22 8.07
N ASP B 188 24.28 -33.87 9.23
CA ASP B 188 24.96 -33.35 10.41
C ASP B 188 26.15 -34.22 10.77
N LEU B 189 27.19 -33.60 11.34
CA LEU B 189 28.28 -34.33 12.02
C LEU B 189 27.81 -34.98 13.32
N THR B 190 28.38 -36.13 13.64
CA THR B 190 28.12 -36.79 14.94
C THR B 190 28.91 -36.07 16.05
N ARG B 191 28.66 -36.44 17.31
CA ARG B 191 29.41 -35.84 18.43
C ARG B 191 30.88 -36.21 18.27
N GLU B 192 31.15 -37.48 17.97
CA GLU B 192 32.51 -37.95 17.65
C GLU B 192 33.22 -37.14 16.56
N GLN B 193 32.51 -36.91 15.45
CA GLN B 193 33.03 -36.11 14.34
C GLN B 193 33.33 -34.68 14.77
N TRP B 194 32.43 -34.10 15.58
CA TRP B 194 32.64 -32.77 16.16
C TRP B 194 33.92 -32.72 17.00
N ASP B 195 34.10 -33.74 17.85
CA ASP B 195 35.20 -33.74 18.79
C ASP B 195 36.55 -33.66 18.08
N THR B 196 36.68 -34.38 16.97
CA THR B 196 37.90 -34.34 16.17
C THR B 196 38.05 -33.03 15.41
N VAL B 197 36.94 -32.52 14.85
CA VAL B 197 36.93 -31.19 14.18
C VAL B 197 37.50 -30.11 15.11
N LEU B 198 36.92 -29.96 16.29
CA LEU B 198 37.35 -28.94 17.26
C LEU B 198 38.78 -29.14 17.71
N ASN B 199 39.21 -30.40 17.75
CA ASN B 199 40.60 -30.74 18.03
C ASN B 199 41.56 -30.33 16.93
N VAL B 200 41.16 -30.53 15.68
CA VAL B 200 41.93 -30.02 14.53
C VAL B 200 42.00 -28.48 14.60
N ILE B 201 40.85 -27.84 14.83
CA ILE B 201 40.73 -26.36 14.93
C ILE B 201 41.64 -25.74 16.00
N GLN B 202 41.64 -26.36 17.19
CA GLN B 202 42.50 -26.02 18.32
C GLN B 202 43.96 -26.19 17.93
N GLU B 203 44.29 -27.40 17.49
CA GLU B 203 45.61 -27.77 16.98
C GLU B 203 46.14 -26.75 15.97
N ARG B 204 45.33 -26.36 14.99
CA ARG B 204 45.77 -25.43 13.94
C ARG B 204 45.54 -23.96 14.32
N GLU B 205 44.99 -23.73 15.51
CA GLU B 205 44.61 -22.39 16.00
C GLU B 205 43.78 -21.60 14.97
N LEU B 206 42.82 -22.28 14.36
CA LEU B 206 41.84 -21.68 13.47
C LEU B 206 40.75 -21.10 14.34
N ILE B 207 39.97 -20.19 13.78
CA ILE B 207 38.85 -19.59 14.49
C ILE B 207 37.54 -20.30 14.10
N PRO B 208 36.85 -20.91 15.09
CA PRO B 208 35.52 -21.47 14.85
C PRO B 208 34.47 -20.38 14.84
N PHE B 209 33.86 -20.19 13.68
CA PHE B 209 32.67 -19.37 13.55
C PHE B 209 31.48 -20.32 13.33
N MET B 210 30.60 -20.36 14.32
CA MET B 210 29.46 -21.22 14.28
C MET B 210 28.22 -20.42 14.05
N ASP B 211 27.41 -20.88 13.09
CA ASP B 211 26.19 -20.23 12.67
C ASP B 211 24.98 -21.13 12.94
N ILE B 212 24.21 -20.74 13.95
CA ILE B 212 23.12 -21.56 14.47
C ILE B 212 21.79 -20.83 14.26
N ALA B 213 21.01 -21.33 13.30
CA ALA B 213 19.75 -20.75 12.90
C ALA B 213 18.56 -21.67 13.19
N TYR B 214 18.80 -22.91 13.58
CA TYR B 214 17.72 -23.85 13.74
C TYR B 214 17.76 -24.58 15.08
N GLN B 215 18.26 -23.91 16.12
CA GLN B 215 18.36 -24.53 17.43
C GLN B 215 16.97 -24.97 17.93
N GLY B 216 16.86 -26.27 18.20
CA GLY B 216 15.58 -26.85 18.57
C GLY B 216 14.89 -27.63 17.49
N PHE B 217 15.33 -27.52 16.24
CA PHE B 217 14.76 -28.26 15.08
C PHE B 217 15.42 -29.63 14.83
N GLY B 218 16.59 -29.82 15.43
CA GLY B 218 17.35 -31.06 15.32
C GLY B 218 16.94 -32.06 16.39
N GLU B 219 17.54 -31.94 17.57
CA GLU B 219 17.21 -32.84 18.67
C GLU B 219 16.50 -32.10 19.80
N ASP B 220 17.24 -31.34 20.58
CA ASP B 220 16.66 -30.40 21.52
C ASP B 220 17.63 -29.23 21.62
N MET B 221 17.26 -28.22 22.40
CA MET B 221 18.08 -27.00 22.54
C MET B 221 19.53 -27.29 22.93
N ASP B 222 19.71 -28.19 23.91
CA ASP B 222 21.01 -28.50 24.47
C ASP B 222 21.90 -29.30 23.52
N SER B 223 21.33 -30.32 22.86
CA SER B 223 22.07 -31.13 21.87
C SER B 223 22.45 -30.27 20.70
N ASP B 224 21.51 -29.47 20.22
CA ASP B 224 21.74 -28.64 19.04
C ASP B 224 22.96 -27.75 19.24
N ALA B 225 23.15 -27.33 20.50
CA ALA B 225 24.24 -26.47 20.92
C ALA B 225 25.52 -27.22 21.33
N TYR B 226 25.55 -28.55 21.12
CA TYR B 226 26.69 -29.36 21.55
C TYR B 226 28.01 -28.80 21.05
N ALA B 227 28.12 -28.66 19.72
CA ALA B 227 29.38 -28.21 19.10
C ALA B 227 29.83 -26.86 19.66
N ILE B 228 28.86 -25.99 19.95
CA ILE B 228 29.12 -24.69 20.61
C ILE B 228 29.70 -24.93 22.00
N ARG B 229 28.97 -25.69 22.82
CA ARG B 229 29.34 -25.84 24.24
C ARG B 229 30.66 -26.56 24.47
N LYS B 230 30.99 -27.52 23.58
CA LYS B 230 32.25 -28.26 23.61
C LYS B 230 33.42 -27.34 23.29
N ALA B 231 33.28 -26.55 22.24
CA ALA B 231 34.26 -25.57 21.81
C ALA B 231 34.61 -24.60 22.95
N VAL B 232 33.60 -24.20 23.72
CA VAL B 232 33.79 -23.43 24.93
C VAL B 232 34.58 -24.24 25.98
N ASP B 233 34.20 -25.49 26.24
CA ASP B 233 34.92 -26.38 27.21
C ASP B 233 36.41 -26.50 26.91
N MET B 234 36.71 -26.70 25.63
CA MET B 234 38.06 -26.79 25.10
C MET B 234 38.81 -25.44 25.17
N GLY B 235 38.13 -24.37 25.54
CA GLY B 235 38.72 -23.03 25.60
C GLY B 235 39.11 -22.49 24.23
N LEU B 236 38.22 -22.61 23.25
CA LEU B 236 38.48 -22.09 21.90
C LEU B 236 38.02 -20.64 21.67
N PRO B 237 38.72 -19.90 20.76
CA PRO B 237 38.25 -18.58 20.34
C PRO B 237 37.00 -18.66 19.43
N LEU B 238 35.85 -18.90 20.05
CA LEU B 238 34.59 -19.13 19.35
C LEU B 238 33.86 -17.84 19.02
N PHE B 239 33.40 -17.73 17.76
CA PHE B 239 32.41 -16.74 17.36
C PHE B 239 31.11 -17.50 17.14
N VAL B 240 30.02 -17.02 17.74
CA VAL B 240 28.70 -17.59 17.45
C VAL B 240 27.73 -16.52 16.92
N SER B 241 27.10 -16.80 15.77
CA SER B 241 25.96 -16.03 15.31
C SER B 241 24.73 -16.91 15.43
N ASN B 242 23.70 -16.39 16.11
CA ASN B 242 22.44 -17.07 16.30
C ASN B 242 21.27 -16.25 15.76
N SER B 243 20.26 -16.97 15.24
CA SER B 243 19.10 -16.36 14.63
C SER B 243 17.82 -16.88 15.28
N PHE B 244 16.89 -15.97 15.54
CA PHE B 244 15.54 -16.34 15.97
C PHE B 244 14.52 -16.32 14.83
N SER B 245 14.98 -16.05 13.62
CA SER B 245 14.09 -15.96 12.48
C SER B 245 13.16 -17.15 12.39
N LYS B 246 13.73 -18.34 12.59
CA LYS B 246 13.02 -19.60 12.40
C LYS B 246 12.34 -20.12 13.67
N ASN B 247 13.11 -20.42 14.70
CA ASN B 247 12.57 -20.92 15.99
C ASN B 247 11.56 -20.00 16.70
N LEU B 248 11.58 -18.72 16.35
CA LEU B 248 10.64 -17.75 16.91
C LEU B 248 9.64 -17.29 15.83
N SER B 249 9.84 -17.80 14.60
CA SER B 249 9.00 -17.52 13.41
C SER B 249 8.89 -16.00 13.23
N LEU B 250 10.03 -15.34 13.26
CA LEU B 250 10.08 -13.88 13.31
C LEU B 250 11.07 -13.33 12.30
N TYR B 251 11.09 -13.99 11.13
CA TYR B 251 11.98 -13.67 10.02
C TYR B 251 12.08 -12.19 9.82
N GLY B 252 10.93 -11.53 9.74
CA GLY B 252 10.82 -10.13 9.41
C GLY B 252 11.22 -9.10 10.43
N GLU B 253 11.34 -9.49 11.71
CA GLU B 253 11.67 -8.53 12.76
C GLU B 253 13.17 -8.43 12.94
N ARG B 254 13.88 -9.35 12.29
CA ARG B 254 15.34 -9.35 12.21
C ARG B 254 15.96 -9.46 13.60
N VAL B 255 15.89 -10.67 14.16
CA VAL B 255 16.40 -10.93 15.49
C VAL B 255 17.41 -12.06 15.52
N GLY B 256 18.60 -11.71 15.98
CA GLY B 256 19.69 -12.66 16.18
C GLY B 256 20.64 -12.10 17.21
N GLY B 257 21.75 -12.79 17.40
CA GLY B 257 22.77 -12.34 18.30
C GLY B 257 24.11 -12.68 17.72
N LEU B 258 25.16 -12.01 18.20
CA LEU B 258 26.54 -12.43 17.96
C LEU B 258 27.28 -12.50 19.28
N SER B 259 27.83 -13.69 19.56
CA SER B 259 28.60 -13.92 20.77
C SER B 259 30.05 -14.27 20.41
N VAL B 260 31.00 -13.72 21.16
CA VAL B 260 32.42 -14.02 21.01
C VAL B 260 32.96 -14.47 22.35
N VAL B 261 33.61 -15.63 22.36
CA VAL B 261 34.10 -16.21 23.59
C VAL B 261 35.59 -15.92 23.66
N CYS B 262 36.01 -15.39 24.81
CA CYS B 262 37.35 -14.86 25.00
C CYS B 262 38.08 -15.59 26.13
N PRO B 263 39.45 -15.60 26.11
CA PRO B 263 40.20 -16.18 27.22
C PRO B 263 40.14 -15.39 28.54
N THR B 264 39.93 -14.07 28.47
CA THR B 264 39.96 -13.23 29.69
C THR B 264 38.81 -12.22 29.78
N VAL B 265 38.44 -11.88 31.00
CA VAL B 265 37.40 -10.88 31.30
C VAL B 265 37.75 -9.57 30.61
N ASP B 266 39.04 -9.25 30.64
CA ASP B 266 39.56 -8.04 30.03
C ASP B 266 39.52 -8.05 28.50
N GLU B 267 39.85 -9.19 27.90
CA GLU B 267 39.75 -9.38 26.45
C GLU B 267 38.30 -9.31 25.96
N THR B 268 37.37 -9.75 26.80
CA THR B 268 35.94 -9.62 26.53
C THR B 268 35.52 -8.15 26.39
N GLU B 269 36.02 -7.29 27.29
CA GLU B 269 35.69 -5.85 27.26
C GLU B 269 36.20 -5.17 26.00
N ARG B 270 37.45 -5.48 25.62
CA ARG B 270 38.03 -5.07 24.33
C ARG B 270 37.16 -5.50 23.15
N VAL B 271 36.87 -6.80 23.06
CA VAL B 271 36.04 -7.34 21.98
C VAL B 271 34.63 -6.72 22.01
N PHE B 272 33.98 -6.74 23.19
CA PHE B 272 32.64 -6.14 23.34
C PHE B 272 32.63 -4.68 22.86
N GLY B 273 33.66 -3.93 23.26
CA GLY B 273 33.92 -2.59 22.75
C GLY B 273 33.96 -2.48 21.22
N GLN B 274 34.80 -3.28 20.56
CA GLN B 274 34.85 -3.22 19.10
C GLN B 274 33.55 -3.66 18.42
N LEU B 275 32.87 -4.65 19.00
CA LEU B 275 31.58 -5.12 18.46
C LEU B 275 30.65 -3.92 18.40
N ASN B 276 30.64 -3.14 19.47
CA ASN B 276 29.86 -1.90 19.58
C ASN B 276 30.26 -0.87 18.56
N SER B 277 31.56 -0.62 18.45
CA SER B 277 32.14 0.26 17.43
C SER B 277 31.76 -0.17 15.99
N THR B 278 31.69 -1.48 15.76
CA THR B 278 31.29 -2.01 14.46
C THR B 278 29.80 -1.73 14.19
N VAL B 279 28.94 -2.01 15.17
CA VAL B 279 27.51 -1.68 15.09
C VAL B 279 27.30 -0.18 14.77
N ARG B 280 28.06 0.68 15.47
CA ARG B 280 28.05 2.12 15.24
C ARG B 280 28.21 2.51 13.76
N ARG B 281 29.13 1.84 13.03
CA ARG B 281 29.43 2.17 11.62
C ARG B 281 28.43 1.61 10.63
N ILE B 282 27.65 0.62 11.06
CA ILE B 282 26.76 -0.06 10.12
C ILE B 282 25.34 0.48 10.23
N TYR B 283 24.83 0.56 11.46
CA TYR B 283 23.41 0.89 11.68
C TYR B 283 23.07 1.53 13.03
N SER B 284 24.08 1.97 13.78
CA SER B 284 23.94 2.63 15.09
C SER B 284 23.41 1.77 16.23
N SER B 285 22.18 1.27 16.11
CA SER B 285 21.61 0.38 17.11
C SER B 285 20.55 -0.56 16.49
N PRO B 286 20.29 -1.73 17.11
CA PRO B 286 19.31 -2.69 16.54
C PRO B 286 17.83 -2.31 16.82
N PRO B 287 16.85 -2.97 16.14
CA PRO B 287 15.43 -2.60 16.26
C PRO B 287 14.74 -2.94 17.60
N SER B 288 14.06 -1.97 18.18
CA SER B 288 13.33 -2.15 19.42
C SER B 288 12.32 -3.32 19.49
N HIS B 289 11.41 -3.43 18.54
CA HIS B 289 10.32 -4.41 18.63
C HIS B 289 10.83 -5.85 18.77
N GLY B 290 11.69 -6.25 17.84
CA GLY B 290 12.19 -7.61 17.79
C GLY B 290 12.99 -7.91 19.03
N GLY B 291 13.85 -6.97 19.41
CA GLY B 291 14.60 -7.08 20.65
C GLY B 291 13.72 -7.37 21.85
N ARG B 292 12.66 -6.57 22.00
CA ARG B 292 11.68 -6.77 23.07
C ARG B 292 11.04 -8.14 23.04
N VAL B 293 10.62 -8.61 21.86
CA VAL B 293 10.02 -9.95 21.77
C VAL B 293 11.01 -11.03 22.28
N VAL B 294 12.27 -10.93 21.86
CA VAL B 294 13.32 -11.84 22.29
C VAL B 294 13.52 -11.74 23.81
N ASP B 295 13.60 -10.51 24.30
CA ASP B 295 13.76 -10.22 25.71
C ASP B 295 12.64 -10.87 26.55
N ILE B 296 11.40 -10.61 26.19
CA ILE B 296 10.23 -11.19 26.85
C ILE B 296 10.18 -12.74 26.78
N VAL B 297 10.35 -13.29 25.60
CA VAL B 297 10.16 -14.73 25.42
C VAL B 297 11.30 -15.55 26.06
N MET B 298 12.51 -15.01 26.06
CA MET B 298 13.65 -15.72 26.62
C MET B 298 13.68 -15.59 28.13
N ASN B 299 13.36 -14.41 28.65
CA ASN B 299 13.57 -14.11 30.06
C ASN B 299 12.32 -14.20 30.93
N ASP B 300 11.19 -14.56 30.32
CA ASP B 300 9.99 -14.97 31.04
C ASP B 300 10.03 -16.51 31.10
N ALA B 301 10.14 -17.04 32.31
CA ALA B 301 10.25 -18.49 32.54
C ALA B 301 9.14 -19.32 31.90
N ALA B 302 7.87 -19.03 32.21
CA ALA B 302 6.74 -19.75 31.62
C ALA B 302 6.76 -19.61 30.10
N LEU B 303 6.94 -18.38 29.57
CA LEU B 303 6.95 -18.15 28.12
C LEU B 303 8.09 -18.93 27.49
N HIS B 304 9.26 -18.93 28.11
CA HIS B 304 10.38 -19.73 27.63
C HIS B 304 10.02 -21.20 27.48
N GLU B 305 9.43 -21.80 28.51
CA GLU B 305 8.93 -23.18 28.47
C GLU B 305 7.91 -23.40 27.34
N GLN B 306 7.01 -22.45 27.16
CA GLN B 306 5.99 -22.57 26.16
C GLN B 306 6.64 -22.50 24.77
N TRP B 307 7.58 -21.56 24.62
CA TRP B 307 8.35 -21.42 23.41
C TRP B 307 9.11 -22.69 23.03
N VAL B 308 9.91 -23.21 23.95
CA VAL B 308 10.56 -24.51 23.78
C VAL B 308 9.57 -25.59 23.29
N GLY B 309 8.40 -25.68 23.91
CA GLY B 309 7.34 -26.58 23.50
C GLY B 309 6.89 -26.39 22.07
N GLU B 310 6.63 -25.13 21.71
CA GLU B 310 6.17 -24.79 20.37
C GLU B 310 7.25 -25.10 19.31
N VAL B 311 8.51 -24.90 19.66
CA VAL B 311 9.62 -25.25 18.78
C VAL B 311 9.67 -26.77 18.59
N TYR B 312 9.47 -27.53 19.67
CA TYR B 312 9.53 -28.97 19.57
C TYR B 312 8.34 -29.50 18.78
N ALA B 313 7.21 -28.80 18.85
CA ALA B 313 6.06 -29.15 18.02
C ALA B 313 6.40 -29.00 16.53
N MET B 314 7.14 -27.96 16.19
CA MET B 314 7.64 -27.76 14.83
C MET B 314 8.66 -28.84 14.48
N ARG B 315 9.62 -29.04 15.38
CA ARG B 315 10.65 -30.08 15.25
C ARG B 315 9.98 -31.41 14.90
N ASP B 316 9.06 -31.83 15.75
CA ASP B 316 8.29 -33.05 15.58
C ASP B 316 7.43 -33.11 14.32
N ARG B 317 6.86 -31.98 13.89
CA ARG B 317 6.09 -31.95 12.64
C ARG B 317 6.96 -32.24 11.42
N ILE B 318 8.14 -31.61 11.37
CA ILE B 318 9.17 -31.94 10.37
C ILE B 318 9.57 -33.46 10.36
N LYS B 319 9.81 -34.03 11.53
CA LYS B 319 10.15 -35.44 11.65
C LYS B 319 8.97 -36.33 11.27
N SER B 320 7.76 -35.85 11.53
CA SER B 320 6.51 -36.54 11.16
C SER B 320 6.36 -36.64 9.65
N MET B 321 6.83 -35.62 8.94
CA MET B 321 6.74 -35.58 7.48
C MET B 321 7.88 -36.37 6.84
N ARG B 322 9.04 -36.34 7.47
CA ARG B 322 10.20 -37.15 7.07
C ARG B 322 9.90 -38.64 7.18
N THR B 323 9.20 -39.02 8.27
CA THR B 323 8.79 -40.41 8.52
C THR B 323 7.77 -40.87 7.47
N LYS B 324 6.70 -40.09 7.30
CA LYS B 324 5.61 -40.45 6.37
C LYS B 324 6.09 -40.63 4.95
N LEU B 325 6.93 -39.69 4.50
CA LEU B 325 7.54 -39.72 3.19
C LEU B 325 8.38 -40.97 2.95
N LYS B 326 9.26 -41.28 3.90
CA LYS B 326 10.14 -42.45 3.86
C LYS B 326 9.33 -43.73 3.79
N SER B 327 8.28 -43.81 4.60
CA SER B 327 7.44 -45.00 4.67
C SER B 327 6.62 -45.24 3.40
N VAL B 328 6.27 -44.17 2.69
CA VAL B 328 5.64 -44.30 1.37
C VAL B 328 6.68 -44.75 0.35
N LEU B 329 7.84 -44.08 0.36
CA LEU B 329 8.95 -44.43 -0.53
C LEU B 329 9.43 -45.89 -0.41
N GLU B 330 9.65 -46.33 0.83
CA GLU B 330 10.16 -47.67 1.13
C GLU B 330 9.13 -48.76 0.87
N ALA B 331 7.84 -48.38 0.90
CA ALA B 331 6.75 -49.26 0.53
C ALA B 331 6.83 -49.66 -0.95
N LYS B 332 7.50 -48.83 -1.75
CA LYS B 332 7.58 -49.00 -3.21
C LYS B 332 8.99 -49.33 -3.74
N ILE B 333 10.01 -48.80 -3.06
CA ILE B 333 11.43 -48.97 -3.46
C ILE B 333 12.23 -49.66 -2.34
N SER B 334 12.93 -50.73 -2.70
CA SER B 334 13.57 -51.62 -1.74
C SER B 334 15.10 -51.50 -1.67
N GLY B 335 15.74 -51.34 -2.83
CA GLY B 335 17.21 -51.28 -2.92
C GLY B 335 17.93 -50.06 -2.35
N ARG B 336 17.23 -48.92 -2.25
CA ARG B 336 17.82 -47.72 -1.65
C ARG B 336 17.58 -47.76 -0.15
N ASN B 337 18.53 -47.20 0.59
CA ASN B 337 18.38 -47.01 2.01
C ASN B 337 18.04 -45.55 2.31
N PHE B 338 16.75 -45.33 2.59
CA PHE B 338 16.18 -44.00 2.79
C PHE B 338 16.37 -43.48 4.22
N ASP B 339 17.13 -44.22 5.04
CA ASP B 339 17.38 -43.83 6.44
C ASP B 339 17.92 -42.43 6.56
N TYR B 340 18.65 -42.00 5.51
CA TYR B 340 19.23 -40.65 5.42
C TYR B 340 18.17 -39.54 5.52
N LEU B 341 16.97 -39.78 4.97
CA LEU B 341 15.86 -38.87 5.14
C LEU B 341 15.55 -38.64 6.63
N THR B 342 15.49 -39.71 7.42
CA THR B 342 15.33 -39.57 8.87
C THR B 342 16.64 -39.28 9.61
N ALA B 343 17.79 -39.64 9.00
CA ALA B 343 19.11 -39.34 9.56
C ALA B 343 19.45 -37.85 9.51
N GLN B 344 18.87 -37.14 8.53
CA GLN B 344 19.05 -35.71 8.41
C GLN B 344 18.25 -34.96 9.45
N ASN B 345 18.63 -33.70 9.66
CA ASN B 345 18.01 -32.85 10.66
C ASN B 345 17.59 -31.47 10.17
N GLY B 346 16.68 -30.86 10.91
CA GLY B 346 16.14 -29.55 10.54
C GLY B 346 15.18 -29.62 9.37
N MET B 347 14.93 -28.48 8.74
CA MET B 347 13.91 -28.44 7.70
C MET B 347 14.43 -28.68 6.30
N PHE B 348 15.76 -28.80 6.17
CA PHE B 348 16.32 -29.06 4.85
C PHE B 348 16.72 -30.49 4.63
N SER B 349 16.49 -30.95 3.39
CA SER B 349 16.82 -32.30 2.99
C SER B 349 17.36 -32.29 1.58
N PHE B 350 18.63 -32.64 1.45
CA PHE B 350 19.17 -33.09 0.17
C PHE B 350 18.57 -34.46 -0.10
N THR B 351 17.68 -34.51 -1.09
CA THR B 351 16.89 -35.71 -1.36
C THR B 351 17.69 -36.72 -2.19
N GLY B 352 18.85 -36.29 -2.69
CA GLY B 352 19.71 -37.16 -3.49
C GLY B 352 19.15 -37.49 -4.85
N LEU B 353 18.23 -36.64 -5.33
CA LEU B 353 17.74 -36.73 -6.69
C LEU B 353 18.68 -36.01 -7.65
N THR B 354 18.89 -36.64 -8.81
CA THR B 354 19.67 -36.04 -9.90
C THR B 354 19.03 -34.71 -10.33
N PRO B 355 19.85 -33.73 -10.77
CA PRO B 355 19.28 -32.48 -11.30
C PRO B 355 18.19 -32.72 -12.36
N GLU B 356 18.34 -33.78 -13.15
CA GLU B 356 17.34 -34.23 -14.13
C GLU B 356 16.02 -34.68 -13.50
N GLN B 357 16.12 -35.42 -12.39
CA GLN B 357 14.95 -35.87 -11.62
C GLN B 357 14.21 -34.72 -10.95
N VAL B 358 14.95 -33.68 -10.56
CA VAL B 358 14.37 -32.46 -9.98
C VAL B 358 13.51 -31.73 -11.03
N GLU B 359 14.06 -31.62 -12.23
CA GLU B 359 13.39 -31.06 -13.39
C GLU B 359 12.10 -31.78 -13.72
N ARG B 360 12.17 -33.12 -13.76
CA ARG B 360 11.01 -33.99 -13.99
C ARG B 360 9.86 -33.69 -13.01
N LEU B 361 10.17 -33.57 -11.72
CA LEU B 361 9.17 -33.26 -10.70
C LEU B 361 8.52 -31.90 -10.93
N GLN B 362 9.30 -30.94 -11.41
CA GLN B 362 8.81 -29.60 -11.71
C GLN B 362 7.81 -29.66 -12.85
N SER B 363 8.26 -30.11 -14.03
CA SER B 363 7.44 -30.10 -15.24
C SER B 363 6.26 -31.08 -15.23
N GLU B 364 6.34 -32.15 -14.45
CA GLU B 364 5.23 -33.11 -14.41
C GLU B 364 4.26 -32.88 -13.26
N PHE B 365 4.75 -32.40 -12.12
CA PHE B 365 3.95 -32.32 -10.90
C PHE B 365 3.82 -30.94 -10.30
N GLY B 366 4.71 -30.03 -10.71
CA GLY B 366 4.72 -28.68 -10.15
C GLY B 366 5.27 -28.71 -8.74
N ILE B 367 6.07 -29.74 -8.46
CA ILE B 367 6.73 -29.85 -7.19
C ILE B 367 8.12 -29.25 -7.41
N TYR B 368 8.40 -28.18 -6.65
CA TYR B 368 9.60 -27.37 -6.84
C TYR B 368 10.69 -27.56 -5.78
N MET B 369 11.77 -28.23 -6.20
CA MET B 369 12.99 -28.38 -5.40
C MET B 369 14.12 -27.63 -6.08
N ILE B 370 15.15 -27.28 -5.31
CA ILE B 370 16.40 -26.72 -5.86
C ILE B 370 17.19 -27.82 -6.58
N SER B 371 17.73 -27.51 -7.75
CA SER B 371 18.34 -28.54 -8.61
C SER B 371 19.49 -29.37 -7.97
N ASN B 372 19.94 -28.97 -6.78
CA ASN B 372 20.93 -29.72 -5.99
C ASN B 372 20.30 -30.79 -5.09
N SER B 373 19.01 -31.07 -5.33
CA SER B 373 18.18 -32.04 -4.60
C SER B 373 17.58 -31.52 -3.29
N ARG B 374 17.73 -30.22 -3.03
CA ARG B 374 17.27 -29.65 -1.76
C ARG B 374 15.78 -29.45 -1.69
N MET B 375 15.22 -29.88 -0.58
CA MET B 375 13.80 -29.80 -0.32
C MET B 375 13.62 -29.20 1.07
N CYS B 376 12.64 -28.33 1.21
CA CYS B 376 12.24 -27.90 2.53
C CYS B 376 11.09 -28.79 3.02
N VAL B 377 11.40 -29.62 3.99
CA VAL B 377 10.46 -30.60 4.54
C VAL B 377 9.23 -29.92 5.11
N ALA B 378 9.41 -28.69 5.62
CA ALA B 378 8.33 -27.92 6.27
C ALA B 378 7.25 -27.48 5.30
N GLY B 379 7.54 -27.55 4.00
CA GLY B 379 6.54 -27.37 2.96
C GLY B 379 5.57 -28.53 2.83
N LEU B 380 5.94 -29.70 3.37
CA LEU B 380 5.05 -30.86 3.38
C LEU B 380 4.17 -30.78 4.60
N ASN B 381 2.91 -31.05 4.38
CA ASN B 381 1.87 -31.11 5.40
C ASN B 381 0.92 -32.24 4.95
N SER B 382 -0.10 -32.57 5.76
CA SER B 382 -0.97 -33.70 5.43
C SER B 382 -1.75 -33.63 4.09
N SER B 383 -1.95 -32.43 3.55
CA SER B 383 -2.69 -32.26 2.29
C SER B 383 -1.84 -32.29 1.02
N ASN B 384 -0.53 -32.47 1.15
CA ASN B 384 0.33 -32.65 -0.03
C ASN B 384 1.31 -33.83 0.05
N ILE B 385 1.50 -34.34 1.27
CA ILE B 385 2.45 -35.42 1.54
C ILE B 385 2.31 -36.64 0.62
N ASP B 386 1.07 -37.11 0.44
CA ASP B 386 0.76 -38.25 -0.44
C ASP B 386 0.99 -37.91 -1.91
N TYR B 387 0.54 -36.72 -2.33
CA TYR B 387 0.80 -36.17 -3.67
C TYR B 387 2.30 -36.16 -3.99
N VAL B 388 3.09 -35.66 -3.04
CA VAL B 388 4.53 -35.45 -3.22
C VAL B 388 5.29 -36.77 -3.12
N ALA B 389 4.96 -37.59 -2.13
CA ALA B 389 5.59 -38.92 -1.97
C ALA B 389 5.42 -39.79 -3.20
N ASN B 390 4.20 -39.81 -3.74
CA ASN B 390 3.85 -40.61 -4.92
C ASN B 390 4.51 -40.09 -6.19
N ALA B 391 4.52 -38.78 -6.34
CA ALA B 391 5.24 -38.13 -7.44
C ALA B 391 6.72 -38.50 -7.44
N MET B 392 7.31 -38.56 -6.25
CA MET B 392 8.71 -38.97 -6.09
C MET B 392 8.96 -40.42 -6.49
N VAL B 393 8.02 -41.31 -6.17
CA VAL B 393 8.19 -42.73 -6.54
C VAL B 393 8.26 -42.87 -8.06
N ASP B 394 7.49 -42.04 -8.77
CA ASP B 394 7.38 -42.08 -10.24
C ASP B 394 8.67 -41.68 -10.95
N VAL B 395 9.31 -40.62 -10.45
CA VAL B 395 10.54 -40.10 -11.03
C VAL B 395 11.73 -41.03 -10.75
N LEU B 396 11.72 -41.62 -9.56
CA LEU B 396 12.65 -42.67 -9.20
C LEU B 396 12.40 -44.00 -9.96
N LYS B 397 11.13 -44.30 -10.26
CA LYS B 397 10.75 -45.49 -11.06
C LYS B 397 11.00 -45.33 -12.56
N ASP B 398 10.93 -44.10 -13.06
CA ASP B 398 11.32 -43.77 -14.42
C ASP B 398 12.85 -43.78 -14.51
N MET C 1 -44.15 13.96 -24.59
CA MET C 1 -42.67 14.24 -24.46
C MET C 1 -41.85 12.99 -24.11
N PHE C 2 -42.33 12.23 -23.11
CA PHE C 2 -41.71 10.95 -22.73
C PHE C 2 -42.64 9.76 -22.97
N GLU C 3 -43.72 9.99 -23.74
CA GLU C 3 -44.71 8.96 -24.08
C GLU C 3 -44.13 7.88 -25.00
N ARG C 4 -43.12 8.29 -25.80
CA ARG C 4 -42.42 7.42 -26.75
C ARG C 4 -41.46 6.39 -26.08
N ILE C 5 -40.99 6.73 -24.87
CA ILE C 5 -40.10 5.85 -24.05
C ILE C 5 -40.86 4.59 -23.63
N ASP C 6 -40.21 3.42 -23.74
CA ASP C 6 -40.86 2.15 -23.40
C ASP C 6 -40.72 1.79 -21.91
N TYR C 7 -41.73 1.10 -21.39
CA TYR C 7 -41.68 0.56 -20.01
C TYR C 7 -40.57 -0.45 -19.91
N TYR C 8 -39.73 -0.30 -18.89
CA TYR C 8 -38.68 -1.28 -18.62
C TYR C 8 -39.25 -2.44 -17.82
N ALA C 9 -39.21 -3.63 -18.42
CA ALA C 9 -39.79 -4.87 -17.88
C ALA C 9 -39.31 -5.26 -16.47
N GLY C 10 -38.16 -4.72 -16.05
CA GLY C 10 -37.58 -5.01 -14.74
C GLY C 10 -36.48 -6.05 -14.87
N ASP C 11 -35.46 -5.95 -14.01
CA ASP C 11 -34.38 -6.96 -13.92
C ASP C 11 -34.95 -8.26 -13.34
N PRO C 12 -34.73 -9.40 -14.04
CA PRO C 12 -35.26 -10.69 -13.53
C PRO C 12 -34.72 -11.09 -12.14
N ILE C 13 -33.41 -10.92 -11.92
CA ILE C 13 -32.75 -11.29 -10.66
C ILE C 13 -33.06 -10.31 -9.52
N LEU C 14 -32.82 -9.01 -9.75
CA LEU C 14 -32.99 -7.97 -8.71
C LEU C 14 -34.46 -7.65 -8.33
N GLY C 15 -35.37 -7.79 -9.29
CA GLY C 15 -36.81 -7.70 -9.03
C GLY C 15 -37.31 -8.82 -8.12
N LEU C 16 -36.68 -9.98 -8.24
CA LEU C 16 -36.98 -11.18 -7.45
C LEU C 16 -36.67 -11.02 -5.96
N VAL C 17 -35.63 -10.24 -5.64
CA VAL C 17 -35.22 -9.94 -4.24
C VAL C 17 -36.32 -9.17 -3.50
N GLU C 18 -36.98 -8.26 -4.23
CA GLU C 18 -38.05 -7.43 -3.71
C GLU C 18 -39.31 -8.24 -3.51
N LYS C 19 -39.55 -9.22 -4.40
CA LYS C 19 -40.64 -10.18 -4.24
C LYS C 19 -40.46 -11.06 -2.99
N PHE C 20 -39.20 -11.38 -2.68
CA PHE C 20 -38.82 -12.14 -1.49
C PHE C 20 -39.01 -11.33 -0.20
N ALA C 21 -38.49 -10.10 -0.16
CA ALA C 21 -38.71 -9.17 0.95
C ALA C 21 -40.18 -8.77 1.12
N ALA C 22 -40.89 -8.55 0.00
CA ALA C 22 -42.32 -8.24 -0.01
C ALA C 22 -43.18 -9.43 0.41
N ASP C 23 -42.69 -10.65 0.15
CA ASP C 23 -43.33 -11.88 0.63
C ASP C 23 -43.20 -11.99 2.14
N ASN C 24 -44.32 -12.30 2.78
CA ASN C 24 -44.40 -12.44 4.23
C ASN C 24 -44.77 -13.86 4.62
N ASN C 25 -43.87 -14.79 4.29
CA ASN C 25 -43.98 -16.20 4.64
C ASN C 25 -43.03 -16.48 5.81
N PRO C 26 -43.46 -17.31 6.80
CA PRO C 26 -42.54 -17.66 7.90
C PRO C 26 -41.29 -18.42 7.42
N ASP C 27 -41.49 -19.33 6.44
CA ASP C 27 -40.47 -20.24 5.94
C ASP C 27 -39.96 -19.84 4.54
N LYS C 28 -40.03 -18.56 4.22
CA LYS C 28 -39.56 -18.04 2.92
C LYS C 28 -38.08 -18.31 2.75
N VAL C 29 -37.67 -18.69 1.53
CA VAL C 29 -36.29 -19.10 1.22
C VAL C 29 -35.83 -18.49 -0.10
N ASN C 30 -34.74 -17.73 -0.06
CA ASN C 30 -34.20 -17.09 -1.25
C ASN C 30 -33.02 -17.81 -1.89
N LEU C 31 -33.30 -18.53 -2.96
CA LEU C 31 -32.27 -19.20 -3.77
C LEU C 31 -32.20 -18.52 -5.14
N GLY C 32 -32.57 -17.22 -5.14
CA GLY C 32 -32.69 -16.41 -6.34
C GLY C 32 -31.42 -15.67 -6.72
N ILE C 33 -30.91 -14.86 -5.81
CA ILE C 33 -29.72 -14.03 -6.08
C ILE C 33 -28.45 -14.73 -5.60
N GLY C 34 -27.34 -14.46 -6.28
CA GLY C 34 -26.04 -15.06 -5.99
C GLY C 34 -25.29 -14.45 -4.80
N ILE C 35 -25.99 -14.41 -3.66
CA ILE C 35 -25.46 -13.97 -2.38
C ILE C 35 -25.23 -15.22 -1.49
N TYR C 36 -24.14 -15.20 -0.72
CA TYR C 36 -23.92 -16.20 0.35
C TYR C 36 -24.59 -15.85 1.68
N TYR C 37 -25.36 -16.79 2.23
CA TYR C 37 -25.98 -16.66 3.54
C TYR C 37 -25.37 -17.66 4.48
N ASP C 38 -25.13 -17.25 5.72
CA ASP C 38 -24.52 -18.15 6.71
C ASP C 38 -25.52 -19.21 7.19
N GLU C 39 -25.07 -20.11 8.06
CA GLU C 39 -25.91 -21.16 8.67
C GLU C 39 -27.17 -20.62 9.35
N SER C 40 -27.08 -19.38 9.83
CA SER C 40 -28.21 -18.66 10.45
C SER C 40 -29.21 -18.13 9.42
N GLY C 41 -28.82 -18.13 8.15
CA GLY C 41 -29.64 -17.62 7.06
C GLY C 41 -29.38 -16.18 6.67
N VAL C 42 -28.41 -15.53 7.30
CA VAL C 42 -28.19 -14.10 7.11
C VAL C 42 -26.92 -13.81 6.31
N MET C 43 -26.89 -12.66 5.65
CA MET C 43 -25.70 -12.24 4.93
C MET C 43 -24.59 -11.84 5.91
N PRO C 44 -23.46 -12.60 5.93
CA PRO C 44 -22.39 -12.30 6.89
C PRO C 44 -21.57 -11.04 6.56
N VAL C 45 -21.01 -10.44 7.61
CA VAL C 45 -19.91 -9.50 7.46
C VAL C 45 -18.66 -10.27 7.83
N LEU C 46 -17.76 -10.50 6.87
CA LEU C 46 -16.50 -11.22 7.14
C LEU C 46 -15.73 -10.51 8.26
N ASP C 47 -15.05 -11.29 9.12
CA ASP C 47 -14.30 -10.69 10.23
C ASP C 47 -13.16 -9.79 9.74
N CYS C 48 -12.49 -10.24 8.68
CA CYS C 48 -11.42 -9.43 8.07
C CYS C 48 -11.90 -8.08 7.55
N VAL C 49 -13.10 -8.06 6.97
CA VAL C 49 -13.72 -6.85 6.48
C VAL C 49 -14.00 -5.93 7.67
N LYS C 50 -14.57 -6.52 8.71
CA LYS C 50 -14.88 -5.83 9.95
C LYS C 50 -13.65 -5.10 10.52
N ILE C 51 -12.54 -5.82 10.63
CA ILE C 51 -11.30 -5.17 11.07
C ILE C 51 -10.93 -4.04 10.12
N ALA C 52 -10.96 -4.31 8.81
CA ALA C 52 -10.59 -3.30 7.81
C ALA C 52 -11.46 -2.04 7.99
N GLU C 53 -12.77 -2.23 8.14
CA GLU C 53 -13.68 -1.11 8.21
C GLU C 53 -13.50 -0.33 9.49
N GLN C 54 -13.06 -1.00 10.54
CA GLN C 54 -12.75 -0.32 11.80
C GLN C 54 -11.51 0.53 11.69
N ARG C 55 -10.61 0.16 10.79
CA ARG C 55 -9.41 0.94 10.51
C ARG C 55 -9.77 2.19 9.74
N ILE C 56 -10.55 2.02 8.67
CA ILE C 56 -11.01 3.14 7.85
C ILE C 56 -11.70 4.17 8.71
N ALA C 57 -12.46 3.71 9.70
CA ALA C 57 -13.25 4.57 10.57
C ALA C 57 -12.43 5.19 11.71
N ASP C 58 -11.15 4.89 11.76
CA ASP C 58 -10.35 5.29 12.93
C ASP C 58 -8.91 5.68 12.57
N PRO C 59 -8.65 6.95 12.21
CA PRO C 59 -9.67 8.01 12.17
C PRO C 59 -10.32 8.18 10.80
N ILE C 60 -11.35 9.00 10.76
CA ILE C 60 -12.01 9.31 9.52
C ILE C 60 -11.14 10.27 8.71
N SER C 61 -10.73 9.79 7.54
CA SER C 61 -9.89 10.47 6.57
C SER C 61 -10.65 11.46 5.69
N PRO C 62 -9.96 12.54 5.22
CA PRO C 62 -10.53 13.36 4.14
C PRO C 62 -10.75 12.49 2.89
N ARG C 63 -11.65 12.89 2.01
CA ARG C 63 -12.06 12.02 0.93
C ARG C 63 -11.75 12.54 -0.47
N PRO C 64 -10.46 12.62 -0.80
CA PRO C 64 -10.16 13.04 -2.18
C PRO C 64 -10.56 11.98 -3.21
N TYR C 65 -10.70 12.40 -4.47
CA TYR C 65 -10.79 11.48 -5.59
C TYR C 65 -9.67 10.45 -5.53
N LEU C 66 -10.03 9.18 -5.66
CA LEU C 66 -9.05 8.16 -5.97
C LEU C 66 -8.47 8.41 -7.37
N PRO C 67 -7.27 7.84 -7.68
CA PRO C 67 -6.85 7.83 -9.08
C PRO C 67 -7.95 7.15 -9.90
N MET C 68 -8.02 7.43 -11.19
CA MET C 68 -9.06 6.83 -12.04
C MET C 68 -8.99 5.31 -12.03
N ALA C 69 -7.76 4.78 -11.93
CA ALA C 69 -7.50 3.35 -11.78
C ALA C 69 -7.73 2.80 -10.38
N GLY C 70 -8.21 3.64 -9.46
CA GLY C 70 -8.38 3.27 -8.08
C GLY C 70 -7.05 3.21 -7.34
N LEU C 71 -7.08 2.53 -6.20
CA LEU C 71 -5.97 2.48 -5.26
C LEU C 71 -4.87 1.50 -5.72
N PRO C 72 -3.59 1.89 -5.57
CA PRO C 72 -2.49 0.98 -5.88
C PRO C 72 -2.66 -0.41 -5.26
N GLY C 73 -2.91 -0.46 -3.95
CA GLY C 73 -3.09 -1.70 -3.24
C GLY C 73 -4.31 -2.51 -3.67
N HIS C 74 -5.32 -1.84 -4.18
CA HIS C 74 -6.53 -2.50 -4.67
C HIS C 74 -6.15 -3.20 -5.98
N ARG C 75 -5.55 -2.44 -6.89
CA ARG C 75 -4.99 -2.98 -8.13
C ARG C 75 -4.01 -4.14 -7.91
N LYS C 76 -3.00 -3.93 -7.06
CA LYS C 76 -2.05 -4.98 -6.71
C LYS C 76 -2.76 -6.25 -6.19
N GLY C 77 -3.79 -6.05 -5.35
CA GLY C 77 -4.58 -7.12 -4.76
C GLY C 77 -5.36 -7.95 -5.75
N CYS C 78 -6.01 -7.28 -6.69
CA CYS C 78 -6.61 -7.92 -7.86
C CYS C 78 -5.60 -8.75 -8.63
N GLN C 79 -4.43 -8.16 -8.90
CA GLN C 79 -3.42 -8.78 -9.73
C GLN C 79 -2.84 -10.05 -9.11
N GLU C 80 -2.47 -9.95 -7.84
CA GLU C 80 -1.91 -11.06 -7.08
C GLU C 80 -2.90 -12.24 -6.92
N LEU C 81 -4.18 -11.92 -6.80
CA LEU C 81 -5.20 -12.91 -6.65
C LEU C 81 -5.42 -13.68 -7.96
N LEU C 82 -5.45 -12.95 -9.07
CA LEU C 82 -5.73 -13.54 -10.38
C LEU C 82 -4.55 -14.27 -10.98
N PHE C 83 -3.36 -13.70 -10.85
CA PHE C 83 -2.18 -14.21 -11.57
C PHE C 83 -1.18 -14.93 -10.69
N GLY C 84 -1.28 -14.67 -9.38
CA GLY C 84 -0.38 -15.24 -8.37
C GLY C 84 0.59 -14.20 -7.83
N LYS C 85 0.84 -14.25 -6.53
CA LYS C 85 1.89 -13.44 -5.94
C LYS C 85 3.19 -13.81 -6.63
N ASP C 86 3.99 -12.78 -6.97
CA ASP C 86 5.31 -12.90 -7.63
C ASP C 86 5.26 -13.49 -9.05
N ALA C 87 4.09 -13.41 -9.68
CA ALA C 87 3.89 -13.93 -11.04
C ALA C 87 4.77 -13.15 -12.03
N PRO C 88 5.41 -13.85 -12.99
CA PRO C 88 6.39 -13.16 -13.83
C PRO C 88 5.73 -12.09 -14.66
N VAL C 89 4.49 -12.34 -15.08
CA VAL C 89 3.72 -11.39 -15.87
C VAL C 89 3.53 -10.05 -15.12
N LEU C 90 3.46 -10.15 -13.80
CA LEU C 90 3.35 -8.99 -12.92
C LEU C 90 4.72 -8.35 -12.78
N LYS C 91 5.74 -9.18 -12.59
CA LYS C 91 7.09 -8.71 -12.40
C LYS C 91 7.59 -8.05 -13.68
N ASP C 92 7.17 -8.56 -14.83
CA ASP C 92 7.52 -7.98 -16.11
C ASP C 92 6.72 -6.71 -16.45
N GLY C 93 5.73 -6.41 -15.61
CA GLY C 93 4.87 -5.22 -15.77
C GLY C 93 3.92 -5.30 -16.95
N LEU C 94 3.34 -6.49 -17.18
CA LEU C 94 2.64 -6.77 -18.44
C LEU C 94 1.13 -6.75 -18.34
N VAL C 95 0.62 -6.47 -17.15
CA VAL C 95 -0.82 -6.45 -16.91
C VAL C 95 -1.21 -5.01 -16.54
N ALA C 96 -2.19 -4.47 -17.26
CA ALA C 96 -2.79 -3.18 -16.93
C ALA C 96 -4.06 -3.43 -16.15
N THR C 97 -4.14 -2.89 -14.93
CA THR C 97 -5.25 -3.15 -14.01
C THR C 97 -5.84 -1.87 -13.44
N ILE C 98 -7.16 -1.79 -13.49
CA ILE C 98 -7.91 -0.72 -12.84
C ILE C 98 -8.93 -1.26 -11.83
N ALA C 99 -9.16 -0.51 -10.75
CA ALA C 99 -10.29 -0.76 -9.84
C ALA C 99 -11.56 -0.39 -10.59
N THR C 100 -12.61 -1.17 -10.38
CA THR C 100 -13.86 -0.97 -11.09
C THR C 100 -15.04 -1.10 -10.12
N ILE C 101 -16.19 -0.65 -10.61
CA ILE C 101 -17.44 -0.67 -9.87
C ILE C 101 -18.02 -2.06 -10.05
N GLY C 102 -17.52 -2.96 -9.20
CA GLY C 102 -17.81 -4.37 -9.26
C GLY C 102 -17.26 -5.01 -10.52
N GLY C 103 -17.56 -6.29 -10.70
CA GLY C 103 -17.28 -6.99 -11.95
C GLY C 103 -18.02 -6.38 -13.12
N SER C 104 -19.22 -5.84 -12.83
CA SER C 104 -20.07 -5.13 -13.79
C SER C 104 -19.35 -3.95 -14.42
N GLY C 105 -18.69 -3.14 -13.58
CA GLY C 105 -17.92 -1.96 -14.04
C GLY C 105 -16.75 -2.40 -14.87
N ALA C 106 -16.15 -3.53 -14.49
CA ALA C 106 -15.03 -4.10 -15.23
C ALA C 106 -15.47 -4.61 -16.60
N LEU C 107 -16.62 -5.27 -16.65
CA LEU C 107 -17.18 -5.68 -17.92
C LEU C 107 -17.51 -4.49 -18.82
N LYS C 108 -18.10 -3.43 -18.25
CA LYS C 108 -18.43 -2.23 -19.01
C LYS C 108 -17.18 -1.62 -19.66
N VAL C 109 -16.24 -1.19 -18.81
CA VAL C 109 -15.01 -0.56 -19.24
C VAL C 109 -14.32 -1.40 -20.34
N GLY C 110 -14.18 -2.70 -20.06
CA GLY C 110 -13.54 -3.65 -20.97
C GLY C 110 -14.21 -3.71 -22.33
N ALA C 111 -15.54 -3.89 -22.33
CA ALA C 111 -16.31 -3.93 -23.58
C ALA C 111 -16.24 -2.62 -24.35
N GLU C 112 -16.25 -1.50 -23.62
CA GLU C 112 -16.11 -0.19 -24.23
C GLU C 112 -14.75 -0.02 -24.89
N PHE C 113 -13.70 -0.46 -24.20
CA PHE C 113 -12.37 -0.51 -24.79
C PHE C 113 -12.40 -1.33 -26.07
N ILE C 114 -12.95 -2.55 -25.97
CA ILE C 114 -13.06 -3.47 -27.11
C ILE C 114 -13.80 -2.81 -28.26
N HIS C 115 -14.99 -2.27 -27.97
CA HIS C 115 -15.75 -1.54 -28.98
C HIS C 115 -14.93 -0.45 -29.68
N GLU C 116 -14.21 0.35 -28.89
CA GLU C 116 -13.44 1.48 -29.41
C GLU C 116 -12.28 1.06 -30.33
N TRP C 117 -11.49 0.09 -29.87
CA TRP C 117 -10.26 -0.27 -30.58
C TRP C 117 -10.40 -1.45 -31.54
N PHE C 118 -11.45 -2.25 -31.33
CA PHE C 118 -11.75 -3.39 -32.20
C PHE C 118 -13.23 -3.32 -32.59
N PRO C 119 -13.60 -2.38 -33.48
CA PRO C 119 -15.01 -2.11 -33.75
C PRO C 119 -15.71 -3.24 -34.51
N GLN C 120 -14.91 -4.08 -35.17
CA GLN C 120 -15.44 -5.18 -35.97
C GLN C 120 -15.60 -6.45 -35.15
N SER C 121 -15.05 -6.43 -33.94
CA SER C 121 -15.13 -7.56 -33.03
C SER C 121 -16.57 -7.82 -32.61
N LYS C 122 -16.94 -9.09 -32.66
CA LYS C 122 -18.21 -9.56 -32.11
C LYS C 122 -17.90 -10.36 -30.85
N CYS C 123 -18.76 -10.21 -29.84
CA CYS C 123 -18.66 -11.00 -28.62
C CYS C 123 -19.59 -12.20 -28.64
N TYR C 124 -19.16 -13.26 -27.95
CA TYR C 124 -19.92 -14.50 -27.81
C TYR C 124 -19.87 -14.94 -26.36
N VAL C 125 -21.06 -15.16 -25.82
CA VAL C 125 -21.24 -15.52 -24.43
C VAL C 125 -21.75 -16.96 -24.38
N SER C 126 -21.60 -17.62 -23.23
CA SER C 126 -22.09 -19.00 -23.09
C SER C 126 -23.61 -19.12 -23.21
N ASP C 127 -24.08 -20.24 -23.73
CA ASP C 127 -25.50 -20.61 -23.77
C ASP C 127 -25.76 -21.65 -22.66
N PRO C 128 -26.32 -21.23 -21.51
CA PRO C 128 -26.70 -19.84 -21.22
C PRO C 128 -25.60 -19.09 -20.52
N THR C 129 -25.80 -17.80 -20.31
CA THR C 129 -24.89 -17.05 -19.46
C THR C 129 -25.64 -16.26 -18.37
N TRP C 130 -24.90 -15.58 -17.51
CA TRP C 130 -25.46 -14.63 -16.60
C TRP C 130 -26.09 -13.55 -17.46
N GLY C 131 -27.41 -13.39 -17.34
CA GLY C 131 -28.18 -12.43 -18.17
C GLY C 131 -27.50 -11.11 -18.49
N ASN C 132 -26.99 -10.44 -17.45
CA ASN C 132 -26.39 -9.11 -17.59
C ASN C 132 -25.15 -9.03 -18.53
N HIS C 133 -24.47 -10.15 -18.75
CA HIS C 133 -23.39 -10.24 -19.73
C HIS C 133 -23.80 -9.69 -21.10
N ILE C 134 -24.97 -10.13 -21.59
CA ILE C 134 -25.48 -9.71 -22.89
C ILE C 134 -25.79 -8.22 -22.86
N ALA C 135 -26.45 -7.77 -21.79
CA ALA C 135 -26.92 -6.39 -21.65
C ALA C 135 -25.76 -5.40 -21.66
N ILE C 136 -24.68 -5.76 -20.96
CA ILE C 136 -23.52 -4.89 -20.83
C ILE C 136 -22.84 -4.72 -22.19
N PHE C 137 -22.60 -5.83 -22.88
CA PHE C 137 -21.92 -5.81 -24.17
C PHE C 137 -22.68 -5.13 -25.30
N GLU C 138 -23.99 -5.40 -25.38
CA GLU C 138 -24.88 -4.72 -26.34
C GLU C 138 -24.97 -3.21 -26.08
N GLY C 139 -24.90 -2.84 -24.80
CA GLY C 139 -24.86 -1.45 -24.35
C GLY C 139 -23.70 -0.67 -24.94
N CYS C 140 -22.60 -1.38 -25.24
CA CYS C 140 -21.46 -0.77 -25.94
C CYS C 140 -21.58 -0.72 -27.50
N ASP C 141 -22.71 -1.16 -28.05
CA ASP C 141 -22.91 -1.35 -29.50
C ASP C 141 -21.99 -2.43 -30.07
N ILE C 142 -21.87 -3.54 -29.35
CA ILE C 142 -21.17 -4.72 -29.86
C ILE C 142 -22.22 -5.79 -30.14
N GLU C 143 -22.12 -6.43 -31.31
CA GLU C 143 -23.00 -7.52 -31.65
C GLU C 143 -22.65 -8.75 -30.81
N VAL C 144 -23.69 -9.29 -30.14
CA VAL C 144 -23.52 -10.37 -29.17
C VAL C 144 -24.14 -11.64 -29.73
N GLY C 145 -23.41 -12.75 -29.61
CA GLY C 145 -23.91 -14.06 -29.98
C GLY C 145 -23.70 -15.07 -28.88
N LYS C 146 -24.28 -16.25 -29.04
CA LYS C 146 -24.06 -17.37 -28.13
C LYS C 146 -23.08 -18.36 -28.72
N TYR C 147 -22.37 -19.06 -27.84
CA TYR C 147 -21.68 -20.29 -28.24
C TYR C 147 -22.31 -21.47 -27.51
N PRO C 148 -22.43 -22.64 -28.19
CA PRO C 148 -22.98 -23.79 -27.48
C PRO C 148 -22.09 -24.04 -26.28
N TYR C 149 -22.71 -24.08 -25.10
CA TYR C 149 -21.96 -24.40 -23.89
C TYR C 149 -22.65 -25.56 -23.21
N TYR C 150 -23.74 -25.25 -22.51
CA TYR C 150 -24.48 -26.20 -21.72
C TYR C 150 -25.27 -27.17 -22.60
N ASP C 151 -25.06 -28.46 -22.33
CA ASP C 151 -25.84 -29.53 -22.94
C ASP C 151 -27.12 -29.66 -22.12
N THR C 152 -28.13 -28.88 -22.51
CA THR C 152 -29.45 -28.83 -21.86
C THR C 152 -30.13 -30.20 -21.75
N ALA C 153 -29.74 -31.11 -22.64
CA ALA C 153 -30.21 -32.50 -22.61
C ALA C 153 -29.50 -33.36 -21.54
N THR C 154 -28.21 -33.14 -21.32
CA THR C 154 -27.38 -34.01 -20.46
C THR C 154 -26.81 -33.37 -19.15
N GLY C 155 -26.90 -32.05 -19.04
CA GLY C 155 -26.36 -31.37 -17.87
C GLY C 155 -24.83 -31.22 -17.87
N GLY C 156 -24.21 -31.55 -19.00
CA GLY C 156 -22.75 -31.37 -19.20
C GLY C 156 -22.49 -30.31 -20.25
N ILE C 157 -21.29 -30.34 -20.83
CA ILE C 157 -20.87 -29.36 -21.86
C ILE C 157 -20.89 -29.98 -23.27
N LYS C 158 -21.52 -29.28 -24.22
CA LYS C 158 -21.45 -29.65 -25.65
C LYS C 158 -20.05 -29.27 -26.16
N PHE C 159 -19.04 -29.99 -25.67
CA PHE C 159 -17.65 -29.60 -25.88
C PHE C 159 -17.21 -29.53 -27.34
N ASP C 160 -17.49 -30.59 -28.10
CA ASP C 160 -17.16 -30.66 -29.52
C ASP C 160 -17.82 -29.57 -30.37
N GLU C 161 -19.10 -29.33 -30.10
CA GLU C 161 -19.96 -28.36 -30.81
C GLU C 161 -19.48 -26.93 -30.56
N MET C 162 -19.08 -26.69 -29.30
CA MET C 162 -18.45 -25.45 -28.84
C MET C 162 -17.12 -25.20 -29.54
N ILE C 163 -16.26 -26.21 -29.56
CA ILE C 163 -14.94 -26.13 -30.19
C ILE C 163 -15.10 -25.86 -31.69
N ALA C 164 -15.97 -26.62 -32.35
CA ALA C 164 -16.31 -26.41 -33.77
C ALA C 164 -16.83 -25.01 -34.02
N PHE C 165 -17.57 -24.48 -33.04
CA PHE C 165 -18.06 -23.10 -33.10
C PHE C 165 -16.92 -22.09 -33.12
N PHE C 166 -15.95 -22.24 -32.20
CA PHE C 166 -14.81 -21.32 -32.10
C PHE C 166 -13.88 -21.37 -33.32
N GLU C 167 -13.93 -22.45 -34.10
CA GLU C 167 -13.15 -22.56 -35.34
C GLU C 167 -13.74 -21.70 -36.47
N THR C 168 -15.04 -21.43 -36.39
CA THR C 168 -15.75 -20.66 -37.43
C THR C 168 -15.56 -19.13 -37.33
N LEU C 169 -15.13 -18.65 -36.16
CA LEU C 169 -15.13 -17.21 -35.86
C LEU C 169 -13.93 -16.45 -36.44
N ASN C 170 -14.05 -15.11 -36.42
CA ASN C 170 -13.05 -14.20 -36.98
C ASN C 170 -11.98 -13.79 -35.99
N LYS C 171 -10.82 -13.36 -36.51
CA LYS C 171 -9.74 -12.86 -35.65
C LYS C 171 -10.23 -11.70 -34.80
N ASP C 172 -9.87 -11.78 -33.52
CA ASP C 172 -10.21 -10.78 -32.50
C ASP C 172 -11.69 -10.74 -32.12
N ASP C 173 -12.44 -11.79 -32.47
CA ASP C 173 -13.78 -11.98 -31.93
C ASP C 173 -13.63 -12.32 -30.45
N VAL C 174 -14.52 -11.78 -29.62
CA VAL C 174 -14.39 -11.88 -28.16
C VAL C 174 -15.23 -13.04 -27.64
N LEU C 175 -14.59 -13.95 -26.91
CA LEU C 175 -15.30 -14.96 -26.16
C LEU C 175 -15.38 -14.50 -24.73
N LEU C 176 -16.58 -14.55 -24.18
CA LEU C 176 -16.80 -14.18 -22.79
C LEU C 176 -16.92 -15.44 -21.93
N LEU C 177 -15.82 -15.77 -21.26
CA LEU C 177 -15.64 -17.06 -20.57
C LEU C 177 -15.80 -16.96 -19.06
N HIS C 178 -16.28 -18.03 -18.44
CA HIS C 178 -16.31 -18.17 -16.97
C HIS C 178 -15.18 -19.13 -16.56
N PRO C 179 -14.11 -18.61 -15.91
CA PRO C 179 -12.96 -19.47 -15.56
C PRO C 179 -13.35 -20.65 -14.66
N CYS C 180 -14.30 -20.41 -13.76
CA CYS C 180 -14.84 -21.39 -12.85
C CYS C 180 -16.23 -20.93 -12.44
N CYS C 181 -16.93 -21.77 -11.68
CA CYS C 181 -18.24 -21.48 -11.08
C CYS C 181 -19.18 -20.82 -12.09
N HIS C 182 -19.59 -21.61 -13.09
CA HIS C 182 -20.43 -21.07 -14.16
C HIS C 182 -21.73 -20.47 -13.62
N ASN C 183 -22.11 -19.35 -14.21
CA ASN C 183 -23.40 -18.72 -13.96
C ASN C 183 -24.20 -18.84 -15.26
N PRO C 184 -25.31 -19.60 -15.27
CA PRO C 184 -26.01 -20.04 -14.07
C PRO C 184 -25.97 -21.54 -13.81
N THR C 185 -25.33 -22.28 -14.70
CA THR C 185 -25.41 -23.75 -14.70
C THR C 185 -24.61 -24.40 -13.57
N GLY C 186 -23.52 -23.74 -13.17
CA GLY C 186 -22.62 -24.32 -12.19
C GLY C 186 -21.75 -25.42 -12.79
N VAL C 187 -21.87 -25.63 -14.10
CA VAL C 187 -21.14 -26.69 -14.79
C VAL C 187 -19.89 -26.07 -15.38
N ASP C 188 -18.74 -26.52 -14.90
CA ASP C 188 -17.47 -25.93 -15.30
C ASP C 188 -16.76 -26.84 -16.30
N LEU C 189 -15.73 -26.32 -16.97
CA LEU C 189 -14.82 -27.11 -17.80
C LEU C 189 -13.71 -27.75 -16.93
N THR C 190 -13.21 -28.92 -17.36
CA THR C 190 -12.01 -29.51 -16.75
C THR C 190 -10.74 -28.76 -17.23
N ARG C 191 -9.63 -28.95 -16.52
CA ARG C 191 -8.34 -28.39 -16.94
C ARG C 191 -7.98 -28.73 -18.40
N GLU C 192 -8.10 -30.02 -18.72
CA GLU C 192 -7.84 -30.59 -20.06
C GLU C 192 -8.71 -29.92 -21.12
N GLN C 193 -10.00 -29.72 -20.78
CA GLN C 193 -10.93 -29.00 -21.62
C GLN C 193 -10.51 -27.54 -21.82
N TRP C 194 -10.08 -26.86 -20.76
CA TRP C 194 -9.52 -25.51 -20.88
C TRP C 194 -8.34 -25.44 -21.85
N ASP C 195 -7.41 -26.38 -21.71
CA ASP C 195 -6.25 -26.48 -22.59
C ASP C 195 -6.64 -26.51 -24.07
N THR C 196 -7.60 -27.36 -24.41
CA THR C 196 -8.10 -27.47 -25.77
C THR C 196 -8.80 -26.16 -26.20
N VAL C 197 -9.58 -25.59 -25.28
CA VAL C 197 -10.28 -24.33 -25.55
C VAL C 197 -9.25 -23.26 -25.89
N LEU C 198 -8.26 -23.11 -25.02
CA LEU C 198 -7.30 -22.01 -25.09
C LEU C 198 -6.32 -22.18 -26.23
N ASN C 199 -6.10 -23.43 -26.62
CA ASN C 199 -5.39 -23.75 -27.85
C ASN C 199 -6.10 -23.20 -29.10
N VAL C 200 -7.42 -23.29 -29.12
CA VAL C 200 -8.23 -22.82 -30.27
C VAL C 200 -8.25 -21.28 -30.32
N ILE C 201 -8.43 -20.65 -29.16
CA ILE C 201 -8.31 -19.20 -28.98
C ILE C 201 -7.02 -18.67 -29.60
N GLN C 202 -5.90 -19.35 -29.35
CA GLN C 202 -4.61 -18.97 -29.93
C GLN C 202 -4.55 -19.14 -31.47
N GLU C 203 -4.83 -20.35 -31.95
CA GLU C 203 -4.87 -20.68 -33.38
C GLU C 203 -5.76 -19.73 -34.17
N ARG C 204 -6.95 -19.45 -33.63
CA ARG C 204 -7.92 -18.57 -34.27
C ARG C 204 -7.71 -17.08 -33.96
N GLU C 205 -6.76 -16.78 -33.06
CA GLU C 205 -6.47 -15.42 -32.55
C GLU C 205 -7.72 -14.65 -32.11
N LEU C 206 -8.52 -15.31 -31.27
CA LEU C 206 -9.68 -14.71 -30.63
C LEU C 206 -9.21 -14.02 -29.34
N ILE C 207 -10.04 -13.10 -28.83
CA ILE C 207 -9.74 -12.38 -27.59
C ILE C 207 -10.54 -12.98 -26.42
N PRO C 208 -9.82 -13.60 -25.47
CA PRO C 208 -10.48 -14.11 -24.27
C PRO C 208 -10.79 -13.02 -23.25
N PHE C 209 -12.07 -12.90 -22.90
CA PHE C 209 -12.51 -12.05 -21.81
C PHE C 209 -13.06 -12.94 -20.70
N MET C 210 -12.25 -13.16 -19.67
CA MET C 210 -12.65 -14.04 -18.59
C MET C 210 -13.31 -13.27 -17.47
N ASP C 211 -14.52 -13.68 -17.14
CA ASP C 211 -15.31 -13.02 -16.11
C ASP C 211 -15.38 -13.90 -14.86
N ILE C 212 -14.74 -13.44 -13.79
CA ILE C 212 -14.59 -14.30 -12.59
C ILE C 212 -15.15 -13.59 -11.37
N ALA C 213 -16.19 -14.16 -10.78
CA ALA C 213 -16.93 -13.53 -9.67
C ALA C 213 -17.05 -14.36 -8.40
N TYR C 214 -16.45 -15.55 -8.43
CA TYR C 214 -16.57 -16.52 -7.36
C TYR C 214 -15.28 -17.30 -7.11
N GLN C 215 -14.15 -16.66 -7.33
CA GLN C 215 -12.84 -17.25 -7.05
C GLN C 215 -12.75 -17.67 -5.58
N GLY C 216 -12.47 -18.94 -5.35
CA GLY C 216 -12.46 -19.46 -3.99
C GLY C 216 -13.71 -20.24 -3.62
N PHE C 217 -14.75 -20.17 -4.46
CA PHE C 217 -16.00 -20.93 -4.26
C PHE C 217 -16.01 -22.26 -5.00
N GLY C 218 -15.12 -22.42 -6.00
CA GLY C 218 -15.05 -23.62 -6.81
C GLY C 218 -14.22 -24.67 -6.11
N GLU C 219 -12.90 -24.53 -6.22
CA GLU C 219 -11.96 -25.44 -5.57
C GLU C 219 -11.12 -24.71 -4.51
N ASP C 220 -10.26 -23.78 -4.96
CA ASP C 220 -9.46 -22.86 -4.13
C ASP C 220 -9.01 -21.69 -5.01
N MET C 221 -8.32 -20.70 -4.45
CA MET C 221 -7.95 -19.50 -5.21
C MET C 221 -7.21 -19.81 -6.50
N ASP C 222 -6.07 -20.48 -6.36
CA ASP C 222 -5.15 -20.74 -7.45
C ASP C 222 -5.76 -21.65 -8.50
N SER C 223 -6.40 -22.72 -8.02
CA SER C 223 -7.10 -23.69 -8.86
C SER C 223 -8.25 -23.07 -9.66
N ASP C 224 -9.03 -22.19 -9.03
CA ASP C 224 -10.12 -21.52 -9.69
C ASP C 224 -9.64 -20.56 -10.77
N ALA C 225 -8.39 -20.09 -10.64
CA ALA C 225 -7.82 -19.13 -11.58
C ALA C 225 -7.01 -19.82 -12.70
N TYR C 226 -7.12 -21.15 -12.79
CA TYR C 226 -6.37 -21.94 -13.75
C TYR C 226 -6.50 -21.38 -15.16
N ALA C 227 -7.74 -21.24 -15.63
CA ALA C 227 -8.03 -20.74 -16.99
C ALA C 227 -7.34 -19.40 -17.29
N ILE C 228 -7.35 -18.50 -16.30
CA ILE C 228 -6.65 -17.19 -16.36
C ILE C 228 -5.13 -17.35 -16.53
N ARG C 229 -4.51 -18.10 -15.62
CA ARG C 229 -3.07 -18.29 -15.55
C ARG C 229 -2.49 -19.08 -16.70
N LYS C 230 -3.27 -20.03 -17.20
CA LYS C 230 -2.88 -20.81 -18.36
C LYS C 230 -2.80 -19.88 -19.55
N ALA C 231 -3.84 -19.06 -19.71
CA ALA C 231 -3.98 -18.11 -20.80
C ALA C 231 -2.79 -17.16 -20.87
N VAL C 232 -2.38 -16.69 -19.70
CA VAL C 232 -1.18 -15.89 -19.54
C VAL C 232 0.05 -16.65 -20.01
N ASP C 233 0.23 -17.88 -19.51
CA ASP C 233 1.37 -18.73 -19.81
C ASP C 233 1.46 -19.05 -21.33
N MET C 234 0.31 -19.12 -21.98
CA MET C 234 0.23 -19.27 -23.44
C MET C 234 0.46 -17.97 -24.21
N GLY C 235 0.52 -16.85 -23.50
CA GLY C 235 0.75 -15.52 -24.10
C GLY C 235 -0.41 -14.91 -24.88
N LEU C 236 -1.64 -15.12 -24.41
CA LEU C 236 -2.85 -14.66 -25.10
C LEU C 236 -3.27 -13.25 -24.68
N PRO C 237 -3.91 -12.45 -25.58
CA PRO C 237 -4.38 -11.11 -25.22
C PRO C 237 -5.57 -11.18 -24.27
N LEU C 238 -5.27 -11.18 -22.98
CA LEU C 238 -6.28 -11.53 -21.99
C LEU C 238 -6.97 -10.32 -21.35
N PHE C 239 -8.29 -10.42 -21.28
CA PHE C 239 -9.11 -9.50 -20.50
C PHE C 239 -9.65 -10.28 -19.30
N VAL C 240 -9.48 -9.72 -18.10
CA VAL C 240 -10.10 -10.30 -16.90
C VAL C 240 -10.89 -9.25 -16.15
N SER C 241 -12.16 -9.55 -15.92
CA SER C 241 -12.97 -8.82 -14.95
C SER C 241 -13.10 -9.71 -13.74
N ASN C 242 -12.81 -9.15 -12.57
CA ASN C 242 -13.00 -9.87 -11.32
C ASN C 242 -13.90 -9.10 -10.38
N SER C 243 -14.55 -9.83 -9.48
CA SER C 243 -15.47 -9.22 -8.55
C SER C 243 -15.09 -9.58 -7.14
N PHE C 244 -15.19 -8.60 -6.24
CA PHE C 244 -15.07 -8.90 -4.79
C PHE C 244 -16.43 -8.90 -4.12
N SER C 245 -17.49 -8.72 -4.91
CA SER C 245 -18.85 -8.70 -4.34
C SER C 245 -19.13 -9.91 -3.43
N LYS C 246 -18.77 -11.09 -3.92
CA LYS C 246 -19.19 -12.37 -3.38
C LYS C 246 -18.19 -12.91 -2.37
N ASN C 247 -16.90 -12.96 -2.74
CA ASN C 247 -15.88 -13.48 -1.83
C ASN C 247 -15.38 -12.51 -0.78
N LEU C 248 -15.71 -11.23 -0.91
CA LEU C 248 -15.44 -10.28 0.16
C LEU C 248 -16.73 -10.00 0.95
N SER C 249 -17.83 -10.63 0.50
CA SER C 249 -19.20 -10.42 0.96
C SER C 249 -19.52 -8.91 1.00
N LEU C 250 -19.28 -8.23 -0.11
CA LEU C 250 -19.27 -6.77 -0.12
C LEU C 250 -20.01 -6.18 -1.31
N TYR C 251 -21.08 -6.90 -1.69
CA TYR C 251 -21.88 -6.66 -2.89
C TYR C 251 -22.19 -5.18 -3.09
N GLY C 252 -22.58 -4.53 -2.00
CA GLY C 252 -23.00 -3.13 -1.99
C GLY C 252 -21.95 -2.11 -2.28
N GLU C 253 -20.66 -2.42 -2.03
CA GLU C 253 -19.59 -1.41 -2.12
C GLU C 253 -18.97 -1.27 -3.50
N ARG C 254 -19.35 -2.20 -4.37
CA ARG C 254 -19.02 -2.20 -5.79
C ARG C 254 -17.50 -2.29 -6.01
N VAL C 255 -16.96 -3.39 -5.52
CA VAL C 255 -15.54 -3.67 -5.67
C VAL C 255 -15.24 -4.78 -6.67
N GLY C 256 -14.29 -4.49 -7.56
CA GLY C 256 -13.91 -5.38 -8.65
C GLY C 256 -12.74 -4.79 -9.38
N GLY C 257 -12.27 -5.50 -10.39
CA GLY C 257 -11.14 -5.03 -11.15
C GLY C 257 -11.18 -5.50 -12.57
N LEU C 258 -10.45 -4.79 -13.42
CA LEU C 258 -10.27 -5.18 -14.79
C LEU C 258 -8.79 -5.19 -15.10
N SER C 259 -8.35 -6.33 -15.63
CA SER C 259 -6.97 -6.55 -15.98
C SER C 259 -6.82 -6.86 -17.46
N VAL C 260 -5.89 -6.19 -18.13
CA VAL C 260 -5.59 -6.46 -19.53
C VAL C 260 -4.14 -6.88 -19.65
N VAL C 261 -3.95 -8.13 -20.08
CA VAL C 261 -2.60 -8.72 -20.24
C VAL C 261 -2.06 -8.39 -21.63
N CYS C 262 -0.94 -7.70 -21.66
CA CYS C 262 -0.44 -7.09 -22.88
C CYS C 262 0.89 -7.67 -23.33
N PRO C 263 1.17 -7.62 -24.65
CA PRO C 263 2.45 -8.12 -25.19
C PRO C 263 3.73 -7.43 -24.70
N THR C 264 3.66 -6.15 -24.29
CA THR C 264 4.83 -5.34 -23.85
C THR C 264 4.52 -4.36 -22.72
N VAL C 265 5.57 -3.89 -22.04
CA VAL C 265 5.50 -2.81 -21.02
C VAL C 265 4.89 -1.52 -21.60
N ASP C 266 5.38 -1.14 -22.77
CA ASP C 266 4.93 0.07 -23.47
C ASP C 266 3.49 -0.03 -24.00
N GLU C 267 3.05 -1.22 -24.39
CA GLU C 267 1.64 -1.45 -24.73
C GLU C 267 0.78 -1.47 -23.47
N THR C 268 1.35 -1.92 -22.35
CA THR C 268 0.67 -1.89 -21.05
C THR C 268 0.35 -0.43 -20.70
N GLU C 269 1.35 0.44 -20.82
CA GLU C 269 1.21 1.88 -20.54
C GLU C 269 0.07 2.49 -21.38
N ARG C 270 0.12 2.24 -22.69
CA ARG C 270 -0.90 2.64 -23.66
C ARG C 270 -2.33 2.19 -23.29
N VAL C 271 -2.47 0.91 -22.95
CA VAL C 271 -3.78 0.31 -22.66
C VAL C 271 -4.32 0.84 -21.34
N PHE C 272 -3.44 0.90 -20.35
CA PHE C 272 -3.74 1.47 -19.04
C PHE C 272 -4.21 2.90 -19.17
N GLY C 273 -3.51 3.69 -19.99
CA GLY C 273 -3.88 5.07 -20.30
C GLY C 273 -5.26 5.15 -20.92
N GLN C 274 -5.55 4.21 -21.83
CA GLN C 274 -6.85 4.09 -22.47
C GLN C 274 -7.93 3.66 -21.49
N LEU C 275 -7.59 2.76 -20.58
CA LEU C 275 -8.51 2.31 -19.55
C LEU C 275 -8.89 3.47 -18.63
N ASN C 276 -7.88 4.24 -18.22
CA ASN C 276 -8.06 5.45 -17.40
C ASN C 276 -8.99 6.46 -18.06
N SER C 277 -8.84 6.59 -19.37
CA SER C 277 -9.61 7.49 -20.19
C SER C 277 -11.06 7.02 -20.36
N THR C 278 -11.28 5.71 -20.41
CA THR C 278 -12.63 5.14 -20.53
C THR C 278 -13.42 5.38 -19.24
N VAL C 279 -12.70 5.31 -18.12
CA VAL C 279 -13.25 5.54 -16.80
C VAL C 279 -13.68 7.00 -16.68
N ARG C 280 -12.78 7.90 -17.08
CA ARG C 280 -13.02 9.34 -17.07
C ARG C 280 -14.36 9.69 -17.70
N ARG C 281 -14.67 9.03 -18.82
CA ARG C 281 -15.90 9.24 -19.61
C ARG C 281 -17.17 8.64 -19.01
N ILE C 282 -17.02 7.64 -18.15
CA ILE C 282 -18.16 6.96 -17.52
C ILE C 282 -18.47 7.47 -16.11
N TYR C 283 -17.47 7.49 -15.22
CA TYR C 283 -17.71 7.86 -13.81
C TYR C 283 -16.57 8.60 -13.07
N SER C 284 -15.55 9.08 -13.82
CA SER C 284 -14.34 9.78 -13.29
C SER C 284 -13.33 8.92 -12.51
N SER C 285 -13.79 8.31 -11.41
CA SER C 285 -12.96 7.56 -10.51
C SER C 285 -13.85 6.72 -9.63
N PRO C 286 -13.33 5.57 -9.11
CA PRO C 286 -14.14 4.61 -8.34
C PRO C 286 -14.30 4.96 -6.84
N PRO C 287 -15.29 4.32 -6.14
CA PRO C 287 -15.57 4.68 -4.75
C PRO C 287 -14.45 4.35 -3.78
N SER C 288 -14.23 5.28 -2.84
CA SER C 288 -13.13 5.20 -1.90
C SER C 288 -13.25 4.05 -0.90
N HIS C 289 -14.42 3.92 -0.28
CA HIS C 289 -14.57 2.98 0.80
C HIS C 289 -14.29 1.54 0.39
N GLY C 290 -15.03 1.06 -0.61
CA GLY C 290 -14.82 -0.28 -1.09
C GLY C 290 -13.37 -0.52 -1.41
N GLY C 291 -12.79 0.46 -2.12
CA GLY C 291 -11.38 0.43 -2.51
C GLY C 291 -10.45 0.23 -1.32
N ARG C 292 -10.69 0.97 -0.24
CA ARG C 292 -9.83 0.79 0.92
C ARG C 292 -10.00 -0.59 1.57
N VAL C 293 -11.23 -1.10 1.58
CA VAL C 293 -11.45 -2.40 2.19
C VAL C 293 -10.62 -3.43 1.45
N VAL C 294 -10.71 -3.42 0.10
CA VAL C 294 -9.94 -4.33 -0.75
C VAL C 294 -8.45 -4.18 -0.47
N ASP C 295 -7.98 -2.95 -0.53
CA ASP C 295 -6.58 -2.61 -0.26
C ASP C 295 -6.11 -3.15 1.08
N ILE C 296 -6.82 -2.79 2.17
CA ILE C 296 -6.44 -3.21 3.54
C ILE C 296 -6.48 -4.72 3.74
N VAL C 297 -7.54 -5.37 3.25
CA VAL C 297 -7.64 -6.82 3.36
C VAL C 297 -6.60 -7.55 2.51
N MET C 298 -6.50 -7.18 1.23
CA MET C 298 -5.52 -7.86 0.34
C MET C 298 -4.06 -7.76 0.77
N ASN C 299 -3.68 -6.61 1.30
CA ASN C 299 -2.26 -6.32 1.56
C ASN C 299 -1.81 -6.39 3.01
N ASP C 300 -2.69 -6.84 3.89
CA ASP C 300 -2.34 -7.04 5.27
C ASP C 300 -2.24 -8.54 5.36
N ALA C 301 -1.05 -9.05 5.68
CA ALA C 301 -0.79 -10.49 5.66
C ALA C 301 -1.79 -11.28 6.50
N ALA C 302 -2.12 -10.77 7.69
CA ALA C 302 -3.06 -11.46 8.57
C ALA C 302 -4.49 -11.41 8.06
N LEU C 303 -4.88 -10.30 7.45
CA LEU C 303 -6.24 -10.19 6.96
C LEU C 303 -6.43 -11.05 5.72
N HIS C 304 -5.46 -11.04 4.80
CA HIS C 304 -5.49 -11.85 3.60
C HIS C 304 -5.61 -13.31 3.97
N GLU C 305 -4.78 -13.76 4.90
CA GLU C 305 -4.82 -15.14 5.35
C GLU C 305 -6.16 -15.52 6.00
N GLN C 306 -6.72 -14.60 6.78
CA GLN C 306 -8.00 -14.77 7.43
C GLN C 306 -9.09 -14.81 6.37
N TRP C 307 -8.99 -13.90 5.39
CA TRP C 307 -9.95 -13.79 4.32
C TRP C 307 -10.03 -15.09 3.52
N VAL C 308 -8.86 -15.61 3.13
CA VAL C 308 -8.78 -16.90 2.45
C VAL C 308 -9.51 -17.98 3.28
N GLY C 309 -9.20 -18.06 4.57
CA GLY C 309 -9.93 -18.91 5.50
C GLY C 309 -11.43 -18.74 5.48
N GLU C 310 -11.90 -17.52 5.37
CA GLU C 310 -13.33 -17.26 5.42
C GLU C 310 -14.03 -17.64 4.11
N VAL C 311 -13.37 -17.41 2.98
CA VAL C 311 -13.92 -17.72 1.66
C VAL C 311 -14.10 -19.23 1.56
N TYR C 312 -13.11 -19.99 2.06
CA TYR C 312 -13.12 -21.47 2.00
C TYR C 312 -14.18 -22.10 2.90
N ALA C 313 -14.46 -21.41 4.01
CA ALA C 313 -15.49 -21.79 4.94
C ALA C 313 -16.85 -21.63 4.28
N MET C 314 -16.99 -20.59 3.47
CA MET C 314 -18.17 -20.34 2.65
C MET C 314 -18.31 -21.46 1.62
N ARG C 315 -17.21 -21.71 0.89
CA ARG C 315 -17.12 -22.75 -0.13
C ARG C 315 -17.51 -24.11 0.45
N ASP C 316 -16.97 -24.41 1.63
CA ASP C 316 -17.29 -25.63 2.35
C ASP C 316 -18.74 -25.69 2.80
N ARG C 317 -19.29 -24.58 3.27
CA ARG C 317 -20.70 -24.57 3.71
C ARG C 317 -21.63 -24.85 2.53
N ILE C 318 -21.41 -24.14 1.42
CA ILE C 318 -22.12 -24.38 0.15
C ILE C 318 -22.02 -25.85 -0.26
N LYS C 319 -20.80 -26.40 -0.19
CA LYS C 319 -20.57 -27.78 -0.64
C LYS C 319 -21.29 -28.77 0.23
N SER C 320 -21.34 -28.51 1.54
CA SER C 320 -22.01 -29.42 2.46
C SER C 320 -23.51 -29.41 2.27
N MET C 321 -24.06 -28.25 1.89
CA MET C 321 -25.48 -28.13 1.55
C MET C 321 -25.81 -28.85 0.27
N ARG C 322 -24.88 -28.90 -0.67
CA ARG C 322 -25.04 -29.67 -1.91
C ARG C 322 -25.27 -31.14 -1.61
N THR C 323 -24.48 -31.65 -0.67
CA THR C 323 -24.49 -33.07 -0.35
C THR C 323 -25.63 -33.39 0.61
N LYS C 324 -25.96 -32.44 1.49
CA LYS C 324 -27.04 -32.61 2.45
C LYS C 324 -28.37 -32.64 1.70
N LEU C 325 -28.47 -31.78 0.69
CA LEU C 325 -29.65 -31.73 -0.18
C LEU C 325 -29.77 -32.98 -1.02
N LYS C 326 -28.68 -33.37 -1.66
CA LYS C 326 -28.65 -34.57 -2.50
C LYS C 326 -29.14 -35.78 -1.74
N SER C 327 -28.61 -35.99 -0.53
CA SER C 327 -28.91 -37.16 0.30
C SER C 327 -30.38 -37.26 0.75
N VAL C 328 -30.95 -36.14 1.21
CA VAL C 328 -32.38 -36.09 1.56
C VAL C 328 -33.30 -36.10 0.33
N LEU C 329 -32.84 -35.49 -0.78
CA LEU C 329 -33.53 -35.65 -2.07
C LEU C 329 -33.48 -37.08 -2.58
N GLU C 330 -32.30 -37.69 -2.55
CA GLU C 330 -32.08 -39.09 -2.94
C GLU C 330 -33.17 -40.03 -2.40
N ALA C 331 -33.34 -40.00 -1.06
CA ALA C 331 -34.27 -40.88 -0.33
C ALA C 331 -35.74 -40.72 -0.73
N LYS C 332 -36.13 -39.50 -1.09
CA LYS C 332 -37.52 -39.14 -1.41
C LYS C 332 -37.97 -39.44 -2.85
N ILE C 333 -37.05 -39.32 -3.81
CA ILE C 333 -37.35 -39.62 -5.21
C ILE C 333 -36.41 -40.68 -5.78
N SER C 334 -37.01 -41.80 -6.17
CA SER C 334 -36.28 -42.91 -6.75
C SER C 334 -35.94 -42.65 -8.23
N GLY C 335 -36.97 -42.37 -9.04
CA GLY C 335 -36.86 -42.31 -10.51
C GLY C 335 -36.04 -41.20 -11.15
N ARG C 336 -35.26 -40.47 -10.35
CA ARG C 336 -34.44 -39.37 -10.86
C ARG C 336 -33.00 -39.35 -10.32
N ASN C 337 -32.08 -38.92 -11.19
CA ASN C 337 -30.70 -38.66 -10.86
C ASN C 337 -30.52 -37.26 -10.24
N PHE C 338 -29.68 -37.20 -9.21
CA PHE C 338 -29.37 -35.96 -8.49
C PHE C 338 -27.89 -35.63 -8.52
N ASP C 339 -27.13 -36.33 -9.38
CA ASP C 339 -25.66 -36.21 -9.44
C ASP C 339 -25.19 -34.78 -9.66
N TYR C 340 -25.98 -34.02 -10.43
CA TYR C 340 -25.68 -32.63 -10.79
C TYR C 340 -25.42 -31.73 -9.57
N LEU C 341 -26.05 -32.02 -8.43
CA LEU C 341 -25.89 -31.24 -7.19
C LEU C 341 -24.45 -31.21 -6.65
N THR C 342 -23.79 -32.36 -6.70
CA THR C 342 -22.44 -32.51 -6.19
C THR C 342 -21.41 -32.50 -7.31
N ALA C 343 -21.87 -32.42 -8.56
CA ALA C 343 -20.97 -32.32 -9.71
C ALA C 343 -20.71 -30.86 -10.09
N GLN C 344 -21.71 -30.01 -9.88
CA GLN C 344 -21.59 -28.56 -10.14
C GLN C 344 -20.77 -27.83 -9.08
N ASN C 345 -20.23 -26.66 -9.48
CA ASN C 345 -19.34 -25.84 -8.64
C ASN C 345 -19.85 -24.41 -8.46
N GLY C 346 -19.57 -23.84 -7.29
CA GLY C 346 -19.92 -22.47 -7.00
C GLY C 346 -21.24 -22.34 -6.26
N MET C 347 -21.88 -21.18 -6.41
CA MET C 347 -23.13 -20.87 -5.71
C MET C 347 -24.35 -21.47 -6.36
N PHE C 348 -24.23 -21.79 -7.66
CA PHE C 348 -25.38 -22.11 -8.49
C PHE C 348 -25.42 -23.55 -8.94
N SER C 349 -26.65 -24.00 -9.17
CA SER C 349 -26.89 -25.27 -9.82
C SER C 349 -28.12 -25.14 -10.67
N PHE C 350 -28.05 -25.71 -11.87
CA PHE C 350 -29.21 -25.94 -12.70
C PHE C 350 -29.98 -27.18 -12.20
N THR C 351 -31.15 -26.92 -11.64
CA THR C 351 -32.01 -27.98 -11.11
C THR C 351 -32.77 -28.76 -12.22
N GLY C 352 -32.85 -28.16 -13.41
CA GLY C 352 -33.58 -28.75 -14.52
C GLY C 352 -35.10 -28.69 -14.38
N LEU C 353 -35.57 -27.88 -13.43
CA LEU C 353 -37.02 -27.68 -13.22
C LEU C 353 -37.59 -26.75 -14.27
N THR C 354 -38.76 -27.13 -14.78
CA THR C 354 -39.52 -26.33 -15.75
C THR C 354 -39.94 -24.99 -15.13
N PRO C 355 -40.10 -23.92 -15.94
CA PRO C 355 -40.48 -22.59 -15.39
C PRO C 355 -41.72 -22.64 -14.50
N GLU C 356 -42.62 -23.57 -14.80
CA GLU C 356 -43.84 -23.87 -14.02
C GLU C 356 -43.48 -24.39 -12.63
N GLN C 357 -42.64 -25.43 -12.59
CA GLN C 357 -42.17 -26.04 -11.36
C GLN C 357 -41.46 -25.01 -10.46
N VAL C 358 -40.68 -24.13 -11.09
CA VAL C 358 -40.00 -23.00 -10.43
C VAL C 358 -41.00 -22.06 -9.76
N GLU C 359 -42.06 -21.74 -10.50
CA GLU C 359 -43.09 -20.79 -10.03
C GLU C 359 -44.12 -21.36 -9.05
N ARG C 360 -44.31 -22.68 -9.09
CA ARG C 360 -45.08 -23.39 -8.05
C ARG C 360 -44.34 -23.35 -6.70
N LEU C 361 -43.02 -23.50 -6.73
CA LEU C 361 -42.18 -23.37 -5.54
C LEU C 361 -42.25 -21.97 -4.93
N GLN C 362 -42.33 -20.98 -5.79
CA GLN C 362 -42.46 -19.60 -5.39
C GLN C 362 -43.82 -19.31 -4.73
N SER C 363 -44.89 -19.66 -5.44
CA SER C 363 -46.25 -19.40 -4.99
C SER C 363 -46.61 -20.17 -3.71
N GLU C 364 -46.43 -21.48 -3.70
CA GLU C 364 -46.90 -22.32 -2.61
C GLU C 364 -45.98 -22.34 -1.39
N PHE C 365 -44.67 -22.33 -1.62
CA PHE C 365 -43.69 -22.60 -0.56
C PHE C 365 -42.81 -21.42 -0.15
N GLY C 366 -42.76 -20.41 -1.00
CA GLY C 366 -41.95 -19.22 -0.75
C GLY C 366 -40.48 -19.50 -1.03
N ILE C 367 -40.22 -20.38 -2.00
CA ILE C 367 -38.87 -20.71 -2.45
C ILE C 367 -38.63 -20.02 -3.79
N TYR C 368 -37.63 -19.14 -3.80
CA TYR C 368 -37.36 -18.28 -4.95
C TYR C 368 -36.15 -18.75 -5.76
N MET C 369 -36.35 -18.93 -7.07
CA MET C 369 -35.31 -19.30 -8.04
C MET C 369 -35.57 -18.53 -9.33
N ILE C 370 -34.53 -18.38 -10.16
CA ILE C 370 -34.72 -17.87 -11.52
C ILE C 370 -35.49 -18.91 -12.37
N SER C 371 -36.32 -18.42 -13.29
CA SER C 371 -37.19 -19.26 -14.12
C SER C 371 -36.47 -20.35 -14.92
N ASN C 372 -35.19 -20.10 -15.22
CA ASN C 372 -34.33 -21.06 -15.93
C ASN C 372 -33.81 -22.22 -15.05
N SER C 373 -34.38 -22.34 -13.85
CA SER C 373 -34.13 -23.40 -12.87
C SER C 373 -32.86 -23.22 -12.05
N ARG C 374 -32.21 -22.06 -12.20
CA ARG C 374 -31.00 -21.76 -11.42
C ARG C 374 -31.34 -21.57 -9.95
N MET C 375 -30.59 -22.27 -9.11
CA MET C 375 -30.79 -22.26 -7.67
C MET C 375 -29.50 -21.81 -7.00
N CYS C 376 -29.56 -20.75 -6.19
CA CYS C 376 -28.41 -20.39 -5.36
C CYS C 376 -28.35 -21.26 -4.12
N VAL C 377 -27.34 -22.12 -4.07
CA VAL C 377 -27.19 -23.15 -3.04
C VAL C 377 -26.96 -22.51 -1.67
N ALA C 378 -26.27 -21.37 -1.68
CA ALA C 378 -25.91 -20.58 -0.50
C ALA C 378 -27.11 -20.23 0.39
N GLY C 379 -28.29 -20.13 -0.20
CA GLY C 379 -29.49 -19.86 0.58
C GLY C 379 -30.01 -21.05 1.37
N LEU C 380 -29.38 -22.21 1.22
CA LEU C 380 -29.73 -23.36 2.03
C LEU C 380 -28.92 -23.37 3.31
N ASN C 381 -29.55 -23.86 4.37
CA ASN C 381 -28.90 -24.07 5.68
C ASN C 381 -29.66 -25.15 6.42
N SER C 382 -29.11 -25.64 7.52
CA SER C 382 -29.68 -26.80 8.23
C SER C 382 -31.11 -26.59 8.72
N SER C 383 -31.52 -25.33 8.80
CA SER C 383 -32.88 -24.94 9.17
C SER C 383 -33.89 -25.21 8.06
N ASN C 384 -33.57 -24.77 6.85
CA ASN C 384 -34.53 -24.75 5.75
C ASN C 384 -34.41 -25.91 4.78
N ILE C 385 -33.38 -26.73 4.97
CA ILE C 385 -33.03 -27.76 3.99
C ILE C 385 -34.04 -28.90 3.85
N ASP C 386 -34.62 -29.37 4.97
CA ASP C 386 -35.67 -30.41 4.92
C ASP C 386 -36.96 -29.87 4.29
N TYR C 387 -37.16 -28.56 4.44
CA TYR C 387 -38.31 -27.86 3.92
C TYR C 387 -38.23 -27.68 2.41
N VAL C 388 -37.04 -27.35 1.91
CA VAL C 388 -36.81 -27.17 0.47
C VAL C 388 -36.80 -28.51 -0.27
N ALA C 389 -36.25 -29.54 0.37
CA ALA C 389 -36.27 -30.89 -0.16
C ALA C 389 -37.72 -31.34 -0.31
N ASN C 390 -38.45 -31.32 0.81
CA ASN C 390 -39.88 -31.66 0.85
C ASN C 390 -40.70 -30.94 -0.22
N ALA C 391 -40.37 -29.67 -0.45
CA ALA C 391 -41.03 -28.84 -1.46
C ALA C 391 -40.64 -29.22 -2.87
N MET C 392 -39.36 -29.55 -3.08
CA MET C 392 -38.85 -29.95 -4.40
C MET C 392 -39.46 -31.27 -4.89
N VAL C 393 -39.55 -32.25 -4.00
CA VAL C 393 -40.12 -33.57 -4.34
C VAL C 393 -41.63 -33.54 -4.55
N ASP C 394 -42.29 -32.57 -3.90
CA ASP C 394 -43.73 -32.33 -4.03
C ASP C 394 -44.08 -31.65 -5.35
N VAL C 395 -43.14 -30.90 -5.90
CA VAL C 395 -43.32 -30.25 -7.22
C VAL C 395 -42.82 -31.16 -8.36
N LEU C 396 -41.95 -32.12 -8.04
CA LEU C 396 -41.46 -33.12 -9.01
C LEU C 396 -42.42 -34.29 -9.27
N LYS C 397 -43.15 -34.73 -8.25
CA LYS C 397 -44.22 -35.74 -8.39
C LYS C 397 -45.42 -35.19 -9.16
N ASP C 398 -45.69 -33.90 -8.97
CA ASP C 398 -46.76 -33.19 -9.66
C ASP C 398 -46.32 -32.83 -11.08
N ASP D 11 -6.15 14.27 -17.22
CA ASP D 11 -6.80 15.60 -17.41
C ASP D 11 -5.77 16.68 -17.77
N PRO D 12 -6.20 17.83 -18.37
CA PRO D 12 -5.28 18.96 -18.59
C PRO D 12 -4.80 19.61 -17.28
N ILE D 13 -5.65 19.54 -16.25
CA ILE D 13 -5.32 19.87 -14.85
C ILE D 13 -4.13 19.04 -14.30
N LEU D 14 -4.02 17.78 -14.74
CA LEU D 14 -2.95 16.90 -14.26
C LEU D 14 -1.54 17.28 -14.80
N GLY D 15 -1.48 17.96 -15.95
CA GLY D 15 -0.24 18.56 -16.46
C GLY D 15 0.19 19.77 -15.66
N LEU D 16 -0.82 20.53 -15.19
CA LEU D 16 -0.66 21.68 -14.30
C LEU D 16 -0.22 21.24 -12.91
N VAL D 17 -0.90 20.22 -12.35
CA VAL D 17 -0.50 19.57 -11.09
C VAL D 17 0.93 19.01 -11.18
N GLU D 18 1.32 18.54 -12.37
CA GLU D 18 2.69 18.08 -12.61
C GLU D 18 3.72 19.24 -12.67
N LYS D 19 3.38 20.33 -13.36
CA LYS D 19 4.21 21.55 -13.35
C LYS D 19 4.35 22.10 -11.92
N PHE D 20 3.27 21.98 -11.14
CA PHE D 20 3.20 22.50 -9.78
C PHE D 20 4.15 21.76 -8.83
N ALA D 21 4.06 20.42 -8.82
CA ALA D 21 4.99 19.57 -8.09
C ALA D 21 6.43 19.78 -8.54
N ALA D 22 6.63 20.06 -9.83
CA ALA D 22 7.95 20.32 -10.42
C ALA D 22 8.55 21.65 -9.94
N ASP D 23 7.69 22.54 -9.44
CA ASP D 23 8.15 23.81 -8.89
C ASP D 23 8.66 23.64 -7.47
N ASN D 24 9.91 24.03 -7.31
CA ASN D 24 10.65 23.91 -6.06
C ASN D 24 10.44 25.13 -5.16
N ASN D 25 9.77 26.18 -5.67
CA ASN D 25 9.48 27.37 -4.89
C ASN D 25 8.71 26.97 -3.61
N PRO D 26 9.28 27.24 -2.43
CA PRO D 26 8.66 26.83 -1.16
C PRO D 26 7.41 27.63 -0.82
N ASP D 27 7.27 28.80 -1.46
CA ASP D 27 6.10 29.65 -1.30
C ASP D 27 5.07 29.48 -2.42
N LYS D 28 5.14 28.32 -3.09
CA LYS D 28 4.23 27.97 -4.16
C LYS D 28 2.80 27.78 -3.66
N VAL D 29 1.86 28.18 -4.51
CA VAL D 29 0.43 28.05 -4.24
C VAL D 29 -0.23 27.46 -5.48
N ASN D 30 -0.98 26.38 -5.26
CA ASN D 30 -1.75 25.76 -6.32
C ASN D 30 -3.18 26.27 -6.34
N LEU D 31 -3.48 27.07 -7.35
CA LEU D 31 -4.84 27.59 -7.51
C LEU D 31 -5.52 26.95 -8.73
N GLY D 32 -4.79 26.02 -9.34
CA GLY D 32 -5.30 25.19 -10.42
C GLY D 32 -6.01 23.92 -9.95
N ILE D 33 -6.04 23.71 -8.63
CA ILE D 33 -6.81 22.63 -8.00
C ILE D 33 -8.29 22.79 -8.32
N GLY D 34 -9.05 21.70 -8.21
CA GLY D 34 -10.50 21.77 -8.32
C GLY D 34 -11.19 21.25 -7.06
N ILE D 35 -10.58 21.53 -5.91
CA ILE D 35 -10.99 20.99 -4.60
C ILE D 35 -11.14 22.13 -3.57
N TYR D 36 -12.13 22.02 -2.67
CA TYR D 36 -12.22 22.95 -1.54
C TYR D 36 -11.21 22.63 -0.46
N TYR D 37 -10.44 23.65 -0.08
CA TYR D 37 -9.59 23.62 1.10
C TYR D 37 -10.12 24.57 2.15
N ASP D 38 -9.97 24.22 3.41
CA ASP D 38 -10.40 25.10 4.50
C ASP D 38 -9.30 26.11 4.84
N GLU D 39 -9.43 26.76 6.00
CA GLU D 39 -8.54 27.85 6.44
C GLU D 39 -7.12 27.39 6.67
N SER D 40 -6.96 26.13 7.07
CA SER D 40 -5.64 25.50 7.25
C SER D 40 -5.05 24.92 5.93
N GLY D 41 -5.75 25.14 4.82
CA GLY D 41 -5.28 24.72 3.50
C GLY D 41 -5.30 23.22 3.28
N VAL D 42 -6.20 22.52 3.97
CA VAL D 42 -6.42 21.08 3.76
C VAL D 42 -7.89 20.79 3.40
N MET D 43 -8.14 19.68 2.72
CA MET D 43 -9.50 19.22 2.47
C MET D 43 -10.18 18.89 3.82
N PRO D 44 -11.31 19.57 4.12
CA PRO D 44 -11.95 19.31 5.39
C PRO D 44 -12.70 17.98 5.40
N VAL D 45 -12.75 17.33 6.56
CA VAL D 45 -13.80 16.35 6.86
C VAL D 45 -14.91 17.14 7.60
N LEU D 46 -16.12 17.13 7.03
CA LEU D 46 -17.25 17.82 7.64
C LEU D 46 -17.70 17.04 8.84
N ASP D 47 -18.09 17.75 9.89
CA ASP D 47 -18.60 17.11 11.11
C ASP D 47 -19.84 16.23 10.91
N CYS D 48 -20.78 16.67 10.07
CA CYS D 48 -21.96 15.86 9.77
C CYS D 48 -21.57 14.55 9.09
N VAL D 49 -20.55 14.60 8.23
CA VAL D 49 -20.03 13.44 7.54
C VAL D 49 -19.32 12.55 8.56
N LYS D 50 -18.58 13.18 9.48
CA LYS D 50 -17.87 12.44 10.48
C LYS D 50 -18.86 11.64 11.37
N ILE D 51 -19.87 12.33 11.89
CA ILE D 51 -20.97 11.75 12.66
C ILE D 51 -21.62 10.62 11.86
N ALA D 52 -21.98 10.88 10.60
CA ALA D 52 -22.62 9.86 9.74
C ALA D 52 -21.81 8.58 9.67
N GLU D 53 -20.52 8.74 9.37
CA GLU D 53 -19.61 7.63 9.22
C GLU D 53 -19.35 6.89 10.51
N GLN D 54 -19.41 7.61 11.63
CA GLN D 54 -19.35 6.95 12.94
C GLN D 54 -20.57 6.08 13.16
N ARG D 55 -21.75 6.53 12.71
CA ARG D 55 -22.96 5.71 12.79
C ARG D 55 -22.91 4.46 11.92
N ILE D 56 -22.39 4.57 10.69
CA ILE D 56 -22.19 3.44 9.75
C ILE D 56 -21.16 2.45 10.31
N ALA D 57 -20.17 2.96 11.05
CA ALA D 57 -19.10 2.12 11.60
C ALA D 57 -19.49 1.30 12.82
N ASP D 58 -20.61 1.64 13.48
CA ASP D 58 -21.00 0.93 14.69
C ASP D 58 -22.53 0.82 14.82
N PRO D 59 -23.11 -0.39 14.62
CA PRO D 59 -22.38 -1.62 14.23
C PRO D 59 -22.06 -1.71 12.74
N ILE D 60 -20.99 -2.43 12.40
CA ILE D 60 -20.69 -2.76 11.00
C ILE D 60 -21.83 -3.66 10.49
N SER D 61 -22.48 -3.26 9.39
CA SER D 61 -23.67 -3.97 8.88
C SER D 61 -23.43 -4.77 7.59
N PRO D 62 -24.18 -5.88 7.38
CA PRO D 62 -24.01 -6.65 6.11
C PRO D 62 -24.14 -5.76 4.87
N ARG D 63 -23.49 -6.11 3.78
CA ARG D 63 -23.42 -5.22 2.64
C ARG D 63 -24.17 -5.68 1.37
N PRO D 64 -25.52 -5.80 1.47
CA PRO D 64 -26.29 -6.17 0.28
C PRO D 64 -26.13 -5.17 -0.87
N TYR D 65 -26.44 -5.62 -2.08
CA TYR D 65 -26.63 -4.72 -3.19
C TYR D 65 -27.68 -3.67 -2.86
N LEU D 66 -27.41 -2.46 -3.31
CA LEU D 66 -28.39 -1.39 -3.25
C LEU D 66 -29.34 -1.65 -4.40
N PRO D 67 -30.56 -1.07 -4.33
CA PRO D 67 -31.36 -1.07 -5.55
C PRO D 67 -30.57 -0.37 -6.66
N MET D 68 -30.77 -0.76 -7.92
CA MET D 68 -30.07 -0.15 -9.08
C MET D 68 -30.19 1.36 -9.08
N ALA D 69 -31.32 1.84 -8.54
CA ALA D 69 -31.61 3.26 -8.34
C ALA D 69 -30.88 3.90 -7.14
N GLY D 70 -30.26 3.09 -6.31
CA GLY D 70 -29.70 3.57 -5.03
C GLY D 70 -30.68 3.48 -3.88
N LEU D 71 -30.30 4.03 -2.73
CA LEU D 71 -31.16 4.04 -1.55
C LEU D 71 -32.35 4.98 -1.75
N PRO D 72 -33.57 4.55 -1.32
CA PRO D 72 -34.73 5.45 -1.28
C PRO D 72 -34.41 6.81 -0.63
N GLY D 73 -33.68 6.78 0.49
CA GLY D 73 -33.31 7.98 1.21
C GLY D 73 -32.37 8.87 0.44
N HIS D 74 -31.40 8.27 -0.27
CA HIS D 74 -30.48 8.98 -1.16
C HIS D 74 -31.25 9.73 -2.24
N ARG D 75 -32.18 9.02 -2.88
CA ARG D 75 -33.02 9.61 -3.91
C ARG D 75 -33.89 10.72 -3.32
N LYS D 76 -34.57 10.44 -2.21
CA LYS D 76 -35.40 11.43 -1.56
C LYS D 76 -34.60 12.66 -1.17
N GLY D 77 -33.41 12.44 -0.62
CA GLY D 77 -32.46 13.50 -0.28
C GLY D 77 -32.15 14.41 -1.45
N CYS D 78 -31.78 13.81 -2.58
CA CYS D 78 -31.55 14.54 -3.84
C CYS D 78 -32.75 15.33 -4.29
N GLN D 79 -33.93 14.72 -4.21
CA GLN D 79 -35.17 15.32 -4.67
C GLN D 79 -35.56 16.54 -3.85
N GLU D 80 -35.55 16.41 -2.53
CA GLU D 80 -35.90 17.54 -1.67
C GLU D 80 -34.90 18.70 -1.75
N LEU D 81 -33.62 18.38 -1.92
CA LEU D 81 -32.57 19.38 -2.02
C LEU D 81 -32.74 20.17 -3.31
N LEU D 82 -32.97 19.46 -4.42
CA LEU D 82 -33.07 20.11 -5.72
C LEU D 82 -34.35 20.92 -5.91
N PHE D 83 -35.47 20.34 -5.52
CA PHE D 83 -36.77 20.83 -5.93
C PHE D 83 -37.52 21.49 -4.79
N GLY D 84 -37.02 21.29 -3.58
CA GLY D 84 -37.66 21.82 -2.39
C GLY D 84 -38.37 20.72 -1.60
N LYS D 85 -38.31 20.85 -0.28
CA LYS D 85 -39.03 19.96 0.64
C LYS D 85 -40.55 20.08 0.36
N ASP D 86 -41.17 18.94 0.01
CA ASP D 86 -42.59 18.87 -0.42
C ASP D 86 -42.91 19.82 -1.59
N ALA D 87 -42.08 19.79 -2.63
CA ALA D 87 -42.36 20.46 -3.88
C ALA D 87 -43.51 19.70 -4.56
N PRO D 88 -44.45 20.43 -5.19
CA PRO D 88 -45.59 19.80 -5.86
C PRO D 88 -45.19 18.69 -6.82
N VAL D 89 -44.11 18.91 -7.57
CA VAL D 89 -43.56 17.93 -8.50
C VAL D 89 -43.21 16.57 -7.84
N LEU D 90 -42.84 16.60 -6.55
CA LEU D 90 -42.61 15.39 -5.78
C LEU D 90 -43.94 14.81 -5.29
N LYS D 91 -44.75 15.65 -4.66
CA LYS D 91 -46.11 15.27 -4.24
C LYS D 91 -46.92 14.62 -5.36
N ASP D 92 -46.64 15.03 -6.59
CA ASP D 92 -47.28 14.50 -7.79
C ASP D 92 -46.57 13.31 -8.41
N GLY D 93 -45.35 13.04 -7.93
CA GLY D 93 -44.53 11.92 -8.39
C GLY D 93 -44.13 12.03 -9.84
N LEU D 94 -43.77 13.24 -10.27
CA LEU D 94 -43.42 13.51 -11.66
C LEU D 94 -41.91 13.59 -11.91
N VAL D 95 -41.09 13.13 -10.95
CA VAL D 95 -39.60 13.11 -11.08
C VAL D 95 -39.03 11.70 -10.88
N ALA D 96 -38.39 11.19 -11.92
CA ALA D 96 -37.62 9.96 -11.85
C ALA D 96 -36.20 10.28 -11.32
N THR D 97 -35.82 9.69 -10.17
CA THR D 97 -34.50 9.93 -9.55
C THR D 97 -33.73 8.64 -9.24
N ILE D 98 -32.47 8.61 -9.65
CA ILE D 98 -31.55 7.56 -9.24
C ILE D 98 -30.34 8.18 -8.58
N ALA D 99 -29.74 7.44 -7.64
CA ALA D 99 -28.41 7.72 -7.07
C ALA D 99 -27.38 7.30 -8.09
N THR D 100 -26.26 8.02 -8.15
CA THR D 100 -25.28 7.84 -9.23
C THR D 100 -23.83 7.89 -8.71
N ILE D 101 -22.90 7.47 -9.57
CA ILE D 101 -21.45 7.55 -9.25
C ILE D 101 -21.00 9.01 -9.42
N GLY D 102 -21.35 9.83 -8.43
CA GLY D 102 -21.11 11.26 -8.50
C GLY D 102 -22.01 11.92 -9.52
N GLY D 103 -21.78 13.21 -9.79
CA GLY D 103 -22.43 13.92 -10.89
C GLY D 103 -21.95 13.39 -12.24
N SER D 104 -20.67 12.99 -12.31
CA SER D 104 -20.08 12.33 -13.50
C SER D 104 -20.92 11.19 -13.99
N GLY D 105 -21.29 10.28 -13.08
CA GLY D 105 -22.12 9.11 -13.38
C GLY D 105 -23.57 9.49 -13.71
N ALA D 106 -24.04 10.58 -13.10
CA ALA D 106 -25.37 11.11 -13.39
C ALA D 106 -25.43 11.61 -14.84
N LEU D 107 -24.42 12.39 -15.22
CA LEU D 107 -24.24 12.83 -16.60
C LEU D 107 -24.16 11.65 -17.56
N LYS D 108 -23.38 10.64 -17.20
CA LYS D 108 -23.29 9.44 -18.04
C LYS D 108 -24.65 8.78 -18.28
N VAL D 109 -25.38 8.54 -17.21
CA VAL D 109 -26.68 7.84 -17.34
C VAL D 109 -27.61 8.71 -18.20
N GLY D 110 -27.75 9.97 -17.83
CA GLY D 110 -28.46 10.99 -18.62
C GLY D 110 -28.13 10.99 -20.10
N ALA D 111 -26.84 11.07 -20.44
CA ALA D 111 -26.39 11.09 -21.84
C ALA D 111 -26.77 9.82 -22.62
N GLU D 112 -26.48 8.66 -22.03
CA GLU D 112 -26.81 7.38 -22.65
C GLU D 112 -28.31 7.19 -22.84
N PHE D 113 -29.08 7.68 -21.89
CA PHE D 113 -30.53 7.71 -21.99
C PHE D 113 -30.97 8.55 -23.20
N ILE D 114 -30.51 9.81 -23.26
CA ILE D 114 -30.80 10.72 -24.36
C ILE D 114 -30.40 10.09 -25.69
N HIS D 115 -29.18 9.55 -25.77
CA HIS D 115 -28.71 8.89 -27.00
C HIS D 115 -29.59 7.71 -27.43
N GLU D 116 -30.03 6.89 -26.48
CA GLU D 116 -30.90 5.75 -26.78
C GLU D 116 -32.26 6.19 -27.34
N TRP D 117 -32.86 7.22 -26.74
CA TRP D 117 -34.26 7.64 -27.02
C TRP D 117 -34.44 8.90 -27.89
N PHE D 118 -33.45 9.76 -27.88
CA PHE D 118 -33.38 10.92 -28.76
C PHE D 118 -32.06 10.85 -29.55
N PRO D 119 -31.92 9.84 -30.44
CA PRO D 119 -30.66 9.57 -31.18
C PRO D 119 -30.22 10.70 -32.11
N GLN D 120 -31.16 11.54 -32.52
CA GLN D 120 -30.89 12.68 -33.37
C GLN D 120 -30.36 13.90 -32.61
N SER D 121 -30.59 13.95 -31.30
CA SER D 121 -30.18 15.09 -30.45
C SER D 121 -28.68 15.35 -30.41
N LYS D 122 -28.33 16.63 -30.56
CA LYS D 122 -26.98 17.13 -30.32
C LYS D 122 -26.95 17.84 -28.96
N CYS D 123 -25.80 17.78 -28.31
CA CYS D 123 -25.61 18.44 -27.02
C CYS D 123 -24.69 19.63 -27.15
N TYR D 124 -25.08 20.71 -26.49
CA TYR D 124 -24.31 21.94 -26.49
C TYR D 124 -23.94 22.31 -25.05
N VAL D 125 -22.65 22.56 -24.85
CA VAL D 125 -22.10 22.91 -23.54
C VAL D 125 -21.62 24.36 -23.57
N SER D 126 -21.45 24.98 -22.40
CA SER D 126 -21.00 26.38 -22.34
C SER D 126 -19.56 26.58 -22.83
N ASP D 127 -19.28 27.77 -23.36
CA ASP D 127 -17.91 28.17 -23.71
C ASP D 127 -17.46 29.23 -22.69
N PRO D 128 -16.55 28.87 -21.76
CA PRO D 128 -16.07 27.50 -21.57
C PRO D 128 -16.92 26.69 -20.54
N THR D 129 -16.52 25.43 -20.32
CA THR D 129 -17.20 24.55 -19.38
C THR D 129 -16.23 23.65 -18.59
N TRP D 130 -16.79 22.88 -17.65
CA TRP D 130 -16.10 21.74 -17.01
C TRP D 130 -15.68 20.68 -18.05
N GLY D 131 -14.37 20.47 -18.18
CA GLY D 131 -13.75 19.64 -19.22
C GLY D 131 -14.47 18.35 -19.58
N ASN D 132 -14.89 17.63 -18.54
CA ASN D 132 -15.59 16.35 -18.68
C ASN D 132 -16.97 16.40 -19.29
N HIS D 133 -17.63 17.55 -19.26
CA HIS D 133 -18.90 17.70 -19.95
C HIS D 133 -18.80 17.14 -21.37
N ILE D 134 -17.80 17.61 -22.10
CA ILE D 134 -17.62 17.19 -23.48
C ILE D 134 -17.29 15.70 -23.54
N ALA D 135 -16.29 15.26 -22.77
CA ALA D 135 -15.83 13.88 -22.86
C ALA D 135 -16.92 12.83 -22.58
N ILE D 136 -17.75 13.06 -21.55
CA ILE D 136 -18.82 12.16 -21.13
C ILE D 136 -19.87 12.01 -22.25
N PHE D 137 -20.33 13.12 -22.80
CA PHE D 137 -21.33 13.10 -23.85
C PHE D 137 -20.77 12.57 -25.15
N GLU D 138 -19.53 12.93 -25.47
CA GLU D 138 -18.86 12.39 -26.68
C GLU D 138 -18.61 10.88 -26.55
N GLY D 139 -18.47 10.42 -25.31
CA GLY D 139 -18.33 9.00 -25.02
C GLY D 139 -19.57 8.20 -25.32
N CYS D 140 -20.70 8.88 -25.57
CA CYS D 140 -22.00 8.22 -25.79
C CYS D 140 -22.43 8.24 -27.25
N ASP D 141 -21.52 8.67 -28.11
CA ASP D 141 -21.78 8.95 -29.53
C ASP D 141 -22.86 10.05 -29.71
N ILE D 142 -22.69 11.12 -28.94
CA ILE D 142 -23.49 12.30 -29.11
C ILE D 142 -22.55 13.33 -29.72
N GLU D 143 -22.97 13.92 -30.86
CA GLU D 143 -22.34 15.11 -31.40
C GLU D 143 -22.45 16.25 -30.36
N VAL D 144 -21.30 16.74 -29.90
CA VAL D 144 -21.28 17.83 -28.92
C VAL D 144 -20.68 19.11 -29.48
N GLY D 145 -21.41 20.21 -29.34
CA GLY D 145 -20.92 21.55 -29.67
C GLY D 145 -20.94 22.48 -28.47
N LYS D 146 -20.53 23.73 -28.72
CA LYS D 146 -20.47 24.77 -27.69
C LYS D 146 -21.42 25.92 -28.00
N TYR D 147 -22.15 26.35 -26.98
CA TYR D 147 -22.88 27.62 -27.05
C TYR D 147 -22.04 28.73 -26.41
N PRO D 148 -22.05 29.96 -26.99
CA PRO D 148 -21.30 31.04 -26.36
C PRO D 148 -21.85 31.36 -24.96
N TYR D 149 -20.94 31.68 -24.05
CA TYR D 149 -21.30 31.97 -22.66
C TYR D 149 -20.41 33.10 -22.18
N TYR D 150 -19.13 32.82 -21.96
CA TYR D 150 -18.22 33.79 -21.38
C TYR D 150 -17.65 34.71 -22.44
N ASP D 151 -17.67 36.00 -22.11
CA ASP D 151 -17.11 37.04 -22.94
C ASP D 151 -15.84 37.54 -22.28
N THR D 152 -14.72 37.35 -22.97
CA THR D 152 -13.41 37.76 -22.47
C THR D 152 -13.29 39.29 -22.37
N ALA D 153 -13.94 39.99 -23.30
CA ALA D 153 -13.92 41.45 -23.38
C ALA D 153 -14.65 42.15 -22.22
N THR D 154 -15.77 41.59 -21.78
CA THR D 154 -16.51 42.17 -20.67
C THR D 154 -16.13 41.54 -19.35
N GLY D 155 -15.72 40.27 -19.42
CA GLY D 155 -15.55 39.46 -18.23
C GLY D 155 -16.87 38.85 -17.79
N GLY D 156 -17.90 39.03 -18.61
CA GLY D 156 -19.25 38.50 -18.33
C GLY D 156 -19.79 37.61 -19.43
N ILE D 157 -21.13 37.60 -19.54
CA ILE D 157 -21.86 36.71 -20.43
C ILE D 157 -22.24 37.37 -21.77
N LYS D 158 -21.85 36.73 -22.86
CA LYS D 158 -22.30 37.04 -24.21
C LYS D 158 -23.78 36.67 -24.31
N PHE D 159 -24.62 37.38 -23.57
CA PHE D 159 -25.99 36.93 -23.34
C PHE D 159 -26.84 36.93 -24.59
N ASP D 160 -26.84 38.07 -25.29
CA ASP D 160 -27.60 38.22 -26.52
C ASP D 160 -27.16 37.18 -27.57
N GLU D 161 -25.84 37.00 -27.71
CA GLU D 161 -25.27 36.03 -28.64
C GLU D 161 -25.60 34.57 -28.27
N MET D 162 -25.72 34.33 -26.96
CA MET D 162 -26.03 33.01 -26.42
C MET D 162 -27.46 32.60 -26.77
N ILE D 163 -28.42 33.50 -26.50
CA ILE D 163 -29.81 33.30 -26.89
C ILE D 163 -29.92 33.14 -28.41
N ALA D 164 -29.24 34.02 -29.15
CA ALA D 164 -29.14 33.94 -30.62
C ALA D 164 -28.73 32.55 -31.10
N PHE D 165 -27.68 32.00 -30.47
CA PHE D 165 -27.25 30.63 -30.74
C PHE D 165 -28.34 29.60 -30.40
N PHE D 166 -29.04 29.79 -29.28
CA PHE D 166 -30.08 28.86 -28.81
C PHE D 166 -31.25 28.71 -29.78
N GLU D 167 -31.58 29.80 -30.48
CA GLU D 167 -32.68 29.84 -31.46
C GLU D 167 -32.42 28.96 -32.68
N THR D 168 -31.16 28.84 -33.07
CA THR D 168 -30.76 28.08 -34.26
C THR D 168 -30.80 26.54 -34.06
N LEU D 169 -31.10 26.10 -32.84
CA LEU D 169 -31.05 24.68 -32.50
C LEU D 169 -32.39 23.99 -32.69
N ASN D 170 -32.31 22.71 -33.05
CA ASN D 170 -33.46 21.85 -33.37
C ASN D 170 -34.17 21.31 -32.12
N LYS D 171 -35.43 20.92 -32.29
CA LYS D 171 -36.22 20.29 -31.24
C LYS D 171 -35.48 19.07 -30.69
N ASP D 172 -35.43 19.00 -29.35
CA ASP D 172 -34.78 17.92 -28.57
C ASP D 172 -33.26 18.02 -28.39
N ASP D 173 -32.62 19.05 -28.96
CA ASP D 173 -31.20 19.32 -28.72
C ASP D 173 -30.96 19.70 -27.26
N VAL D 174 -29.79 19.30 -26.74
CA VAL D 174 -29.54 19.31 -25.29
C VAL D 174 -28.63 20.45 -24.90
N LEU D 175 -29.05 21.23 -23.90
CA LEU D 175 -28.18 22.25 -23.36
C LEU D 175 -27.71 21.83 -22.01
N LEU D 176 -26.40 21.88 -21.83
CA LEU D 176 -25.75 21.68 -20.54
C LEU D 176 -25.54 22.99 -19.77
N LEU D 177 -26.33 23.15 -18.72
CA LEU D 177 -26.47 24.43 -18.05
C LEU D 177 -26.05 24.30 -16.62
N HIS D 178 -25.15 25.17 -16.17
CA HIS D 178 -24.74 25.28 -14.76
C HIS D 178 -25.72 26.22 -14.04
N PRO D 179 -26.59 25.69 -13.15
CA PRO D 179 -27.60 26.49 -12.42
C PRO D 179 -27.05 27.66 -11.62
N CYS D 180 -25.80 27.54 -11.17
CA CYS D 180 -25.07 28.59 -10.46
C CYS D 180 -23.61 28.16 -10.36
N CYS D 181 -22.76 29.03 -9.78
CA CYS D 181 -21.37 28.74 -9.49
C CYS D 181 -20.67 28.13 -10.69
N HIS D 182 -20.80 28.80 -11.84
CA HIS D 182 -20.28 28.32 -13.12
C HIS D 182 -18.83 27.88 -13.04
N ASN D 183 -18.56 26.71 -13.61
CA ASN D 183 -17.21 26.13 -13.68
C ASN D 183 -16.80 26.10 -15.17
N PRO D 184 -15.71 26.82 -15.53
CA PRO D 184 -14.72 27.32 -14.57
C PRO D 184 -14.74 28.80 -14.24
N THR D 185 -15.73 29.56 -14.72
CA THR D 185 -15.65 31.05 -14.67
C THR D 185 -16.07 31.72 -13.35
N GLY D 186 -17.06 31.15 -12.67
CA GLY D 186 -17.69 31.81 -11.53
C GLY D 186 -18.77 32.79 -11.93
N VAL D 187 -18.86 33.08 -13.23
CA VAL D 187 -19.82 34.01 -13.82
C VAL D 187 -21.20 33.34 -14.01
N ASP D 188 -22.18 33.85 -13.30
CA ASP D 188 -23.53 33.30 -13.34
C ASP D 188 -24.50 34.21 -14.08
N LEU D 189 -25.54 33.61 -14.67
CA LEU D 189 -26.71 34.33 -15.15
C LEU D 189 -27.53 34.90 -13.99
N THR D 190 -28.22 36.01 -14.24
CA THR D 190 -29.16 36.58 -13.27
C THR D 190 -30.49 35.81 -13.36
N ARG D 191 -31.35 35.98 -12.36
CA ARG D 191 -32.72 35.46 -12.41
C ARG D 191 -33.45 35.86 -13.72
N GLU D 192 -33.34 37.13 -14.10
CA GLU D 192 -33.86 37.66 -15.38
C GLU D 192 -33.31 36.93 -16.62
N GLN D 193 -32.00 36.71 -16.60
CA GLN D 193 -31.31 36.03 -17.70
C GLN D 193 -31.75 34.57 -17.78
N TRP D 194 -31.93 33.93 -16.63
CA TRP D 194 -32.50 32.59 -16.58
C TRP D 194 -33.90 32.50 -17.17
N ASP D 195 -34.74 33.49 -16.86
CA ASP D 195 -36.15 33.45 -17.23
C ASP D 195 -36.30 33.45 -18.74
N THR D 196 -35.50 34.26 -19.41
CA THR D 196 -35.52 34.31 -20.88
C THR D 196 -34.93 33.01 -21.48
N VAL D 197 -33.80 32.55 -20.93
CA VAL D 197 -33.16 31.28 -21.36
C VAL D 197 -34.19 30.14 -21.38
N LEU D 198 -34.83 29.90 -20.23
CA LEU D 198 -35.84 28.84 -20.10
C LEU D 198 -37.04 29.05 -21.02
N ASN D 199 -37.36 30.30 -21.31
CA ASN D 199 -38.38 30.65 -22.28
C ASN D 199 -37.99 30.31 -23.71
N VAL D 200 -36.72 30.57 -24.05
CA VAL D 200 -36.17 30.17 -25.35
C VAL D 200 -36.18 28.63 -25.49
N ILE D 201 -35.73 27.95 -24.43
CA ILE D 201 -35.69 26.47 -24.34
C ILE D 201 -37.05 25.80 -24.54
N GLN D 202 -38.06 26.33 -23.84
CA GLN D 202 -39.46 25.93 -23.95
C GLN D 202 -39.95 26.15 -25.38
N GLU D 203 -39.75 27.39 -25.85
CA GLU D 203 -40.09 27.84 -27.19
C GLU D 203 -39.53 26.90 -28.26
N ARG D 204 -38.25 26.57 -28.14
CA ARG D 204 -37.57 25.71 -29.12
C ARG D 204 -37.72 24.21 -28.83
N GLU D 205 -38.40 23.89 -27.73
CA GLU D 205 -38.56 22.52 -27.21
C GLU D 205 -37.22 21.76 -27.15
N LEU D 206 -36.19 22.47 -26.69
CA LEU D 206 -34.89 21.90 -26.39
C LEU D 206 -34.97 21.27 -25.02
N ILE D 207 -34.05 20.35 -24.75
CA ILE D 207 -33.97 19.72 -23.45
C ILE D 207 -32.95 20.44 -22.56
N PRO D 208 -33.44 21.02 -21.43
CA PRO D 208 -32.51 21.58 -20.48
C PRO D 208 -31.88 20.46 -19.68
N PHE D 209 -30.55 20.42 -19.67
CA PHE D 209 -29.80 19.52 -18.79
C PHE D 209 -28.96 20.36 -17.85
N MET D 210 -29.36 20.39 -16.59
CA MET D 210 -28.65 21.20 -15.64
C MET D 210 -27.74 20.37 -14.77
N ASP D 211 -26.48 20.80 -14.68
CA ASP D 211 -25.50 20.11 -13.89
C ASP D 211 -25.13 20.93 -12.66
N ILE D 212 -25.67 20.52 -11.50
CA ILE D 212 -25.39 21.24 -10.24
C ILE D 212 -24.41 20.47 -9.34
N ALA D 213 -23.29 21.11 -9.05
CA ALA D 213 -22.21 20.48 -8.30
C ALA D 213 -21.74 21.32 -7.10
N TYR D 214 -22.31 22.50 -6.94
CA TYR D 214 -21.85 23.45 -5.95
C TYR D 214 -23.02 24.13 -5.23
N GLN D 215 -24.15 23.43 -5.12
CA GLN D 215 -25.32 23.98 -4.44
C GLN D 215 -24.94 24.34 -3.00
N GLY D 216 -25.15 25.61 -2.66
CA GLY D 216 -24.79 26.11 -1.35
C GLY D 216 -23.56 26.98 -1.32
N PHE D 217 -22.77 26.96 -2.40
CA PHE D 217 -21.57 27.79 -2.54
C PHE D 217 -21.80 29.19 -3.16
N GLY D 218 -22.94 29.36 -3.80
CA GLY D 218 -23.33 30.62 -4.42
C GLY D 218 -24.02 31.58 -3.45
N GLU D 219 -25.32 31.38 -3.26
CA GLU D 219 -26.07 32.21 -2.32
C GLU D 219 -26.59 31.40 -1.15
N ASP D 220 -27.54 30.52 -1.41
CA ASP D 220 -28.01 29.53 -0.46
C ASP D 220 -28.64 28.41 -1.27
N MET D 221 -29.06 27.35 -0.58
CA MET D 221 -29.56 26.13 -1.22
C MET D 221 -30.68 26.41 -2.22
N ASP D 222 -31.65 27.20 -1.77
CA ASP D 222 -32.82 27.56 -2.57
C ASP D 222 -32.53 28.44 -3.79
N SER D 223 -31.73 29.50 -3.60
CA SER D 223 -31.34 30.39 -4.71
C SER D 223 -30.56 29.61 -5.75
N ASP D 224 -29.57 28.84 -5.29
CA ASP D 224 -28.73 28.09 -6.16
C ASP D 224 -29.55 27.20 -7.09
N ALA D 225 -30.68 26.70 -6.57
CA ALA D 225 -31.59 25.85 -7.33
C ALA D 225 -32.70 26.61 -8.09
N TYR D 226 -32.62 27.94 -8.11
CA TYR D 226 -33.61 28.76 -8.80
C TYR D 226 -33.86 28.26 -10.22
N ALA D 227 -32.79 28.16 -11.03
CA ALA D 227 -32.90 27.79 -12.43
C ALA D 227 -33.57 26.43 -12.61
N ILE D 228 -33.29 25.52 -11.68
CA ILE D 228 -33.93 24.19 -11.63
C ILE D 228 -35.43 24.30 -11.32
N ARG D 229 -35.76 25.05 -10.26
CA ARG D 229 -37.13 25.12 -9.77
C ARG D 229 -38.10 25.86 -10.69
N LYS D 230 -37.59 26.84 -11.43
CA LYS D 230 -38.35 27.61 -12.42
C LYS D 230 -38.66 26.74 -13.64
N ALA D 231 -37.64 26.02 -14.12
CA ALA D 231 -37.78 25.03 -15.20
C ALA D 231 -38.89 24.00 -14.93
N VAL D 232 -38.98 23.57 -13.69
CA VAL D 232 -40.09 22.73 -13.23
C VAL D 232 -41.42 23.49 -13.27
N ASP D 233 -41.45 24.74 -12.77
CA ASP D 233 -42.66 25.58 -12.75
C ASP D 233 -43.23 25.80 -14.15
N MET D 234 -42.32 26.02 -15.10
CA MET D 234 -42.64 26.17 -16.52
C MET D 234 -43.07 24.87 -17.19
N GLY D 235 -42.95 23.74 -16.48
CA GLY D 235 -43.32 22.44 -16.99
C GLY D 235 -42.40 21.97 -18.11
N LEU D 236 -41.09 22.12 -17.89
CA LEU D 236 -40.07 21.75 -18.89
C LEU D 236 -39.57 20.31 -18.71
N PRO D 237 -39.15 19.66 -19.84
CA PRO D 237 -38.48 18.35 -19.77
C PRO D 237 -37.03 18.44 -19.21
N LEU D 238 -36.93 18.61 -17.89
CA LEU D 238 -35.66 18.86 -17.21
C LEU D 238 -34.94 17.56 -16.87
N PHE D 239 -33.64 17.53 -17.12
CA PHE D 239 -32.70 16.54 -16.58
C PHE D 239 -31.81 17.28 -15.58
N VAL D 240 -31.73 16.78 -14.36
CA VAL D 240 -30.79 17.33 -13.37
C VAL D 240 -29.76 16.27 -12.95
N SER D 241 -28.48 16.61 -13.08
CA SER D 241 -27.40 15.86 -12.42
C SER D 241 -26.87 16.70 -11.25
N ASN D 242 -26.89 16.09 -10.05
CA ASN D 242 -26.38 16.74 -8.85
C ASN D 242 -25.25 15.93 -8.24
N SER D 243 -24.28 16.64 -7.63
CA SER D 243 -23.09 16.03 -7.00
C SER D 243 -22.91 16.47 -5.55
N PHE D 244 -22.56 15.54 -4.67
CA PHE D 244 -22.22 15.88 -3.30
C PHE D 244 -20.70 15.89 -3.07
N SER D 245 -19.94 15.66 -4.15
CA SER D 245 -18.49 15.64 -4.07
C SER D 245 -17.97 16.82 -3.27
N LYS D 246 -18.50 18.02 -3.57
CA LYS D 246 -17.99 19.27 -2.99
C LYS D 246 -18.71 19.71 -1.71
N ASN D 247 -20.02 19.89 -1.76
CA ASN D 247 -20.79 20.34 -0.56
C ASN D 247 -20.80 19.36 0.59
N LEU D 248 -20.51 18.10 0.29
CA LEU D 248 -20.39 17.08 1.31
C LEU D 248 -18.90 16.67 1.53
N SER D 249 -18.01 17.27 0.74
CA SER D 249 -16.55 17.04 0.77
C SER D 249 -16.26 15.55 0.73
N LEU D 250 -16.87 14.89 -0.26
CA LEU D 250 -16.89 13.45 -0.36
C LEU D 250 -16.58 12.97 -1.77
N TYR D 251 -15.63 13.65 -2.41
CA TYR D 251 -15.20 13.44 -3.79
C TYR D 251 -15.02 11.98 -4.05
N GLY D 252 -14.29 11.31 -3.16
CA GLY D 252 -13.90 9.93 -3.31
C GLY D 252 -14.99 8.89 -3.19
N GLU D 253 -16.12 9.20 -2.54
CA GLU D 253 -17.15 8.19 -2.31
C GLU D 253 -18.13 8.14 -3.46
N ARG D 254 -18.00 9.13 -4.35
CA ARG D 254 -18.73 9.17 -5.61
C ARG D 254 -20.24 9.19 -5.37
N VAL D 255 -20.70 10.35 -4.93
CA VAL D 255 -22.09 10.54 -4.61
C VAL D 255 -22.72 11.69 -5.39
N GLY D 256 -23.71 11.32 -6.19
CA GLY D 256 -24.50 12.23 -6.98
C GLY D 256 -25.85 11.60 -7.20
N GLY D 257 -26.71 12.35 -7.90
CA GLY D 257 -28.03 11.88 -8.27
C GLY D 257 -28.31 12.33 -9.68
N LEU D 258 -29.26 11.65 -10.34
CA LEU D 258 -29.82 12.09 -11.61
C LEU D 258 -31.30 12.09 -11.49
N SER D 259 -31.91 13.24 -11.79
CA SER D 259 -33.36 13.43 -11.73
C SER D 259 -33.89 13.83 -13.11
N VAL D 260 -35.03 13.27 -13.50
CA VAL D 260 -35.67 13.62 -14.76
C VAL D 260 -37.10 13.96 -14.41
N VAL D 261 -37.54 15.13 -14.88
CA VAL D 261 -38.88 15.66 -14.59
C VAL D 261 -39.77 15.43 -15.81
N CYS D 262 -40.92 14.84 -15.56
CA CYS D 262 -41.79 14.31 -16.59
C CYS D 262 -43.17 14.97 -16.56
N PRO D 263 -43.88 15.00 -17.72
CA PRO D 263 -45.24 15.54 -17.69
C PRO D 263 -46.25 14.66 -16.95
N THR D 264 -46.03 13.34 -16.89
CA THR D 264 -47.04 12.44 -16.25
C THR D 264 -46.42 11.42 -15.31
N VAL D 265 -47.21 11.00 -14.33
CA VAL D 265 -46.85 9.94 -13.37
C VAL D 265 -46.43 8.65 -14.11
N ASP D 266 -47.15 8.34 -15.19
CA ASP D 266 -46.88 7.19 -16.01
C ASP D 266 -45.59 7.29 -16.84
N GLU D 267 -45.35 8.48 -17.42
CA GLU D 267 -44.07 8.77 -18.11
C GLU D 267 -42.88 8.69 -17.16
N THR D 268 -43.09 9.03 -15.89
CA THR D 268 -42.07 8.92 -14.83
C THR D 268 -41.63 7.47 -14.62
N GLU D 269 -42.59 6.56 -14.55
CA GLU D 269 -42.32 5.13 -14.42
C GLU D 269 -41.50 4.60 -15.61
N ARG D 270 -41.92 4.95 -16.83
CA ARG D 270 -41.19 4.61 -18.07
C ARG D 270 -39.73 5.06 -18.01
N VAL D 271 -39.54 6.35 -17.71
CA VAL D 271 -38.20 6.94 -17.59
C VAL D 271 -37.43 6.29 -16.42
N PHE D 272 -38.07 6.22 -15.24
CA PHE D 272 -37.44 5.60 -14.08
C PHE D 272 -36.95 4.19 -14.40
N GLY D 273 -37.80 3.41 -15.07
CA GLY D 273 -37.45 2.11 -15.62
C GLY D 273 -36.22 2.11 -16.53
N GLN D 274 -36.19 2.95 -17.56
CA GLN D 274 -35.01 2.99 -18.43
C GLN D 274 -33.75 3.45 -17.72
N LEU D 275 -33.90 4.40 -16.78
CA LEU D 275 -32.76 4.88 -15.97
C LEU D 275 -32.12 3.68 -15.27
N ASN D 276 -32.98 2.81 -14.71
CA ASN D 276 -32.59 1.57 -14.07
C ASN D 276 -31.94 0.59 -15.03
N SER D 277 -32.57 0.42 -16.20
CA SER D 277 -31.99 -0.38 -17.29
C SER D 277 -30.60 0.10 -17.77
N THR D 278 -30.41 1.42 -17.80
CA THR D 278 -29.11 2.01 -18.14
C THR D 278 -28.06 1.67 -17.06
N VAL D 279 -28.41 1.90 -15.77
CA VAL D 279 -27.58 1.49 -14.62
C VAL D 279 -27.15 0.01 -14.72
N ARG D 280 -28.11 -0.85 -15.05
CA ARG D 280 -27.90 -2.28 -15.21
C ARG D 280 -26.78 -2.55 -16.25
N ARG D 281 -26.85 -1.90 -17.41
CA ARG D 281 -25.85 -2.10 -18.47
C ARG D 281 -24.50 -1.43 -18.18
N ILE D 282 -24.45 -0.49 -17.23
CA ILE D 282 -23.17 0.17 -16.91
C ILE D 282 -22.46 -0.45 -15.69
N TYR D 283 -23.11 -0.43 -14.53
CA TYR D 283 -22.47 -0.80 -13.26
C TYR D 283 -23.35 -1.55 -12.25
N SER D 284 -24.50 -2.02 -12.71
CA SER D 284 -25.48 -2.78 -11.90
C SER D 284 -26.17 -2.01 -10.77
N SER D 285 -25.40 -1.53 -9.78
CA SER D 285 -25.96 -0.74 -8.67
C SER D 285 -24.89 0.21 -8.09
N PRO D 286 -25.30 1.31 -7.41
CA PRO D 286 -24.32 2.26 -6.87
C PRO D 286 -23.69 1.84 -5.51
N PRO D 287 -22.59 2.51 -5.09
CA PRO D 287 -21.89 2.13 -3.84
C PRO D 287 -22.64 2.40 -2.50
N SER D 288 -22.73 1.36 -1.68
CA SER D 288 -23.35 1.44 -0.36
C SER D 288 -22.88 2.59 0.58
N HIS D 289 -21.57 2.75 0.79
CA HIS D 289 -21.10 3.66 1.83
C HIS D 289 -21.55 5.11 1.59
N GLY D 290 -21.28 5.60 0.38
CA GLY D 290 -21.57 6.96 0.02
C GLY D 290 -23.06 7.19 -0.02
N GLY D 291 -23.81 6.23 -0.56
CA GLY D 291 -25.26 6.22 -0.47
C GLY D 291 -25.75 6.47 0.94
N ARG D 292 -25.24 5.70 1.90
CA ARG D 292 -25.65 5.79 3.30
C ARG D 292 -25.35 7.14 3.91
N VAL D 293 -24.16 7.67 3.62
CA VAL D 293 -23.78 9.00 4.11
C VAL D 293 -24.80 10.07 3.66
N VAL D 294 -25.12 10.05 2.36
CA VAL D 294 -26.13 10.92 1.74
C VAL D 294 -27.49 10.73 2.41
N ASP D 295 -27.92 9.48 2.52
CA ASP D 295 -29.18 9.13 3.13
C ASP D 295 -29.27 9.64 4.57
N ILE D 296 -28.25 9.36 5.39
CA ILE D 296 -28.17 9.88 6.77
C ILE D 296 -28.17 11.41 6.88
N VAL D 297 -27.30 12.08 6.12
CA VAL D 297 -27.11 13.53 6.29
C VAL D 297 -28.29 14.35 5.73
N MET D 298 -28.90 13.86 4.65
CA MET D 298 -30.03 14.54 4.05
C MET D 298 -31.30 14.35 4.87
N ASN D 299 -31.53 13.13 5.34
CA ASN D 299 -32.81 12.76 5.94
C ASN D 299 -32.83 12.81 7.46
N ASP D 300 -31.70 13.21 8.05
CA ASP D 300 -31.62 13.46 9.47
C ASP D 300 -31.77 14.98 9.65
N ALA D 301 -32.86 15.40 10.30
CA ALA D 301 -33.17 16.82 10.41
C ALA D 301 -32.04 17.64 11.03
N ALA D 302 -31.53 17.20 12.18
CA ALA D 302 -30.42 17.89 12.86
C ALA D 302 -29.15 17.90 12.00
N LEU D 303 -28.74 16.73 11.52
CA LEU D 303 -27.60 16.63 10.59
C LEU D 303 -27.73 17.46 9.32
N HIS D 304 -28.91 17.46 8.68
CA HIS D 304 -29.22 18.37 7.56
C HIS D 304 -28.93 19.84 7.89
N GLU D 305 -29.48 20.34 9.00
CA GLU D 305 -29.23 21.71 9.50
C GLU D 305 -27.74 21.97 9.72
N GLN D 306 -27.07 20.99 10.34
CA GLN D 306 -25.65 21.14 10.58
C GLN D 306 -24.84 21.16 9.26
N TRP D 307 -25.24 20.31 8.32
CA TRP D 307 -24.67 20.27 7.01
C TRP D 307 -24.80 21.60 6.28
N VAL D 308 -26.03 22.09 6.20
CA VAL D 308 -26.33 23.41 5.62
C VAL D 308 -25.40 24.46 6.23
N GLY D 309 -25.33 24.52 7.57
CA GLY D 309 -24.42 25.42 8.27
C GLY D 309 -22.96 25.29 7.86
N GLU D 310 -22.48 24.06 7.78
CA GLU D 310 -21.11 23.79 7.40
C GLU D 310 -20.82 24.18 5.96
N VAL D 311 -21.79 23.98 5.06
CA VAL D 311 -21.68 24.42 3.67
C VAL D 311 -21.61 25.94 3.57
N TYR D 312 -22.43 26.63 4.36
CA TYR D 312 -22.45 28.08 4.35
C TYR D 312 -21.14 28.62 4.92
N ALA D 313 -20.52 27.89 5.84
CA ALA D 313 -19.20 28.26 6.35
C ALA D 313 -18.14 28.23 5.23
N MET D 314 -18.24 27.25 4.35
CA MET D 314 -17.35 27.16 3.21
C MET D 314 -17.68 28.27 2.21
N ARG D 315 -18.98 28.46 1.95
CA ARG D 315 -19.49 29.52 1.09
C ARG D 315 -18.89 30.85 1.52
N ASP D 316 -19.10 31.18 2.79
CA ASP D 316 -18.60 32.41 3.39
C ASP D 316 -17.08 32.55 3.41
N ARG D 317 -16.35 31.44 3.57
CA ARG D 317 -14.89 31.51 3.57
C ARG D 317 -14.36 31.92 2.17
N ILE D 318 -14.92 31.29 1.12
CA ILE D 318 -14.68 31.67 -0.27
C ILE D 318 -14.93 33.16 -0.53
N LYS D 319 -16.07 33.66 -0.04
CA LYS D 319 -16.44 35.08 -0.15
C LYS D 319 -15.55 35.99 0.69
N SER D 320 -15.05 35.46 1.81
CA SER D 320 -14.07 36.13 2.65
C SER D 320 -12.72 36.31 1.93
N MET D 321 -12.37 35.35 1.09
CA MET D 321 -11.13 35.40 0.34
C MET D 321 -11.25 36.28 -0.90
N ARG D 322 -12.42 36.23 -1.55
CA ARG D 322 -12.73 37.09 -2.70
C ARG D 322 -12.72 38.57 -2.30
N THR D 323 -13.24 38.85 -1.10
CA THR D 323 -13.29 40.21 -0.54
C THR D 323 -11.88 40.71 -0.22
N LYS D 324 -11.11 39.91 0.53
CA LYS D 324 -9.77 40.30 0.97
C LYS D 324 -8.85 40.59 -0.20
N LEU D 325 -8.96 39.74 -1.22
CA LEU D 325 -8.18 39.84 -2.45
C LEU D 325 -8.49 41.14 -3.21
N LYS D 326 -9.78 41.37 -3.43
CA LYS D 326 -10.27 42.57 -4.12
C LYS D 326 -9.81 43.86 -3.41
N SER D 327 -9.93 43.88 -2.07
CA SER D 327 -9.55 45.05 -1.27
C SER D 327 -8.05 45.34 -1.29
N VAL D 328 -7.23 44.29 -1.45
CA VAL D 328 -5.78 44.48 -1.63
C VAL D 328 -5.54 45.03 -3.04
N LEU D 329 -6.19 44.42 -4.03
CA LEU D 329 -6.07 44.83 -5.44
C LEU D 329 -6.51 46.26 -5.71
N GLU D 330 -7.67 46.63 -5.19
CA GLU D 330 -8.22 47.98 -5.36
C GLU D 330 -7.47 49.08 -4.60
N ALA D 331 -6.81 48.69 -3.50
CA ALA D 331 -5.92 49.59 -2.76
C ALA D 331 -4.74 50.05 -3.61
N LYS D 332 -4.40 49.27 -4.64
CA LYS D 332 -3.23 49.51 -5.51
C LYS D 332 -3.58 49.88 -6.96
N ILE D 333 -4.69 49.31 -7.47
CA ILE D 333 -5.16 49.54 -8.85
C ILE D 333 -6.57 50.16 -8.86
N SER D 334 -6.69 51.24 -9.63
CA SER D 334 -7.86 52.12 -9.58
C SER D 334 -8.76 52.03 -10.82
N GLY D 335 -8.15 51.96 -12.00
CA GLY D 335 -8.87 51.98 -13.28
C GLY D 335 -9.66 50.74 -13.65
N ARG D 336 -9.31 49.57 -13.11
CA ARG D 336 -10.11 48.37 -13.33
C ARG D 336 -11.22 48.29 -12.29
N ASN D 337 -12.35 47.72 -12.69
CA ASN D 337 -13.45 47.43 -11.78
C ASN D 337 -13.47 45.95 -11.39
N PHE D 338 -13.02 45.69 -10.17
CA PHE D 338 -12.79 44.34 -9.65
C PHE D 338 -14.05 43.74 -9.03
N ASP D 339 -15.20 44.42 -9.20
CA ASP D 339 -16.48 43.95 -8.65
C ASP D 339 -16.82 42.55 -9.14
N TYR D 340 -16.36 42.22 -10.34
CA TYR D 340 -16.52 40.90 -10.94
C TYR D 340 -15.98 39.74 -10.07
N LEU D 341 -14.89 40.00 -9.34
CA LEU D 341 -14.35 39.04 -8.36
C LEU D 341 -15.41 38.68 -7.32
N THR D 342 -16.07 39.68 -6.72
CA THR D 342 -17.18 39.42 -5.79
C THR D 342 -18.52 39.12 -6.48
N ALA D 343 -18.66 39.52 -7.75
CA ALA D 343 -19.88 39.24 -8.53
C ALA D 343 -19.97 37.77 -8.91
N GLN D 344 -18.81 37.13 -9.02
CA GLN D 344 -18.70 35.71 -9.32
C GLN D 344 -19.09 34.86 -8.12
N ASN D 345 -19.40 33.59 -8.40
CA ASN D 345 -19.87 32.65 -7.39
C ASN D 345 -19.16 31.31 -7.41
N GLY D 346 -19.25 30.62 -6.28
CA GLY D 346 -18.59 29.33 -6.10
C GLY D 346 -17.09 29.47 -5.94
N MET D 347 -16.37 28.37 -6.10
CA MET D 347 -14.93 28.42 -5.83
C MET D 347 -14.07 28.76 -7.04
N PHE D 348 -14.71 28.98 -8.18
CA PHE D 348 -13.96 29.30 -9.39
C PHE D 348 -14.03 30.77 -9.77
N SER D 349 -12.92 31.27 -10.28
CA SER D 349 -12.81 32.64 -10.70
C SER D 349 -11.93 32.74 -11.91
N PHE D 350 -12.54 33.12 -13.04
CA PHE D 350 -11.80 33.67 -14.15
C PHE D 350 -11.31 35.04 -13.68
N THR D 351 -10.00 35.15 -13.52
CA THR D 351 -9.38 36.35 -12.95
C THR D 351 -9.15 37.44 -14.00
N GLY D 352 -9.40 37.08 -15.27
CA GLY D 352 -9.24 38.00 -16.40
C GLY D 352 -7.80 38.37 -16.69
N LEU D 353 -6.87 37.55 -16.22
CA LEU D 353 -5.45 37.72 -16.54
C LEU D 353 -5.14 37.10 -17.90
N THR D 354 -4.34 37.80 -18.68
CA THR D 354 -3.85 37.28 -19.96
C THR D 354 -3.09 35.96 -19.73
N PRO D 355 -3.13 35.05 -20.72
CA PRO D 355 -2.30 33.83 -20.62
C PRO D 355 -0.82 34.10 -20.27
N GLU D 356 -0.30 35.24 -20.74
CA GLU D 356 1.07 35.70 -20.44
C GLU D 356 1.26 36.08 -18.96
N GLN D 357 0.28 36.78 -18.40
CA GLN D 357 0.25 37.13 -16.97
C GLN D 357 0.16 35.93 -16.02
N VAL D 358 -0.59 34.90 -16.43
CA VAL D 358 -0.67 33.62 -15.72
C VAL D 358 0.73 32.97 -15.64
N GLU D 359 1.42 32.95 -16.79
CA GLU D 359 2.79 32.43 -16.92
C GLU D 359 3.77 33.15 -15.99
N ARG D 360 3.66 34.47 -15.95
CA ARG D 360 4.48 35.33 -15.10
C ARG D 360 4.33 34.99 -13.63
N LEU D 361 3.08 34.74 -13.20
CA LEU D 361 2.78 34.32 -11.83
C LEU D 361 3.38 32.97 -11.48
N GLN D 362 3.42 32.07 -12.47
CA GLN D 362 3.99 30.73 -12.29
C GLN D 362 5.50 30.81 -12.06
N SER D 363 6.21 31.37 -13.05
CA SER D 363 7.67 31.42 -13.05
C SER D 363 8.29 32.38 -12.03
N GLU D 364 7.53 33.39 -11.58
CA GLU D 364 8.04 34.32 -10.57
C GLU D 364 7.67 33.97 -9.12
N PHE D 365 6.47 33.42 -8.93
CA PHE D 365 5.90 33.27 -7.59
C PHE D 365 5.53 31.84 -7.24
N GLY D 366 5.40 31.00 -8.26
CA GLY D 366 4.98 29.64 -8.05
C GLY D 366 3.52 29.61 -7.71
N ILE D 367 2.80 30.65 -8.15
CA ILE D 367 1.36 30.68 -8.05
C ILE D 367 0.80 30.13 -9.36
N TYR D 368 0.05 29.03 -9.24
CA TYR D 368 -0.42 28.27 -10.40
C TYR D 368 -1.90 28.40 -10.70
N MET D 369 -2.20 29.11 -11.78
CA MET D 369 -3.55 29.22 -12.34
C MET D 369 -3.61 28.53 -13.69
N ILE D 370 -4.82 28.20 -14.14
CA ILE D 370 -5.03 27.66 -15.50
C ILE D 370 -4.91 28.81 -16.50
N SER D 371 -4.20 28.58 -17.62
CA SER D 371 -3.83 29.68 -18.54
C SER D 371 -5.02 30.51 -19.09
N ASN D 372 -6.24 30.04 -18.84
CA ASN D 372 -7.50 30.74 -19.17
C ASN D 372 -7.94 31.76 -18.10
N SER D 373 -7.03 32.03 -17.17
CA SER D 373 -7.22 32.91 -16.00
C SER D 373 -7.97 32.26 -14.82
N ARG D 374 -8.21 30.95 -14.89
CA ARG D 374 -8.97 30.29 -13.85
C ARG D 374 -8.16 30.06 -12.57
N MET D 375 -8.80 30.37 -11.45
CA MET D 375 -8.23 30.23 -10.13
C MET D 375 -9.26 29.57 -9.22
N CYS D 376 -8.83 28.62 -8.39
CA CYS D 376 -9.67 28.12 -7.33
C CYS D 376 -9.47 28.94 -6.07
N VAL D 377 -10.45 29.79 -5.79
CA VAL D 377 -10.48 30.70 -4.63
C VAL D 377 -10.22 29.96 -3.31
N ALA D 378 -10.69 28.71 -3.25
CA ALA D 378 -10.64 27.88 -2.04
C ALA D 378 -9.21 27.46 -1.68
N GLY D 379 -8.30 27.64 -2.64
CA GLY D 379 -6.88 27.53 -2.40
C GLY D 379 -6.28 28.70 -1.62
N LEU D 380 -7.00 29.82 -1.56
CA LEU D 380 -6.58 30.94 -0.73
C LEU D 380 -7.08 30.75 0.67
N ASN D 381 -6.20 30.99 1.62
CA ASN D 381 -6.49 30.97 3.05
C ASN D 381 -5.62 32.08 3.64
N SER D 382 -5.72 32.32 4.95
CA SER D 382 -5.03 33.47 5.57
C SER D 382 -3.50 33.48 5.47
N SER D 383 -2.90 32.31 5.28
CA SER D 383 -1.43 32.22 5.17
C SER D 383 -0.84 32.41 3.76
N ASN D 384 -1.68 32.59 2.75
CA ASN D 384 -1.18 32.88 1.40
C ASN D 384 -1.84 34.06 0.71
N ILE D 385 -2.98 34.48 1.22
CA ILE D 385 -3.77 35.57 0.64
C ILE D 385 -2.96 36.84 0.32
N ASP D 386 -2.17 37.30 1.28
CA ASP D 386 -1.30 38.47 1.13
C ASP D 386 -0.18 38.23 0.09
N TYR D 387 0.46 37.06 0.18
CA TYR D 387 1.45 36.58 -0.80
C TYR D 387 0.88 36.61 -2.23
N VAL D 388 -0.33 36.09 -2.37
CA VAL D 388 -1.02 35.92 -3.66
C VAL D 388 -1.59 37.23 -4.20
N ALA D 389 -2.25 38.01 -3.35
CA ALA D 389 -2.78 39.32 -3.73
C ALA D 389 -1.69 40.28 -4.18
N ASN D 390 -0.58 40.32 -3.45
CA ASN D 390 0.55 41.19 -3.79
C ASN D 390 1.24 40.75 -5.08
N ALA D 391 1.43 39.44 -5.24
CA ALA D 391 1.98 38.87 -6.48
C ALA D 391 1.16 39.26 -7.70
N MET D 392 -0.17 39.28 -7.54
CA MET D 392 -1.10 39.71 -8.59
C MET D 392 -0.97 41.21 -8.94
N VAL D 393 -0.75 42.05 -7.93
CA VAL D 393 -0.58 43.48 -8.20
C VAL D 393 0.66 43.73 -9.09
N ASP D 394 1.72 42.96 -8.85
CA ASP D 394 3.00 43.07 -9.57
C ASP D 394 2.88 42.74 -11.06
N VAL D 395 2.17 41.65 -11.38
CA VAL D 395 2.00 41.19 -12.76
C VAL D 395 1.06 42.11 -13.53
N LEU D 396 0.08 42.67 -12.82
CA LEU D 396 -0.79 43.69 -13.36
C LEU D 396 -0.10 45.06 -13.51
N LYS D 397 0.87 45.36 -12.62
CA LYS D 397 1.69 46.59 -12.71
C LYS D 397 2.82 46.52 -13.76
N ASP D 398 3.31 45.32 -14.02
CA ASP D 398 4.24 45.07 -15.11
C ASP D 398 3.48 45.13 -16.44
MG MG E . -1.49 -0.29 3.52
MG MG F . 33.37 -2.84 3.74
N NO3 G . -3.82 -0.32 7.13
O1 NO3 G . -4.42 -1.31 7.49
O2 NO3 G . -3.89 0.83 7.89
O3 NO3 G . -3.06 -0.36 5.95
N1 PLP H . 22.10 11.87 10.39
C2 PLP H . 21.91 12.98 11.16
C2A PLP H . 22.34 14.33 10.63
C3 PLP H . 21.33 12.88 12.43
O3 PLP H . 21.14 14.01 13.20
C4 PLP H . 20.94 11.66 12.92
C4A PLP H . 20.30 11.55 14.31
C5 PLP H . 21.13 10.52 12.14
C6 PLP H . 21.71 10.65 10.88
C5A PLP H . 20.71 9.15 12.65
O4P PLP H . 19.40 8.80 12.16
P PLP H . 18.83 7.34 12.62
O1P PLP H . 19.69 6.23 12.04
O2P PLP H . 17.38 7.19 12.15
O3P PLP H . 18.90 7.30 14.14
N1 3IL I . 22.28 7.19 18.50
C2 3IL I . 21.95 8.52 18.38
C3 3IL I . 23.02 9.24 17.86
C4 3IL I . 25.32 8.46 17.14
C5 3IL I . 26.17 7.36 17.03
C6 3IL I . 25.72 6.10 17.43
C7 3IL I . 24.44 5.95 17.94
C8 3IL I . 23.58 7.05 18.05
C9 3IL I . 24.02 8.33 17.64
C10 3IL I . 21.97 12.94 17.91
O11 3IL I . 21.66 13.68 18.86
O12 3IL I . 22.44 13.41 16.86
C13 3IL I . 21.75 11.46 18.02
O14 3IL I . 20.68 11.12 17.19
C15 3IL I . 22.99 10.72 17.58
N NO3 J . 19.79 -38.08 13.60
O1 NO3 J . 20.03 -38.04 14.80
O2 NO3 J . 20.41 -39.05 12.80
O3 NO3 J . 18.89 -37.18 13.01
N1 PLP K . 22.64 -19.06 8.52
C2 PLP K . 21.82 -20.11 8.19
C2A PLP K . 22.40 -21.49 8.04
C3 PLP K . 20.45 -19.89 7.99
O3 PLP K . 19.64 -20.96 7.65
C4 PLP K . 19.90 -18.64 8.12
C4A PLP K . 18.41 -18.45 7.89
C5 PLP K . 20.74 -17.56 8.47
C6 PLP K . 22.10 -17.81 8.64
C5A PLP K . 20.24 -16.14 8.61
O4P PLP K . 19.12 -16.04 9.52
P PLP K . 18.39 -14.58 9.58
O1P PLP K . 19.45 -13.55 9.23
O2P PLP K . 17.87 -14.33 10.99
O3P PLP K . 17.26 -14.52 8.56
MG MG L . -22.16 3.50 -26.86
N1 PLP M . -20.34 -11.98 -13.52
C2 PLP M . -20.87 -13.05 -12.88
C2A PLP M . -20.70 -14.43 -13.46
C3 PLP M . -21.58 -12.89 -11.68
O3 PLP M . -22.13 -13.99 -11.05
C4 PLP M . -21.74 -11.64 -11.14
C4A PLP M . -22.52 -11.48 -9.83
C5 PLP M . -21.19 -10.53 -11.78
C6 PLP M . -20.50 -10.73 -12.97
C5A PLP M . -21.35 -9.13 -11.21
O4P PLP M . -20.56 -8.99 -10.02
P PLP M . -20.48 -7.50 -9.32
O1P PLP M . -20.55 -6.46 -10.42
O2P PLP M . -19.16 -7.38 -8.56
O3P PLP M . -21.66 -7.32 -8.37
N1 3IL N . -26.49 -7.83 -9.25
C2 3IL N . -26.24 -9.18 -9.18
C3 3IL N . -26.77 -9.82 -10.28
C4 3IL N . -28.05 -8.89 -12.27
C5 3IL N . -28.56 -7.73 -12.85
C6 3IL N . -28.38 -6.51 -12.21
C7 3IL N . -27.70 -6.43 -11.01
C8 3IL N . -27.18 -7.60 -10.42
C9 3IL N . -27.37 -8.86 -11.05
C10 3IL N . -26.83 -13.58 -9.48
O11 3IL N . -27.67 -14.20 -8.76
O12 3IL N . -26.24 -14.18 -10.40
C13 3IL N . -26.55 -12.12 -9.22
O14 3IL N . -25.24 -11.98 -8.71
C15 3IL N . -26.67 -11.32 -10.50
N1 PLP O . -20.07 18.96 -12.99
C2 PLP O . -19.47 20.03 -12.41
C2A PLP O . -19.87 21.43 -12.85
C3 PLP O . -18.50 19.87 -11.42
O3 PLP O . -17.91 20.98 -10.85
C4 PLP O . -18.13 18.62 -11.02
C4A PLP O . -17.06 18.44 -9.94
C5 PLP O . -18.73 17.50 -11.59
C6 PLP O . -19.69 17.70 -12.57
C5A PLP O . -18.34 16.09 -11.18
O4P PLP O . -18.88 15.76 -9.89
P PLP O . -18.53 14.27 -9.31
O1P PLP O . -18.27 13.38 -10.51
O2P PLP O . -19.71 13.74 -8.50
O3P PLP O . -17.28 14.34 -8.44
#